data_8V3G
#
_entry.id   8V3G
#
_cell.length_a   1.00
_cell.length_b   1.00
_cell.length_c   1.00
_cell.angle_alpha   90.00
_cell.angle_beta   90.00
_cell.angle_gamma   90.00
#
_symmetry.space_group_name_H-M   'P 1'
#
loop_
_entity.id
_entity.type
_entity.pdbx_description
1 polymer 'Small conductance calcium-activated potassium channel protein 2'
2 polymer Calmodulin-1
3 non-polymer 'POTASSIUM ION'
4 non-polymer UCL1684
5 non-polymer 'CALCIUM ION'
6 water water
#
loop_
_entity_poly.entity_id
_entity_poly.type
_entity_poly.pdbx_seq_one_letter_code
_entity_poly.pdbx_strand_id
1 'polypeptide(L)'
;IGYKLGHRRALFEKRKRLSDYALIFGMFGIVVMVIETELSWGAYDKASLYSLALKCLISLSTIILLGLIIVYHAREIQLF
MVDNGADDWRIAMTYERIFFICLEILVCAIHPIPGNYTFTWTARLAFSYAPSTTTADVDIILSIPMFLRLYLIARVMLLH
SKLFTDASSRSIGALNKINFNTRFVMKTLMTICPGTVLLVFSISLWIIAAWTVRACERYHDQQDVTSNFLGAMWLISITF
LSIGYGDMVPNTYCGKGVCLLTGIMGAGCTALVVAVVARKLELTKAEKHVHNFMMDTQLTKRVKNAAANVLRETWLIYKN
TKLVKKIDHAKVRKHQRKFLQAIHQLRSVKMEQRKLNDQAN
;
A,B,C,D
2 'polypeptide(L)'
;DQLTEEQIAEFKEAFSLFDKDGDGTITTKELGTVMRSLGQNPTEAELQDMINEVDADGNGTIDFPEFLTMMARKMKDTDS
EEEIREAFRVFDKDGNGYISAAELRHVMTNLGEKLTDEEVDEMIREADIDGDGQVNYEEFVQMMTA
;
E,F,G,H
#
loop_
_chem_comp.id
_chem_comp.type
_chem_comp.name
_chem_comp.formula
CA non-polymer 'CALCIUM ION' 'Ca 2'
K non-polymer 'POTASSIUM ION' 'K 1'
Y7Z non-polymer UCL1684 'C34 H30 N4'
#
# COMPACT_ATOMS: atom_id res chain seq x y z
N ILE A 1 -10.33 42.11 -26.89
CA ILE A 1 -11.20 42.45 -28.00
C ILE A 1 -11.04 41.42 -29.13
N GLY A 2 -11.68 41.70 -30.26
CA GLY A 2 -11.63 40.78 -31.38
C GLY A 2 -10.26 40.61 -31.99
N TYR A 3 -9.55 41.72 -32.21
CA TYR A 3 -8.23 41.64 -32.83
C TYR A 3 -7.22 40.97 -31.92
N LYS A 4 -7.28 41.28 -30.61
CA LYS A 4 -6.30 40.73 -29.68
C LYS A 4 -6.41 39.21 -29.59
N LEU A 5 -7.64 38.69 -29.56
CA LEU A 5 -7.82 37.25 -29.54
C LEU A 5 -7.43 36.64 -30.88
N GLY A 6 -7.72 37.34 -31.98
CA GLY A 6 -7.36 36.82 -33.30
C GLY A 6 -5.86 36.75 -33.50
N HIS A 7 -5.14 37.78 -33.08
CA HIS A 7 -3.68 37.78 -33.20
C HIS A 7 -3.07 36.69 -32.34
N ARG A 8 -3.59 36.51 -31.12
CA ARG A 8 -3.09 35.47 -30.23
C ARG A 8 -3.31 34.07 -30.81
N ARG A 9 -4.47 33.84 -31.44
CA ARG A 9 -4.76 32.54 -32.03
C ARG A 9 -3.85 32.23 -33.22
N ALA A 10 -3.49 33.23 -34.01
CA ALA A 10 -2.63 33.01 -35.17
C ALA A 10 -1.26 32.50 -34.74
N LEU A 11 -0.69 33.11 -33.68
CA LEU A 11 0.60 32.67 -33.18
C LEU A 11 0.55 31.24 -32.67
N PHE A 12 -0.55 30.82 -32.07
CA PHE A 12 -0.68 29.45 -31.61
C PHE A 12 -0.60 28.47 -32.78
N GLU A 13 -1.30 28.75 -33.87
CA GLU A 13 -1.25 27.88 -35.04
C GLU A 13 0.14 27.90 -35.69
N LYS A 14 0.76 29.08 -35.77
CA LYS A 14 2.09 29.16 -36.36
C LYS A 14 3.11 28.36 -35.55
N ARG A 15 3.02 28.43 -34.23
CA ARG A 15 3.90 27.64 -33.38
C ARG A 15 3.59 26.15 -33.47
N LYS A 16 2.31 25.79 -33.60
CA LYS A 16 1.93 24.39 -33.73
C LYS A 16 2.46 23.79 -35.02
N ARG A 17 2.42 24.55 -36.12
CA ARG A 17 2.86 24.01 -37.41
C ARG A 17 4.36 23.70 -37.40
N LEU A 18 5.16 24.56 -36.78
CA LEU A 18 6.62 24.39 -36.79
C LEU A 18 7.09 23.18 -35.99
N SER A 19 6.27 22.66 -35.08
CA SER A 19 6.68 21.53 -34.26
C SER A 19 6.63 20.21 -35.01
N ASP A 20 5.75 20.07 -35.99
CA ASP A 20 5.66 18.83 -36.75
C ASP A 20 6.86 18.63 -37.68
N TYR A 21 7.32 19.72 -38.30
CA TYR A 21 8.47 19.62 -39.21
C TYR A 21 9.73 19.19 -38.47
N ALA A 22 9.93 19.70 -37.25
CA ALA A 22 11.09 19.29 -36.46
C ALA A 22 11.06 17.80 -36.15
N LEU A 23 9.89 17.30 -35.76
CA LEU A 23 9.76 15.86 -35.49
C LEU A 23 10.02 15.04 -36.75
N ILE A 24 9.50 15.49 -37.90
CA ILE A 24 9.73 14.78 -39.15
C ILE A 24 11.23 14.73 -39.48
N PHE A 25 11.90 15.88 -39.38
CA PHE A 25 13.31 15.95 -39.75
C PHE A 25 14.23 15.32 -38.71
N GLY A 26 13.73 15.07 -37.51
CA GLY A 26 14.51 14.30 -36.55
C GLY A 26 14.37 12.80 -36.75
N MET A 27 13.13 12.35 -36.94
CA MET A 27 12.89 10.93 -37.19
C MET A 27 13.52 10.46 -38.49
N PHE A 28 13.50 11.30 -39.53
CA PHE A 28 14.16 10.93 -40.77
C PHE A 28 15.65 10.67 -40.55
N GLY A 29 16.32 11.57 -39.82
CA GLY A 29 17.72 11.38 -39.54
C GLY A 29 18.00 10.15 -38.70
N ILE A 30 17.15 9.88 -37.69
CA ILE A 30 17.34 8.70 -36.87
C ILE A 30 17.22 7.43 -37.71
N VAL A 31 16.20 7.36 -38.57
CA VAL A 31 15.99 6.18 -39.39
C VAL A 31 17.16 5.99 -40.37
N VAL A 32 17.62 7.08 -40.99
CA VAL A 32 18.74 6.96 -41.91
C VAL A 32 20.00 6.52 -41.18
N MET A 33 20.23 7.00 -39.96
CA MET A 33 21.38 6.56 -39.19
C MET A 33 21.31 5.08 -38.89
N VAL A 34 20.12 4.60 -38.50
CA VAL A 34 19.97 3.17 -38.21
C VAL A 34 20.27 2.34 -39.45
N ILE A 35 19.73 2.75 -40.59
CA ILE A 35 19.95 2.00 -41.83
C ILE A 35 21.44 2.00 -42.20
N GLU A 36 22.10 3.15 -42.07
CA GLU A 36 23.53 3.23 -42.40
C GLU A 36 24.35 2.33 -41.48
N THR A 37 24.05 2.36 -40.18
CA THR A 37 24.77 1.52 -39.23
C THR A 37 24.59 0.04 -39.56
N GLU A 38 23.37 -0.36 -39.88
CA GLU A 38 23.13 -1.76 -40.21
C GLU A 38 23.82 -2.18 -41.50
N LEU A 39 23.77 -1.34 -42.53
CA LEU A 39 24.31 -1.72 -43.83
C LEU A 39 25.81 -1.52 -43.97
N SER A 40 26.44 -0.78 -43.07
CA SER A 40 27.87 -0.53 -43.15
C SER A 40 28.70 -1.62 -42.48
N TRP A 41 28.06 -2.67 -41.95
CA TRP A 41 28.77 -3.75 -41.29
C TRP A 41 29.12 -4.89 -42.24
N GLY A 42 28.19 -5.27 -43.11
CA GLY A 42 28.43 -6.39 -44.00
C GLY A 42 28.28 -6.10 -45.49
N ALA A 43 27.50 -5.07 -45.84
CA ALA A 43 27.23 -4.81 -47.24
C ALA A 43 28.38 -4.06 -47.91
N TYR A 44 28.73 -2.88 -47.37
CA TYR A 44 29.84 -2.08 -47.88
C TYR A 44 30.70 -1.63 -46.71
N ASP A 45 31.84 -1.02 -47.03
CA ASP A 45 32.76 -0.52 -46.03
C ASP A 45 32.59 0.98 -45.87
N LYS A 46 33.45 1.61 -45.08
CA LYS A 46 33.36 3.02 -44.77
C LYS A 46 34.06 3.91 -45.78
N ALA A 47 34.67 3.32 -46.81
CA ALA A 47 35.35 4.10 -47.84
C ALA A 47 34.58 4.15 -49.15
N SER A 48 33.34 3.63 -49.18
CA SER A 48 32.53 3.64 -50.38
C SER A 48 31.82 4.98 -50.51
N LEU A 49 30.89 5.06 -51.46
CA LEU A 49 30.13 6.29 -51.69
C LEU A 49 28.77 6.29 -51.04
N TYR A 50 28.20 5.12 -50.75
CA TYR A 50 26.89 5.06 -50.10
C TYR A 50 26.94 5.69 -48.70
N SER A 51 28.02 5.41 -47.96
CA SER A 51 28.18 6.05 -46.66
C SER A 51 28.25 7.57 -46.79
N LEU A 52 28.99 8.05 -47.79
CA LEU A 52 29.10 9.49 -48.02
C LEU A 52 27.73 10.10 -48.29
N ALA A 53 26.96 9.46 -49.18
CA ALA A 53 25.65 10.00 -49.53
C ALA A 53 24.72 10.02 -48.32
N LEU A 54 24.70 8.92 -47.55
CA LEU A 54 23.80 8.86 -46.39
C LEU A 54 24.20 9.89 -45.33
N LYS A 55 25.50 10.07 -45.09
CA LYS A 55 25.93 11.05 -44.11
C LYS A 55 25.64 12.47 -44.58
N CYS A 56 25.75 12.73 -45.89
CA CYS A 56 25.38 14.04 -46.41
C CYS A 56 23.89 14.31 -46.19
N LEU A 57 23.05 13.30 -46.41
CA LEU A 57 21.63 13.45 -46.13
C LEU A 57 21.38 13.76 -44.66
N ILE A 58 22.09 13.06 -43.78
CA ILE A 58 21.94 13.30 -42.34
C ILE A 58 22.32 14.74 -42.00
N SER A 59 23.44 15.22 -42.55
CA SER A 59 23.87 16.58 -42.26
C SER A 59 22.86 17.62 -42.75
N LEU A 60 22.31 17.41 -43.96
CA LEU A 60 21.31 18.35 -44.48
C LEU A 60 20.08 18.38 -43.58
N SER A 61 19.61 17.21 -43.16
CA SER A 61 18.45 17.17 -42.26
C SER A 61 18.75 17.87 -40.94
N THR A 62 19.97 17.69 -40.42
CA THR A 62 20.34 18.34 -39.17
C THR A 62 20.32 19.86 -39.32
N ILE A 63 20.84 20.37 -40.44
CA ILE A 63 20.83 21.83 -40.67
C ILE A 63 19.40 22.34 -40.71
N ILE A 64 18.52 21.65 -41.43
CA ILE A 64 17.13 22.08 -41.52
C ILE A 64 16.47 22.07 -40.14
N LEU A 65 16.75 21.03 -39.35
CA LEU A 65 16.17 20.94 -38.01
C LEU A 65 16.64 22.09 -37.12
N LEU A 66 17.92 22.45 -37.19
CA LEU A 66 18.40 23.58 -36.39
C LEU A 66 17.71 24.87 -36.79
N GLY A 67 17.56 25.10 -38.10
CA GLY A 67 16.85 26.29 -38.53
C GLY A 67 15.42 26.33 -38.02
N LEU A 68 14.73 25.19 -38.08
CA LEU A 68 13.36 25.10 -37.59
C LEU A 68 13.29 25.40 -36.10
N ILE A 69 14.24 24.89 -35.32
CA ILE A 69 14.26 25.18 -33.88
C ILE A 69 14.43 26.68 -33.63
N ILE A 70 15.34 27.33 -34.38
CA ILE A 70 15.53 28.76 -34.19
C ILE A 70 14.25 29.53 -34.48
N VAL A 71 13.56 29.20 -35.58
CA VAL A 71 12.33 29.90 -35.92
C VAL A 71 11.25 29.66 -34.86
N TYR A 72 11.17 28.42 -34.36
CA TYR A 72 10.19 28.12 -33.32
C TYR A 72 10.42 28.96 -32.08
N HIS A 73 11.69 29.09 -31.66
CA HIS A 73 11.95 29.88 -30.46
C HIS A 73 11.68 31.36 -30.69
N ALA A 74 11.94 31.87 -31.90
CA ALA A 74 11.58 33.26 -32.20
C ALA A 74 10.08 33.47 -32.07
N ARG A 75 9.29 32.55 -32.63
CA ARG A 75 7.84 32.66 -32.51
C ARG A 75 7.37 32.59 -31.06
N GLU A 76 7.98 31.72 -30.26
CA GLU A 76 7.62 31.64 -28.86
C GLU A 76 7.95 32.92 -28.11
N ILE A 77 9.08 33.56 -28.44
CA ILE A 77 9.40 34.85 -27.82
C ILE A 77 8.38 35.91 -28.21
N GLN A 78 7.93 35.90 -29.47
CA GLN A 78 6.88 36.82 -29.88
C GLN A 78 5.60 36.59 -29.07
N LEU A 79 5.24 35.32 -28.86
CA LEU A 79 4.06 35.01 -28.06
C LEU A 79 4.22 35.48 -26.63
N PHE A 80 5.41 35.32 -26.05
CA PHE A 80 5.67 35.81 -24.71
C PHE A 80 5.50 37.33 -24.63
N MET A 81 6.01 38.04 -25.64
CA MET A 81 5.86 39.49 -25.67
C MET A 81 4.39 39.88 -25.73
N VAL A 82 3.60 39.18 -26.54
CA VAL A 82 2.17 39.49 -26.64
C VAL A 82 1.46 39.19 -25.33
N ASP A 83 1.84 38.12 -24.64
CA ASP A 83 1.10 37.64 -23.49
C ASP A 83 1.42 38.38 -22.19
N ASN A 84 2.37 39.32 -22.20
CA ASN A 84 2.72 40.02 -20.96
C ASN A 84 2.69 41.54 -21.12
N GLY A 85 2.21 42.05 -22.25
CA GLY A 85 2.16 43.49 -22.44
C GLY A 85 3.51 44.16 -22.45
N ALA A 86 4.49 43.54 -23.09
CA ALA A 86 5.84 44.08 -23.18
C ALA A 86 6.14 44.46 -24.63
N ASP A 87 6.80 45.60 -24.81
CA ASP A 87 7.09 46.13 -26.14
C ASP A 87 8.56 46.00 -26.52
N ASP A 88 9.35 45.25 -25.74
CA ASP A 88 10.75 45.01 -26.05
C ASP A 88 11.07 43.54 -25.80
N TRP A 89 11.78 42.92 -26.73
CA TRP A 89 12.06 41.48 -26.60
C TRP A 89 13.19 41.19 -25.65
N ARG A 90 13.97 42.21 -25.26
CA ARG A 90 15.08 41.98 -24.32
C ARG A 90 14.62 41.69 -22.90
N ILE A 91 13.33 41.83 -22.61
CA ILE A 91 12.81 41.60 -21.26
C ILE A 91 12.52 40.12 -21.10
N ALA A 92 12.74 39.34 -22.16
CA ALA A 92 12.47 37.91 -22.13
C ALA A 92 13.68 37.05 -21.79
N MET A 93 14.89 37.59 -21.91
CA MET A 93 16.10 36.84 -21.58
C MET A 93 16.33 36.88 -20.07
N THR A 94 16.45 35.71 -19.45
CA THR A 94 16.46 35.64 -17.99
C THR A 94 17.49 34.63 -17.47
N TYR A 95 18.55 34.37 -18.24
CA TYR A 95 19.64 33.47 -17.86
C TYR A 95 19.17 32.02 -17.79
N GLU A 96 17.88 31.79 -18.00
CA GLU A 96 17.31 30.45 -18.02
C GLU A 96 16.71 30.10 -19.38
N ARG A 97 16.06 31.06 -20.04
CA ARG A 97 15.60 30.86 -21.40
C ARG A 97 16.79 30.63 -22.34
N ILE A 98 17.89 31.36 -22.11
CA ILE A 98 19.06 31.23 -22.97
C ILE A 98 19.69 29.85 -22.82
N PHE A 99 19.77 29.35 -21.59
CA PHE A 99 20.46 28.09 -21.34
C PHE A 99 19.79 26.92 -22.05
N PHE A 100 18.45 26.87 -22.01
CA PHE A 100 17.75 25.75 -22.62
C PHE A 100 17.83 25.77 -24.14
N ILE A 101 17.87 26.96 -24.74
CA ILE A 101 18.04 27.05 -26.20
C ILE A 101 19.38 26.45 -26.60
N CYS A 102 20.45 26.82 -25.87
CA CYS A 102 21.77 26.27 -26.15
C CYS A 102 21.80 24.76 -25.92
N LEU A 103 21.13 24.29 -24.87
CA LEU A 103 21.07 22.85 -24.62
C LEU A 103 20.39 22.12 -25.77
N GLU A 104 19.28 22.69 -26.27
CA GLU A 104 18.58 22.07 -27.39
C GLU A 104 19.46 22.05 -28.64
N ILE A 105 20.16 23.15 -28.91
CA ILE A 105 21.05 23.20 -30.07
C ILE A 105 22.13 22.15 -29.96
N LEU A 106 22.74 22.03 -28.77
CA LEU A 106 23.80 21.05 -28.58
C LEU A 106 23.28 19.62 -28.75
N VAL A 107 22.09 19.34 -28.20
CA VAL A 107 21.53 18.00 -28.33
C VAL A 107 21.22 17.67 -29.78
N CYS A 108 20.65 18.61 -30.52
CA CYS A 108 20.25 18.35 -31.90
C CYS A 108 21.38 18.49 -32.90
N ALA A 109 22.56 18.95 -32.47
CA ALA A 109 23.67 19.15 -33.40
C ALA A 109 24.54 17.92 -33.59
N ILE A 110 24.43 16.92 -32.72
CA ILE A 110 25.32 15.76 -32.78
C ILE A 110 24.81 14.78 -33.83
N HIS A 111 25.69 14.38 -34.74
CA HIS A 111 25.38 13.42 -35.80
C HIS A 111 26.67 12.96 -36.43
N PRO A 112 26.67 11.79 -37.08
CA PRO A 112 27.88 11.32 -37.77
C PRO A 112 28.20 12.14 -39.02
N ILE A 113 29.30 12.88 -38.98
CA ILE A 113 29.71 13.72 -40.11
C ILE A 113 30.40 12.84 -41.16
N PRO A 114 30.39 13.25 -42.44
CA PRO A 114 31.07 12.46 -43.46
C PRO A 114 32.58 12.44 -43.26
N GLY A 115 33.20 11.34 -43.67
CA GLY A 115 34.64 11.19 -43.56
C GLY A 115 35.00 9.76 -43.25
N ASN A 116 36.23 9.58 -42.78
CA ASN A 116 36.75 8.25 -42.44
C ASN A 116 37.70 8.43 -41.25
N TYR A 117 37.22 8.06 -40.06
CA TYR A 117 37.97 8.25 -38.83
C TYR A 117 37.89 6.99 -37.99
N THR A 118 39.01 6.63 -37.34
CA THR A 118 39.08 5.41 -36.55
C THR A 118 39.86 5.67 -35.26
N PHE A 119 39.64 4.80 -34.28
CA PHE A 119 40.35 4.86 -33.01
C PHE A 119 40.54 3.43 -32.49
N THR A 120 41.26 3.31 -31.38
CA THR A 120 41.60 2.02 -30.79
C THR A 120 40.75 1.76 -29.56
N TRP A 121 40.17 0.56 -29.49
CA TRP A 121 39.25 0.18 -28.43
C TRP A 121 39.74 -1.09 -27.76
N THR A 122 39.81 -1.06 -26.43
CA THR A 122 40.27 -2.20 -25.64
C THR A 122 39.24 -2.53 -24.57
N ALA A 123 38.89 -3.81 -24.47
CA ALA A 123 37.86 -4.27 -23.54
C ALA A 123 38.31 -5.55 -22.84
N ARG A 124 37.68 -5.80 -21.69
CA ARG A 124 37.96 -6.98 -20.87
C ARG A 124 36.77 -7.93 -20.95
N LEU A 125 37.01 -9.15 -21.43
CA LEU A 125 35.93 -10.09 -21.67
C LEU A 125 35.37 -10.63 -20.36
N ALA A 126 34.12 -11.10 -20.44
CA ALA A 126 33.39 -11.56 -19.26
C ALA A 126 33.55 -13.06 -19.07
N PHE A 127 33.65 -13.46 -17.80
CA PHE A 127 33.72 -14.86 -17.37
C PHE A 127 35.06 -15.50 -17.72
N SER A 128 35.90 -14.79 -18.45
CA SER A 128 37.23 -15.26 -18.80
C SER A 128 38.32 -14.24 -18.52
N TYR A 129 37.98 -12.96 -18.39
CA TYR A 129 38.93 -11.91 -18.00
C TYR A 129 40.08 -11.80 -18.99
N ALA A 130 39.78 -12.03 -20.27
CA ALA A 130 40.80 -11.95 -21.30
C ALA A 130 40.76 -10.59 -21.99
N PRO A 131 41.91 -10.00 -22.27
CA PRO A 131 41.93 -8.72 -22.99
C PRO A 131 41.49 -8.88 -24.43
N SER A 132 40.93 -7.80 -24.98
CA SER A 132 40.49 -7.76 -26.36
C SER A 132 40.71 -6.36 -26.92
N THR A 133 41.38 -6.26 -28.06
CA THR A 133 41.70 -4.98 -28.67
C THR A 133 41.28 -5.00 -30.13
N THR A 134 40.69 -3.90 -30.59
CA THR A 134 40.27 -3.77 -31.97
C THR A 134 40.28 -2.29 -32.36
N THR A 135 40.23 -2.05 -33.66
CA THR A 135 40.12 -0.70 -34.21
C THR A 135 38.70 -0.46 -34.68
N ALA A 136 38.10 0.63 -34.22
CA ALA A 136 36.70 0.94 -34.49
C ALA A 136 36.58 2.33 -35.06
N ASP A 137 35.44 2.60 -35.69
CA ASP A 137 35.17 3.90 -36.28
C ASP A 137 34.55 4.84 -35.26
N VAL A 138 34.79 6.14 -35.46
CA VAL A 138 34.29 7.16 -34.53
C VAL A 138 32.78 7.33 -34.62
N ASP A 139 32.17 7.01 -35.76
CA ASP A 139 30.76 7.30 -35.99
C ASP A 139 29.83 6.58 -35.02
N ILE A 140 30.29 5.49 -34.40
CA ILE A 140 29.47 4.82 -33.40
C ILE A 140 29.34 5.70 -32.15
N ILE A 141 30.37 6.48 -31.84
CA ILE A 141 30.30 7.38 -30.70
C ILE A 141 29.31 8.51 -30.96
N LEU A 142 29.24 9.01 -32.20
CA LEU A 142 28.41 10.15 -32.54
C LEU A 142 26.96 9.79 -32.86
N SER A 143 26.66 8.51 -33.08
CA SER A 143 25.32 8.11 -33.51
C SER A 143 24.43 7.63 -32.37
N ILE A 144 25.01 7.07 -31.30
CA ILE A 144 24.20 6.65 -30.16
C ILE A 144 23.48 7.81 -29.50
N PRO A 145 24.13 8.98 -29.24
CA PRO A 145 23.41 10.09 -28.59
C PRO A 145 22.26 10.66 -29.42
N MET A 146 22.14 10.24 -30.68
CA MET A 146 21.10 10.77 -31.54
C MET A 146 19.69 10.39 -31.08
N PHE A 147 19.56 9.43 -30.17
CA PHE A 147 18.26 9.04 -29.63
C PHE A 147 17.67 10.10 -28.70
N LEU A 148 18.46 11.11 -28.32
CA LEU A 148 17.95 12.17 -27.47
C LEU A 148 16.97 13.09 -28.18
N ARG A 149 16.81 12.94 -29.51
CA ARG A 149 15.88 13.77 -30.27
C ARG A 149 14.43 13.34 -30.03
N LEU A 150 14.21 12.41 -29.11
CA LEU A 150 12.87 11.91 -28.83
C LEU A 150 12.07 12.84 -27.93
N TYR A 151 12.67 13.91 -27.42
CA TYR A 151 11.94 14.85 -26.58
C TYR A 151 10.96 15.69 -27.37
N LEU A 152 11.04 15.67 -28.70
CA LEU A 152 10.12 16.42 -29.54
C LEU A 152 8.73 15.79 -29.60
N ILE A 153 8.63 14.48 -29.32
CA ILE A 153 7.32 13.83 -29.31
C ILE A 153 6.45 14.39 -28.19
N ALA A 154 7.05 14.66 -27.03
CA ALA A 154 6.31 15.25 -25.93
C ALA A 154 5.80 16.64 -26.29
N ARG A 155 6.64 17.44 -26.96
CA ARG A 155 6.23 18.77 -27.38
C ARG A 155 5.08 18.71 -28.37
N VAL A 156 5.16 17.78 -29.33
CA VAL A 156 4.10 17.63 -30.33
C VAL A 156 2.80 17.17 -29.65
N MET A 157 2.90 16.25 -28.69
CA MET A 157 1.71 15.80 -27.98
C MET A 157 1.09 16.93 -27.16
N LEU A 158 1.93 17.78 -26.55
CA LEU A 158 1.41 18.89 -25.76
C LEU A 158 0.71 19.92 -26.64
N LEU A 159 1.33 20.28 -27.77
CA LEU A 159 0.73 21.29 -28.62
C LEU A 159 -0.52 20.79 -29.34
N HIS A 160 -0.68 19.48 -29.49
CA HIS A 160 -1.86 18.89 -30.09
C HIS A 160 -2.87 18.42 -29.06
N SER A 161 -2.65 18.75 -27.78
CA SER A 161 -3.54 18.28 -26.72
C SER A 161 -4.90 18.92 -26.83
N LYS A 162 -5.94 18.13 -26.57
CA LYS A 162 -7.31 18.65 -26.60
C LYS A 162 -7.52 19.71 -25.53
N LEU A 163 -6.99 19.47 -24.32
CA LEU A 163 -7.10 20.46 -23.26
C LEU A 163 -6.35 21.74 -23.59
N PHE A 164 -5.18 21.61 -24.22
CA PHE A 164 -4.36 22.78 -24.53
C PHE A 164 -4.99 23.62 -25.63
N THR A 165 -5.78 23.02 -26.52
CA THR A 165 -6.31 23.73 -27.66
C THR A 165 -7.84 23.73 -27.67
N ASP A 166 -8.46 24.00 -26.52
CA ASP A 166 -9.91 24.08 -26.43
C ASP A 166 -10.28 25.38 -25.72
N ALA A 167 -11.16 26.17 -26.33
CA ALA A 167 -11.53 27.46 -25.76
C ALA A 167 -12.21 27.30 -24.41
N SER A 168 -13.13 26.34 -24.30
CA SER A 168 -13.82 26.13 -23.04
C SER A 168 -12.86 25.67 -21.95
N SER A 169 -11.90 24.81 -22.30
CA SER A 169 -10.93 24.32 -21.32
C SER A 169 -10.11 25.48 -20.76
N ARG A 170 -9.59 26.34 -21.64
CA ARG A 170 -8.81 27.49 -21.19
C ARG A 170 -9.67 28.45 -20.37
N SER A 171 -10.91 28.67 -20.81
CA SER A 171 -11.80 29.59 -20.10
C SER A 171 -12.08 29.10 -18.69
N ILE A 172 -12.31 27.80 -18.52
CA ILE A 172 -12.57 27.24 -17.20
C ILE A 172 -11.28 27.27 -16.36
N GLY A 173 -10.15 26.91 -16.97
CA GLY A 173 -8.91 26.88 -16.22
C GLY A 173 -8.47 28.24 -15.73
N ALA A 174 -8.78 29.30 -16.50
CA ALA A 174 -8.42 30.64 -16.09
C ALA A 174 -9.09 31.03 -14.78
N LEU A 175 -10.36 30.65 -14.62
CA LEU A 175 -11.07 30.98 -13.39
C LEU A 175 -10.46 30.30 -12.17
N ASN A 176 -9.80 29.16 -12.37
CA ASN A 176 -9.23 28.40 -11.27
C ASN A 176 -7.72 28.53 -11.19
N LYS A 177 -7.10 29.32 -12.07
CA LYS A 177 -5.66 29.58 -12.05
C LYS A 177 -4.85 28.29 -12.16
N ILE A 178 -5.00 27.62 -13.30
CA ILE A 178 -4.34 26.36 -13.58
C ILE A 178 -3.28 26.58 -14.65
N ASN A 179 -2.06 26.11 -14.38
CA ASN A 179 -0.97 26.22 -15.33
C ASN A 179 -1.02 25.04 -16.30
N PHE A 180 -1.20 25.34 -17.58
CA PHE A 180 -1.29 24.30 -18.61
C PHE A 180 0.09 23.95 -19.16
N ASN A 181 0.93 23.42 -18.27
CA ASN A 181 2.28 23.03 -18.63
C ASN A 181 2.29 21.59 -19.14
N THR A 182 3.48 21.06 -19.42
CA THR A 182 3.60 19.69 -19.90
C THR A 182 3.38 18.67 -18.79
N ARG A 183 3.55 19.09 -17.54
CA ARG A 183 3.37 18.15 -16.43
C ARG A 183 1.89 17.86 -16.17
N PHE A 184 1.02 18.84 -16.43
CA PHE A 184 -0.41 18.62 -16.23
C PHE A 184 -0.95 17.56 -17.17
N VAL A 185 -0.54 17.59 -18.45
CA VAL A 185 -1.05 16.65 -19.44
C VAL A 185 -0.61 15.23 -19.11
N MET A 186 0.64 15.06 -18.68
CA MET A 186 1.14 13.73 -18.34
C MET A 186 0.35 13.15 -17.17
N LYS A 187 0.09 13.96 -16.14
CA LYS A 187 -0.67 13.48 -14.99
C LYS A 187 -2.11 13.17 -15.38
N THR A 188 -2.70 13.98 -16.27
CA THR A 188 -4.05 13.68 -16.74
C THR A 188 -4.09 12.36 -17.50
N LEU A 189 -3.10 12.11 -18.37
CA LEU A 189 -3.03 10.84 -19.08
C LEU A 189 -2.85 9.67 -18.13
N MET A 190 -2.01 9.84 -17.11
CA MET A 190 -1.84 8.78 -16.12
C MET A 190 -3.13 8.50 -15.36
N THR A 191 -3.89 9.54 -15.02
CA THR A 191 -5.17 9.33 -14.34
C THR A 191 -6.16 8.63 -15.25
N ILE A 192 -6.19 8.97 -16.53
CA ILE A 192 -7.19 8.41 -17.43
C ILE A 192 -6.83 6.98 -17.82
N CYS A 193 -5.70 6.80 -18.51
CA CYS A 193 -5.30 5.51 -19.07
C CYS A 193 -3.83 5.22 -18.78
N PRO A 194 -3.52 4.77 -17.56
CA PRO A 194 -2.11 4.50 -17.23
C PRO A 194 -1.55 3.27 -17.92
N GLY A 195 -2.37 2.24 -18.13
CA GLY A 195 -1.86 1.01 -18.69
C GLY A 195 -1.32 1.16 -20.10
N THR A 196 -2.03 1.94 -20.93
CA THR A 196 -1.58 2.18 -22.30
C THR A 196 -0.22 2.89 -22.31
N VAL A 197 -0.08 3.91 -21.47
CA VAL A 197 1.18 4.65 -21.39
C VAL A 197 2.31 3.73 -20.96
N LEU A 198 2.06 2.92 -19.93
CA LEU A 198 3.08 2.00 -19.45
C LEU A 198 3.48 1.00 -20.52
N LEU A 199 2.51 0.44 -21.23
CA LEU A 199 2.81 -0.54 -22.27
C LEU A 199 3.63 0.08 -23.39
N VAL A 200 3.21 1.25 -23.88
CA VAL A 200 3.93 1.88 -25.00
C VAL A 200 5.35 2.23 -24.57
N PHE A 201 5.51 2.81 -23.39
CA PHE A 201 6.83 3.17 -22.90
C PHE A 201 7.72 1.95 -22.78
N SER A 202 7.20 0.87 -22.21
CA SER A 202 7.99 -0.35 -22.03
C SER A 202 8.40 -0.95 -23.36
N ILE A 203 7.49 -1.04 -24.33
CA ILE A 203 7.86 -1.64 -25.62
C ILE A 203 8.90 -0.79 -26.34
N SER A 204 8.72 0.53 -26.37
CA SER A 204 9.69 1.40 -27.04
C SER A 204 11.05 1.30 -26.40
N LEU A 205 11.10 1.35 -25.06
CA LEU A 205 12.38 1.23 -24.36
C LEU A 205 13.02 -0.13 -24.63
N TRP A 206 12.21 -1.19 -24.63
CA TRP A 206 12.73 -2.53 -24.91
C TRP A 206 13.44 -2.57 -26.25
N ILE A 207 12.76 -2.14 -27.31
CA ILE A 207 13.34 -2.25 -28.65
C ILE A 207 14.58 -1.36 -28.77
N ILE A 208 14.50 -0.12 -28.30
CA ILE A 208 15.62 0.81 -28.47
C ILE A 208 16.83 0.32 -27.68
N ALA A 209 16.63 -0.09 -26.43
CA ALA A 209 17.75 -0.55 -25.60
C ALA A 209 18.38 -1.82 -26.17
N ALA A 210 17.57 -2.76 -26.66
CA ALA A 210 18.15 -3.96 -27.27
C ALA A 210 18.98 -3.61 -28.50
N TRP A 211 18.49 -2.72 -29.35
CA TRP A 211 19.28 -2.34 -30.52
C TRP A 211 20.59 -1.66 -30.11
N THR A 212 20.53 -0.77 -29.12
CA THR A 212 21.74 -0.09 -28.67
C THR A 212 22.76 -1.07 -28.10
N VAL A 213 22.30 -2.04 -27.31
CA VAL A 213 23.20 -3.03 -26.73
C VAL A 213 23.85 -3.85 -27.84
N ARG A 214 23.06 -4.27 -28.83
CA ARG A 214 23.65 -5.02 -29.94
C ARG A 214 24.68 -4.19 -30.68
N ALA A 215 24.39 -2.91 -30.91
CA ALA A 215 25.31 -2.04 -31.64
C ALA A 215 26.64 -1.87 -30.92
N CYS A 216 26.61 -1.67 -29.60
CA CYS A 216 27.87 -1.57 -28.87
C CYS A 216 28.56 -2.92 -28.69
N GLU A 217 27.82 -4.02 -28.71
CA GLU A 217 28.42 -5.34 -28.52
C GLU A 217 28.94 -5.96 -29.80
N ARG A 218 28.67 -5.36 -30.96
CA ARG A 218 29.17 -5.90 -32.22
C ARG A 218 30.69 -6.05 -32.23
N TYR A 219 31.41 -5.07 -31.68
CA TYR A 219 32.84 -4.95 -31.93
C TYR A 219 33.68 -5.98 -31.18
N HIS A 220 33.25 -6.46 -30.04
CA HIS A 220 34.08 -7.33 -29.20
C HIS A 220 33.49 -8.72 -29.01
N ASP A 221 32.41 -9.07 -29.71
CA ASP A 221 31.77 -10.38 -29.57
C ASP A 221 32.07 -11.19 -30.83
N GLN A 222 32.87 -12.25 -30.68
CA GLN A 222 33.20 -13.15 -31.77
C GLN A 222 32.58 -14.53 -31.58
N GLN A 223 31.50 -14.60 -30.81
CA GLN A 223 30.86 -15.88 -30.53
C GLN A 223 29.35 -15.85 -30.65
N ASP A 224 28.76 -14.74 -31.11
CA ASP A 224 27.32 -14.61 -31.34
C ASP A 224 26.52 -14.88 -30.05
N VAL A 225 26.81 -14.06 -29.04
CA VAL A 225 26.11 -14.17 -27.76
C VAL A 225 25.35 -12.88 -27.49
N THR A 226 26.08 -11.77 -27.34
CA THR A 226 25.47 -10.48 -27.05
C THR A 226 25.23 -9.65 -28.30
N SER A 227 25.71 -10.09 -29.46
CA SER A 227 25.41 -9.42 -30.72
C SER A 227 24.14 -9.95 -31.38
N ASN A 228 23.58 -11.04 -30.86
CA ASN A 228 22.31 -11.54 -31.37
C ASN A 228 21.17 -10.64 -30.92
N PHE A 229 20.23 -10.37 -31.83
CA PHE A 229 19.13 -9.48 -31.52
C PHE A 229 18.15 -10.11 -30.54
N LEU A 230 17.79 -11.38 -30.76
CA LEU A 230 16.91 -12.07 -29.82
C LEU A 230 17.57 -12.24 -28.45
N GLY A 231 18.87 -12.53 -28.42
CA GLY A 231 19.56 -12.59 -27.15
C GLY A 231 19.56 -11.27 -26.42
N ALA A 232 19.74 -10.16 -27.16
CA ALA A 232 19.66 -8.84 -26.55
C ALA A 232 18.27 -8.56 -26.01
N MET A 233 17.23 -8.96 -26.75
CA MET A 233 15.87 -8.78 -26.27
C MET A 233 15.64 -9.55 -24.97
N TRP A 234 16.10 -10.80 -24.92
CA TRP A 234 15.93 -11.60 -23.72
C TRP A 234 16.72 -11.02 -22.54
N LEU A 235 17.94 -10.54 -22.79
CA LEU A 235 18.75 -9.94 -21.73
C LEU A 235 18.08 -8.70 -21.17
N ILE A 236 17.55 -7.84 -22.05
CA ILE A 236 16.85 -6.65 -21.59
C ILE A 236 15.61 -7.02 -20.80
N SER A 237 14.87 -8.04 -21.25
CA SER A 237 13.67 -8.44 -20.53
C SER A 237 13.99 -8.98 -19.14
N ILE A 238 15.05 -9.78 -19.01
CA ILE A 238 15.38 -10.35 -17.70
C ILE A 238 16.07 -9.35 -16.80
N THR A 239 16.71 -8.31 -17.35
CA THR A 239 17.23 -7.24 -16.51
C THR A 239 16.12 -6.31 -16.04
N PHE A 240 15.11 -6.08 -16.88
CA PHE A 240 13.97 -5.26 -16.49
C PHE A 240 13.23 -5.87 -15.31
N LEU A 241 13.03 -7.20 -15.34
CA LEU A 241 12.33 -7.89 -14.26
C LEU A 241 13.25 -8.19 -13.07
N SER A 242 14.55 -7.94 -13.19
CA SER A 242 15.51 -8.15 -12.12
C SER A 242 15.60 -9.62 -11.72
N ILE A 243 15.70 -10.50 -12.71
CA ILE A 243 15.90 -11.92 -12.44
C ILE A 243 17.38 -12.27 -12.40
N GLY A 244 18.17 -11.69 -13.28
CA GLY A 244 19.60 -11.91 -13.29
C GLY A 244 20.17 -11.64 -14.67
N TYR A 245 21.45 -11.99 -14.82
CA TYR A 245 22.16 -11.85 -16.07
C TYR A 245 22.37 -13.17 -16.81
N GLY A 246 22.30 -14.31 -16.13
CA GLY A 246 22.65 -15.57 -16.76
C GLY A 246 24.10 -15.56 -17.20
N ASP A 247 24.33 -15.98 -18.44
CA ASP A 247 25.65 -15.91 -19.06
C ASP A 247 25.70 -14.83 -20.14
N MET A 248 24.98 -13.74 -19.93
CA MET A 248 24.83 -12.69 -20.94
C MET A 248 25.40 -11.37 -20.44
N VAL A 249 26.47 -11.42 -19.67
CA VAL A 249 27.10 -10.19 -19.18
C VAL A 249 27.83 -9.51 -20.33
N PRO A 250 27.62 -8.21 -20.55
CA PRO A 250 28.32 -7.52 -21.64
C PRO A 250 29.81 -7.36 -21.35
N ASN A 251 30.59 -7.26 -22.43
CA ASN A 251 32.01 -6.97 -22.35
C ASN A 251 32.32 -5.50 -22.52
N THR A 252 31.29 -4.65 -22.59
CA THR A 252 31.44 -3.23 -22.88
C THR A 252 30.65 -2.44 -21.86
N TYR A 253 31.10 -1.21 -21.60
CA TYR A 253 30.40 -0.35 -20.66
C TYR A 253 29.11 0.23 -21.25
N CYS A 254 28.96 0.17 -22.56
CA CYS A 254 27.65 0.53 -23.11
C CYS A 254 26.63 -0.45 -22.50
N GLY A 255 26.86 -1.77 -22.62
CA GLY A 255 25.91 -2.73 -22.12
C GLY A 255 25.65 -2.57 -20.63
N LYS A 256 26.70 -2.30 -19.86
CA LYS A 256 26.53 -2.10 -18.42
C LYS A 256 25.66 -0.89 -18.12
N GLY A 257 25.90 0.22 -18.82
CA GLY A 257 25.08 1.41 -18.61
C GLY A 257 23.63 1.20 -19.02
N VAL A 258 23.41 0.54 -20.16
CA VAL A 258 22.04 0.31 -20.61
C VAL A 258 21.32 -0.64 -19.67
N CYS A 259 22.02 -1.67 -19.17
CA CYS A 259 21.40 -2.57 -18.20
C CYS A 259 21.06 -1.86 -16.90
N LEU A 260 21.95 -0.96 -16.44
CA LEU A 260 21.66 -0.20 -15.24
C LEU A 260 20.44 0.69 -15.43
N LEU A 261 20.34 1.37 -16.57
CA LEU A 261 19.15 2.18 -16.84
C LEU A 261 17.88 1.33 -16.92
N THR A 262 17.96 0.17 -17.56
CA THR A 262 16.81 -0.73 -17.66
C THR A 262 16.35 -1.20 -16.28
N GLY A 263 17.30 -1.57 -15.41
CA GLY A 263 16.93 -1.97 -14.07
C GLY A 263 16.32 -0.84 -13.27
N ILE A 264 16.86 0.37 -13.38
CA ILE A 264 16.30 1.51 -12.67
C ILE A 264 14.87 1.77 -13.13
N MET A 265 14.62 1.73 -14.44
CA MET A 265 13.27 1.93 -14.93
C MET A 265 12.32 0.84 -14.47
N GLY A 266 12.76 -0.43 -14.56
CA GLY A 266 11.91 -1.53 -14.17
C GLY A 266 11.52 -1.52 -12.71
N ALA A 267 12.43 -1.06 -11.84
CA ALA A 267 12.15 -1.02 -10.41
C ALA A 267 10.85 -0.28 -10.12
N GLY A 268 10.60 0.82 -10.83
CA GLY A 268 9.38 1.58 -10.62
C GLY A 268 8.22 1.13 -11.50
N CYS A 269 8.54 0.69 -12.74
CA CYS A 269 7.49 0.27 -13.66
C CYS A 269 6.75 -0.94 -13.12
N THR A 270 7.46 -1.89 -12.50
CA THR A 270 6.80 -3.08 -11.95
C THR A 270 5.81 -2.70 -10.88
N ALA A 271 6.19 -1.81 -9.97
CA ALA A 271 5.28 -1.39 -8.89
C ALA A 271 4.06 -0.68 -9.46
N LEU A 272 4.27 0.21 -10.43
CA LEU A 272 3.13 0.91 -11.01
C LEU A 272 2.17 -0.06 -11.70
N VAL A 273 2.72 -1.02 -12.44
CA VAL A 273 1.87 -1.97 -13.17
C VAL A 273 1.08 -2.85 -12.20
N VAL A 274 1.74 -3.34 -11.14
CA VAL A 274 1.03 -4.20 -10.20
C VAL A 274 -0.04 -3.41 -9.44
N ALA A 275 0.23 -2.13 -9.14
CA ALA A 275 -0.81 -1.31 -8.51
C ALA A 275 -2.01 -1.15 -9.43
N VAL A 276 -1.76 -0.89 -10.72
CA VAL A 276 -2.87 -0.76 -11.66
C VAL A 276 -3.67 -2.06 -11.75
N VAL A 277 -2.97 -3.18 -11.82
CA VAL A 277 -3.64 -4.48 -11.93
C VAL A 277 -4.49 -4.75 -10.69
N ALA A 278 -3.94 -4.45 -9.51
CA ALA A 278 -4.70 -4.63 -8.28
C ALA A 278 -5.95 -3.75 -8.26
N ARG A 279 -5.82 -2.51 -8.74
CA ARG A 279 -6.97 -1.63 -8.78
C ARG A 279 -8.01 -2.07 -9.80
N LYS A 280 -7.61 -2.77 -10.86
CA LYS A 280 -8.55 -3.18 -11.90
C LYS A 280 -9.38 -4.40 -11.53
N LEU A 281 -9.08 -5.07 -10.42
CA LEU A 281 -9.75 -6.31 -10.06
C LEU A 281 -10.88 -6.12 -9.04
N GLU A 282 -11.17 -4.89 -8.65
CA GLU A 282 -12.19 -4.66 -7.63
C GLU A 282 -13.58 -4.58 -8.24
N LEU A 283 -14.59 -4.80 -7.40
CA LEU A 283 -15.98 -4.71 -7.82
C LEU A 283 -16.48 -3.28 -7.72
N THR A 284 -17.58 -3.00 -8.41
CA THR A 284 -18.24 -1.71 -8.36
C THR A 284 -19.39 -1.76 -7.37
N LYS A 285 -20.14 -0.65 -7.28
CA LYS A 285 -21.15 -0.52 -6.24
C LYS A 285 -22.31 -1.49 -6.42
N ALA A 286 -22.88 -1.52 -7.63
CA ALA A 286 -24.08 -2.32 -7.87
C ALA A 286 -23.81 -3.81 -7.69
N GLU A 287 -22.69 -4.29 -8.25
CA GLU A 287 -22.35 -5.69 -8.11
C GLU A 287 -21.99 -6.04 -6.67
N LYS A 288 -21.38 -5.11 -5.94
CA LYS A 288 -21.15 -5.33 -4.51
C LYS A 288 -22.46 -5.50 -3.77
N HIS A 289 -23.45 -4.65 -4.07
CA HIS A 289 -24.76 -4.78 -3.41
C HIS A 289 -25.43 -6.10 -3.75
N VAL A 290 -25.38 -6.51 -5.01
CA VAL A 290 -25.98 -7.79 -5.41
C VAL A 290 -25.30 -8.95 -4.70
N HIS A 291 -23.95 -8.92 -4.64
CA HIS A 291 -23.21 -9.97 -3.96
C HIS A 291 -23.57 -10.05 -2.49
N ASN A 292 -23.69 -8.88 -1.83
CA ASN A 292 -24.05 -8.85 -0.43
C ASN A 292 -25.45 -9.43 -0.21
N PHE A 293 -26.39 -9.08 -1.08
CA PHE A 293 -27.75 -9.61 -0.97
C PHE A 293 -27.75 -11.13 -1.06
N MET A 294 -27.05 -11.67 -2.06
CA MET A 294 -27.03 -13.13 -2.24
C MET A 294 -26.36 -13.81 -1.06
N MET A 295 -25.25 -13.24 -0.57
CA MET A 295 -24.57 -13.84 0.57
C MET A 295 -25.45 -13.84 1.81
N ASP A 296 -26.19 -12.75 2.04
CA ASP A 296 -27.11 -12.71 3.17
C ASP A 296 -28.17 -13.80 3.06
N THR A 297 -28.72 -14.01 1.87
CA THR A 297 -29.69 -15.08 1.69
C THR A 297 -29.09 -16.46 2.00
N GLN A 298 -27.89 -16.72 1.50
CA GLN A 298 -27.25 -18.01 1.74
C GLN A 298 -27.00 -18.23 3.23
N LEU A 299 -26.50 -17.21 3.91
CA LEU A 299 -26.25 -17.32 5.35
C LEU A 299 -27.53 -17.58 6.13
N THR A 300 -28.62 -16.91 5.75
CA THR A 300 -29.90 -17.16 6.40
C THR A 300 -30.31 -18.62 6.27
N LYS A 301 -30.21 -19.17 5.05
CA LYS A 301 -30.60 -20.56 4.85
C LYS A 301 -29.72 -21.51 5.67
N ARG A 302 -28.41 -21.28 5.69
CA ARG A 302 -27.53 -22.18 6.43
C ARG A 302 -27.75 -22.08 7.94
N VAL A 303 -28.03 -20.89 8.45
CA VAL A 303 -28.33 -20.75 9.87
C VAL A 303 -29.59 -21.53 10.22
N LYS A 304 -30.64 -21.42 9.39
CA LYS A 304 -31.85 -22.19 9.67
C LYS A 304 -31.57 -23.69 9.65
N ASN A 305 -30.78 -24.17 8.71
CA ASN A 305 -30.46 -25.60 8.67
C ASN A 305 -29.71 -26.06 9.91
N ALA A 306 -28.71 -25.30 10.36
CA ALA A 306 -27.99 -25.68 11.57
C ALA A 306 -28.91 -25.69 12.80
N ALA A 307 -29.78 -24.69 12.90
CA ALA A 307 -30.71 -24.64 14.02
C ALA A 307 -31.64 -25.85 14.02
N ALA A 308 -32.07 -26.30 12.84
CA ALA A 308 -32.89 -27.51 12.76
C ALA A 308 -32.10 -28.74 13.22
N ASN A 309 -30.83 -28.83 12.78
CA ASN A 309 -30.01 -29.98 13.15
C ASN A 309 -29.84 -30.09 14.66
N VAL A 310 -29.65 -28.96 15.34
CA VAL A 310 -29.46 -28.99 16.79
C VAL A 310 -30.64 -29.65 17.48
N LEU A 311 -31.86 -29.22 17.14
CA LEU A 311 -33.06 -29.78 17.76
C LEU A 311 -33.24 -31.23 17.38
N ARG A 312 -32.94 -31.61 16.14
CA ARG A 312 -33.06 -33.02 15.76
C ARG A 312 -32.16 -33.89 16.63
N GLU A 313 -30.91 -33.47 16.82
CA GLU A 313 -29.99 -34.25 17.64
C GLU A 313 -30.46 -34.32 19.10
N THR A 314 -31.06 -33.25 19.62
CA THR A 314 -31.46 -33.25 21.05
C THR A 314 -32.52 -34.30 21.31
N TRP A 315 -33.60 -34.29 20.53
CA TRP A 315 -34.72 -35.24 20.75
C TRP A 315 -34.21 -36.68 20.77
N LEU A 316 -33.50 -37.08 19.72
CA LEU A 316 -33.06 -38.49 19.62
C LEU A 316 -32.46 -38.94 20.96
N ILE A 317 -31.43 -38.24 21.45
CA ILE A 317 -30.76 -38.68 22.71
C ILE A 317 -31.84 -39.06 23.74
N TYR A 318 -32.75 -38.16 24.06
CA TYR A 318 -33.85 -38.44 25.02
C TYR A 318 -34.55 -39.72 24.58
N LYS A 319 -35.06 -39.74 23.35
CA LYS A 319 -35.82 -40.92 22.87
C LYS A 319 -35.06 -42.23 23.10
N ASN A 320 -33.76 -42.23 22.82
CA ASN A 320 -32.98 -43.50 22.88
C ASN A 320 -32.45 -43.76 24.29
N THR A 321 -32.95 -43.04 25.30
CA THR A 321 -32.37 -43.20 26.66
C THR A 321 -33.47 -43.18 27.70
N LYS A 322 -34.62 -42.56 27.40
CA LYS A 322 -35.76 -42.60 28.35
C LYS A 322 -36.89 -43.45 27.75
N LEU A 323 -37.43 -43.00 26.62
CA LEU A 323 -38.53 -43.75 25.95
C LEU A 323 -38.10 -45.21 25.70
N VAL A 324 -36.91 -45.41 25.14
CA VAL A 324 -36.46 -46.80 24.80
C VAL A 324 -36.12 -47.58 26.07
N LYS A 325 -36.34 -48.89 26.06
CA LYS A 325 -36.06 -49.73 27.26
C LYS A 325 -34.55 -49.94 27.40
N LYS A 326 -33.96 -50.84 26.61
CA LYS A 326 -32.52 -51.00 26.65
C LYS A 326 -31.80 -49.77 26.12
N ILE A 327 -30.59 -49.54 26.63
CA ILE A 327 -29.80 -48.36 26.27
C ILE A 327 -28.61 -48.84 25.46
N ASP A 328 -28.56 -48.42 24.19
CA ASP A 328 -27.41 -48.68 23.33
C ASP A 328 -26.48 -47.49 23.45
N HIS A 329 -25.40 -47.64 24.22
CA HIS A 329 -24.57 -46.50 24.58
C HIS A 329 -23.84 -45.94 23.35
N ALA A 330 -23.55 -46.80 22.37
CA ALA A 330 -22.90 -46.32 21.16
C ALA A 330 -23.77 -45.29 20.44
N LYS A 331 -25.07 -45.56 20.37
CA LYS A 331 -25.98 -44.65 19.68
C LYS A 331 -26.04 -43.30 20.39
N VAL A 332 -26.16 -43.30 21.71
CA VAL A 332 -26.27 -42.04 22.44
C VAL A 332 -24.96 -41.27 22.38
N ARG A 333 -23.82 -41.97 22.42
CA ARG A 333 -22.54 -41.28 22.27
C ARG A 333 -22.40 -40.65 20.89
N LYS A 334 -22.80 -41.37 19.84
CA LYS A 334 -22.77 -40.81 18.49
C LYS A 334 -23.66 -39.57 18.39
N HIS A 335 -24.86 -39.65 18.96
CA HIS A 335 -25.78 -38.53 18.89
C HIS A 335 -25.27 -37.34 19.69
N GLN A 336 -24.60 -37.57 20.82
CA GLN A 336 -24.00 -36.46 21.56
C GLN A 336 -22.85 -35.81 20.79
N ARG A 337 -22.03 -36.61 20.11
CA ARG A 337 -21.00 -36.04 19.25
C ARG A 337 -21.61 -35.17 18.16
N LYS A 338 -22.67 -35.68 17.52
CA LYS A 338 -23.33 -34.90 16.46
C LYS A 338 -23.97 -33.64 17.03
N PHE A 339 -24.48 -33.70 18.26
CA PHE A 339 -25.06 -32.54 18.92
C PHE A 339 -24.01 -31.45 19.12
N LEU A 340 -22.83 -31.83 19.62
CA LEU A 340 -21.75 -30.85 19.77
C LEU A 340 -21.32 -30.28 18.44
N GLN A 341 -21.21 -31.13 17.40
CA GLN A 341 -20.82 -30.65 16.09
C GLN A 341 -21.82 -29.65 15.54
N ALA A 342 -23.12 -29.93 15.71
CA ALA A 342 -24.16 -29.01 15.25
C ALA A 342 -24.08 -27.68 15.99
N ILE A 343 -23.83 -27.72 17.30
CA ILE A 343 -23.68 -26.47 18.06
C ILE A 343 -22.54 -25.64 17.50
N HIS A 344 -21.39 -26.28 17.25
CA HIS A 344 -20.26 -25.55 16.69
C HIS A 344 -20.57 -24.96 15.32
N GLN A 345 -21.23 -25.72 14.46
CA GLN A 345 -21.60 -25.20 13.14
C GLN A 345 -22.54 -23.99 13.25
N LEU A 346 -23.51 -24.08 14.17
CA LEU A 346 -24.45 -22.98 14.35
C LEU A 346 -23.73 -21.72 14.79
N ARG A 347 -22.86 -21.81 15.79
CA ARG A 347 -22.16 -20.61 16.23
C ARG A 347 -21.22 -20.08 15.15
N SER A 348 -20.61 -20.97 14.36
CA SER A 348 -19.75 -20.51 13.27
C SER A 348 -20.52 -19.71 12.24
N VAL A 349 -21.67 -20.22 11.80
CA VAL A 349 -22.43 -19.51 10.78
C VAL A 349 -23.00 -18.21 11.32
N LYS A 350 -23.40 -18.19 12.59
CA LYS A 350 -23.86 -16.94 13.19
C LYS A 350 -22.74 -15.91 13.23
N MET A 351 -21.52 -16.32 13.58
CA MET A 351 -20.40 -15.41 13.59
C MET A 351 -20.13 -14.86 12.20
N GLU A 352 -20.19 -15.73 11.17
CA GLU A 352 -19.96 -15.27 9.81
C GLU A 352 -21.01 -14.25 9.38
N GLN A 353 -22.28 -14.50 9.71
CA GLN A 353 -23.34 -13.55 9.35
C GLN A 353 -23.14 -12.22 10.06
N ARG A 354 -22.76 -12.26 11.35
CA ARG A 354 -22.52 -11.03 12.08
C ARG A 354 -21.36 -10.24 11.47
N LYS A 355 -20.29 -10.94 11.07
CA LYS A 355 -19.17 -10.26 10.43
C LYS A 355 -19.60 -9.61 9.13
N LEU A 356 -20.39 -10.31 8.33
CA LEU A 356 -20.86 -9.74 7.07
C LEU A 356 -21.70 -8.48 7.30
N ASN A 357 -22.64 -8.54 8.26
CA ASN A 357 -23.48 -7.38 8.52
C ASN A 357 -22.66 -6.22 9.10
N ASP A 358 -21.63 -6.53 9.88
CA ASP A 358 -20.79 -5.48 10.45
C ASP A 358 -19.92 -4.83 9.39
N GLN A 359 -19.44 -5.59 8.40
CA GLN A 359 -18.59 -5.03 7.36
C GLN A 359 -19.38 -4.43 6.20
N ALA A 360 -20.69 -4.69 6.12
CA ALA A 360 -21.47 -4.16 5.02
C ALA A 360 -21.46 -2.63 4.97
N ASN A 361 -21.59 -1.99 6.12
CA ASN A 361 -21.65 -0.52 6.17
C ASN A 361 -20.29 0.11 5.88
N ILE B 1 -44.76 -15.40 -19.28
CA ILE B 1 -45.40 -16.45 -20.08
C ILE B 1 -44.72 -17.78 -19.81
N GLY B 2 -45.52 -18.83 -19.66
CA GLY B 2 -45.00 -20.15 -19.37
C GLY B 2 -44.13 -20.73 -20.46
N TYR B 3 -44.58 -20.64 -21.71
CA TYR B 3 -43.83 -21.20 -22.83
C TYR B 3 -42.52 -20.47 -23.04
N LYS B 4 -42.55 -19.13 -22.95
CA LYS B 4 -41.36 -18.33 -23.24
C LYS B 4 -40.25 -18.61 -22.24
N LEU B 5 -40.60 -18.72 -20.96
CA LEU B 5 -39.59 -19.06 -19.95
C LEU B 5 -39.15 -20.51 -20.09
N GLY B 6 -40.07 -21.39 -20.46
CA GLY B 6 -39.70 -22.80 -20.64
C GLY B 6 -38.76 -23.01 -21.81
N HIS B 7 -39.00 -22.30 -22.92
CA HIS B 7 -38.11 -22.40 -24.08
C HIS B 7 -36.72 -21.87 -23.75
N ARG B 8 -36.66 -20.76 -23.01
CA ARG B 8 -35.38 -20.18 -22.64
C ARG B 8 -34.59 -21.11 -21.73
N ARG B 9 -35.26 -21.78 -20.79
CA ARG B 9 -34.58 -22.69 -19.89
C ARG B 9 -34.05 -23.92 -20.60
N ALA B 10 -34.77 -24.44 -21.60
CA ALA B 10 -34.32 -25.62 -22.32
C ALA B 10 -33.01 -25.34 -23.06
N LEU B 11 -32.92 -24.18 -23.71
CA LEU B 11 -31.69 -23.83 -24.41
C LEU B 11 -30.51 -23.71 -23.46
N PHE B 12 -30.74 -23.21 -22.25
CA PHE B 12 -29.67 -23.12 -21.26
C PHE B 12 -29.11 -24.49 -20.93
N GLU B 13 -29.98 -25.47 -20.68
CA GLU B 13 -29.54 -26.83 -20.39
C GLU B 13 -28.84 -27.47 -21.58
N LYS B 14 -29.38 -27.26 -22.78
CA LYS B 14 -28.77 -27.82 -23.98
C LYS B 14 -27.37 -27.27 -24.20
N ARG B 15 -27.19 -25.96 -23.98
CA ARG B 15 -25.87 -25.35 -24.09
C ARG B 15 -24.94 -25.81 -22.98
N LYS B 16 -25.47 -26.01 -21.76
CA LYS B 16 -24.65 -26.48 -20.66
C LYS B 16 -24.13 -27.90 -20.91
N ARG B 17 -24.98 -28.76 -21.48
CA ARG B 17 -24.57 -30.15 -21.70
C ARG B 17 -23.43 -30.24 -22.70
N LEU B 18 -23.47 -29.42 -23.76
CA LEU B 18 -22.46 -29.50 -24.82
C LEU B 18 -21.08 -29.05 -24.38
N SER B 19 -20.97 -28.28 -23.29
CA SER B 19 -19.68 -27.79 -22.83
C SER B 19 -18.86 -28.84 -22.12
N ASP B 20 -19.50 -29.83 -21.50
CA ASP B 20 -18.75 -30.87 -20.80
C ASP B 20 -18.08 -31.83 -21.77
N TYR B 21 -18.76 -32.18 -22.87
CA TYR B 21 -18.19 -33.09 -23.85
C TYR B 21 -16.94 -32.51 -24.49
N ALA B 22 -16.94 -31.20 -24.76
CA ALA B 22 -15.77 -30.57 -25.34
C ALA B 22 -14.58 -30.63 -24.39
N LEU B 23 -14.81 -30.37 -23.10
CA LEU B 23 -13.74 -30.48 -22.12
C LEU B 23 -13.21 -31.89 -22.03
N ILE B 24 -14.11 -32.88 -22.04
CA ILE B 24 -13.68 -34.28 -21.98
C ILE B 24 -12.81 -34.63 -23.18
N PHE B 25 -13.26 -34.27 -24.39
CA PHE B 25 -12.55 -34.62 -25.61
C PHE B 25 -11.29 -33.79 -25.82
N GLY B 26 -11.13 -32.68 -25.10
CA GLY B 26 -9.87 -31.95 -25.13
C GLY B 26 -8.86 -32.53 -24.16
N MET B 27 -9.29 -32.81 -22.94
CA MET B 27 -8.41 -33.40 -21.95
C MET B 27 -7.94 -34.79 -22.36
N PHE B 28 -8.81 -35.58 -22.99
CA PHE B 28 -8.39 -36.89 -23.48
C PHE B 28 -7.25 -36.76 -24.48
N GLY B 29 -7.38 -35.83 -25.43
CA GLY B 29 -6.32 -35.62 -26.40
C GLY B 29 -5.04 -35.14 -25.78
N ILE B 30 -5.14 -34.23 -24.80
CA ILE B 30 -3.92 -33.73 -24.14
C ILE B 30 -3.20 -34.86 -23.42
N VAL B 31 -3.96 -35.70 -22.68
CA VAL B 31 -3.34 -36.79 -21.94
C VAL B 31 -2.69 -37.79 -22.90
N VAL B 32 -3.39 -38.13 -24.00
CA VAL B 32 -2.81 -39.06 -24.96
C VAL B 32 -1.56 -38.48 -25.59
N MET B 33 -1.54 -37.18 -25.89
CA MET B 33 -0.34 -36.56 -26.44
C MET B 33 0.82 -36.65 -25.46
N VAL B 34 0.56 -36.39 -24.17
CA VAL B 34 1.63 -36.46 -23.18
C VAL B 34 2.19 -37.88 -23.09
N ILE B 35 1.30 -38.88 -23.08
CA ILE B 35 1.75 -40.27 -23.01
C ILE B 35 2.57 -40.64 -24.24
N GLU B 36 2.11 -40.23 -25.42
CA GLU B 36 2.84 -40.53 -26.65
C GLU B 36 4.22 -39.88 -26.66
N THR B 37 4.29 -38.62 -26.23
CA THR B 37 5.57 -37.93 -26.18
C THR B 37 6.53 -38.63 -25.23
N GLU B 38 6.04 -39.04 -24.06
CA GLU B 38 6.90 -39.71 -23.10
C GLU B 38 7.37 -41.07 -23.61
N LEU B 39 6.49 -41.84 -24.25
CA LEU B 39 6.83 -43.19 -24.65
C LEU B 39 7.56 -43.28 -25.98
N SER B 40 7.57 -42.21 -26.78
CA SER B 40 8.24 -42.23 -28.06
C SER B 40 9.73 -41.92 -27.96
N TRP B 41 10.24 -41.66 -26.75
CA TRP B 41 11.64 -41.33 -26.56
C TRP B 41 12.50 -42.55 -26.31
N GLY B 42 12.05 -43.47 -25.46
CA GLY B 42 12.85 -44.63 -25.13
C GLY B 42 12.20 -45.98 -25.36
N ALA B 43 10.87 -46.03 -25.34
CA ALA B 43 10.18 -47.32 -25.46
C ALA B 43 10.18 -47.81 -26.91
N TYR B 44 9.58 -47.04 -27.81
CA TYR B 44 9.56 -47.36 -29.23
C TYR B 44 10.02 -46.14 -30.02
N ASP B 45 10.15 -46.31 -31.32
CA ASP B 45 10.56 -45.23 -32.21
C ASP B 45 9.34 -44.65 -32.91
N LYS B 46 9.58 -43.73 -33.86
CA LYS B 46 8.52 -43.03 -34.55
C LYS B 46 8.05 -43.74 -35.82
N ALA B 47 8.60 -44.92 -36.10
CA ALA B 47 8.19 -45.70 -37.27
C ALA B 47 7.41 -46.95 -36.90
N SER B 48 7.04 -47.11 -35.63
CA SER B 48 6.31 -48.28 -35.19
C SER B 48 4.81 -48.06 -35.41
N LEU B 49 3.99 -48.95 -34.86
CA LEU B 49 2.54 -48.87 -35.02
C LEU B 49 1.84 -48.21 -33.83
N TYR B 50 2.48 -48.21 -32.65
CA TYR B 50 1.86 -47.59 -31.48
C TYR B 50 1.71 -46.08 -31.69
N SER B 51 2.72 -45.43 -32.28
CA SER B 51 2.60 -44.02 -32.60
C SER B 51 1.45 -43.77 -33.56
N LEU B 52 1.32 -44.62 -34.58
CA LEU B 52 0.23 -44.49 -35.54
C LEU B 52 -1.13 -44.58 -34.86
N ALA B 53 -1.29 -45.58 -34.00
CA ALA B 53 -2.57 -45.76 -33.31
C ALA B 53 -2.89 -44.57 -32.41
N LEU B 54 -1.90 -44.10 -31.65
CA LEU B 54 -2.15 -42.99 -30.74
C LEU B 54 -2.48 -41.71 -31.49
N LYS B 55 -1.77 -41.45 -32.60
CA LYS B 55 -2.07 -40.26 -33.38
C LYS B 55 -3.43 -40.35 -34.06
N CYS B 56 -3.84 -41.56 -34.49
CA CYS B 56 -5.18 -41.72 -35.04
C CYS B 56 -6.24 -41.42 -33.98
N LEU B 57 -6.02 -41.88 -32.75
CA LEU B 57 -6.94 -41.55 -31.66
C LEU B 57 -7.02 -40.04 -31.45
N ILE B 58 -5.87 -39.37 -31.46
CA ILE B 58 -5.84 -37.92 -31.28
C ILE B 58 -6.64 -37.23 -32.38
N SER B 59 -6.46 -37.65 -33.64
CA SER B 59 -7.17 -37.04 -34.75
C SER B 59 -8.68 -37.24 -34.62
N LEU B 60 -9.10 -38.44 -34.24
CA LEU B 60 -10.54 -38.70 -34.06
C LEU B 60 -11.13 -37.80 -32.97
N SER B 61 -10.42 -37.69 -31.84
CA SER B 61 -10.90 -36.81 -30.77
C SER B 61 -10.97 -35.37 -31.24
N THR B 62 -10.00 -34.92 -32.03
CA THR B 62 -10.02 -33.55 -32.54
C THR B 62 -11.23 -33.30 -33.43
N ILE B 63 -11.54 -34.27 -34.30
CA ILE B 63 -12.70 -34.13 -35.18
C ILE B 63 -13.98 -34.01 -34.35
N ILE B 64 -14.12 -34.88 -33.35
CA ILE B 64 -15.32 -34.83 -32.51
C ILE B 64 -15.41 -33.49 -31.78
N LEU B 65 -14.29 -32.99 -31.28
CA LEU B 65 -14.28 -31.71 -30.58
C LEU B 65 -14.70 -30.56 -31.50
N LEU B 66 -14.22 -30.56 -32.73
CA LEU B 66 -14.61 -29.51 -33.68
C LEU B 66 -16.11 -29.56 -33.95
N GLY B 67 -16.66 -30.76 -34.14
CA GLY B 67 -18.10 -30.87 -34.33
C GLY B 67 -18.88 -30.35 -33.15
N LEU B 68 -18.43 -30.69 -31.93
CA LEU B 68 -19.09 -30.20 -30.73
C LEU B 68 -19.06 -28.68 -30.63
N ILE B 69 -17.92 -28.07 -30.98
CA ILE B 69 -17.83 -26.62 -30.96
C ILE B 69 -18.82 -26.00 -31.95
N ILE B 70 -18.93 -26.57 -33.15
CA ILE B 70 -19.88 -26.03 -34.12
C ILE B 70 -21.31 -26.09 -33.60
N VAL B 71 -21.69 -27.23 -33.01
CA VAL B 71 -23.05 -27.36 -32.49
C VAL B 71 -23.29 -26.38 -31.35
N TYR B 72 -22.29 -26.20 -30.48
CA TYR B 72 -22.43 -25.26 -29.36
C TYR B 72 -22.68 -23.85 -29.88
N HIS B 73 -21.92 -23.43 -30.90
CA HIS B 73 -22.12 -22.08 -31.41
C HIS B 73 -23.47 -21.92 -32.10
N ALA B 74 -23.96 -22.97 -32.77
CA ALA B 74 -25.30 -22.91 -33.34
C ALA B 74 -26.35 -22.71 -32.25
N ARG B 75 -26.24 -23.46 -31.15
CA ARG B 75 -27.19 -23.30 -30.06
C ARG B 75 -27.10 -21.90 -29.44
N GLU B 76 -25.89 -21.36 -29.30
CA GLU B 76 -25.75 -20.02 -28.77
C GLU B 76 -26.38 -18.97 -29.68
N ILE B 77 -26.26 -19.15 -31.01
CA ILE B 77 -26.91 -18.22 -31.93
C ILE B 77 -28.43 -18.32 -31.79
N GLN B 78 -28.96 -19.53 -31.61
CA GLN B 78 -30.40 -19.67 -31.37
C GLN B 78 -30.81 -18.93 -30.10
N LEU B 79 -30.01 -19.05 -29.04
CA LEU B 79 -30.32 -18.34 -27.80
C LEU B 79 -30.29 -16.84 -28.00
N PHE B 80 -29.33 -16.34 -28.77
CA PHE B 80 -29.28 -14.91 -29.06
C PHE B 80 -30.53 -14.46 -29.81
N MET B 81 -30.96 -15.25 -30.79
CA MET B 81 -32.17 -14.91 -31.52
C MET B 81 -33.39 -14.85 -30.59
N VAL B 82 -33.47 -15.80 -29.66
CA VAL B 82 -34.60 -15.79 -28.72
C VAL B 82 -34.53 -14.58 -27.79
N ASP B 83 -33.33 -14.19 -27.37
CA ASP B 83 -33.18 -13.17 -26.33
C ASP B 83 -33.28 -11.74 -26.85
N ASN B 84 -33.41 -11.53 -28.16
CA ASN B 84 -33.49 -10.16 -28.68
C ASN B 84 -34.69 -9.93 -29.58
N GLY B 85 -35.62 -10.88 -29.64
CA GLY B 85 -36.80 -10.69 -30.48
C GLY B 85 -36.50 -10.56 -31.96
N ALA B 86 -35.57 -11.37 -32.46
CA ALA B 86 -35.20 -11.35 -33.87
C ALA B 86 -35.61 -12.66 -34.52
N ASP B 87 -36.12 -12.57 -35.75
CA ASP B 87 -36.61 -13.73 -36.47
C ASP B 87 -35.73 -14.14 -37.64
N ASP B 88 -34.53 -13.57 -37.75
CA ASP B 88 -33.58 -13.94 -38.79
C ASP B 88 -32.20 -14.08 -38.16
N TRP B 89 -31.51 -15.18 -38.49
CA TRP B 89 -30.22 -15.44 -37.85
C TRP B 89 -29.10 -14.60 -38.45
N ARG B 90 -29.29 -14.05 -39.64
CA ARG B 90 -28.24 -13.26 -40.26
C ARG B 90 -27.97 -11.97 -39.49
N ILE B 91 -28.91 -11.51 -38.67
CA ILE B 91 -28.72 -10.31 -37.87
C ILE B 91 -27.65 -10.50 -36.80
N ALA B 92 -27.43 -11.73 -36.35
CA ALA B 92 -26.48 -12.02 -35.29
C ALA B 92 -25.04 -12.11 -35.78
N MET B 93 -24.82 -12.12 -37.09
CA MET B 93 -23.49 -12.35 -37.66
C MET B 93 -22.79 -11.01 -37.87
N THR B 94 -21.94 -10.65 -36.91
CA THR B 94 -21.11 -9.46 -37.02
C THR B 94 -19.65 -9.87 -37.24
N TYR B 95 -18.82 -8.86 -37.50
CA TYR B 95 -17.40 -9.13 -37.71
C TYR B 95 -16.74 -9.67 -36.45
N GLU B 96 -17.09 -9.12 -35.28
CA GLU B 96 -16.50 -9.58 -34.03
C GLU B 96 -16.87 -11.02 -33.73
N ARG B 97 -18.14 -11.39 -33.96
CA ARG B 97 -18.58 -12.74 -33.65
C ARG B 97 -17.91 -13.77 -34.56
N ILE B 98 -17.76 -13.45 -35.85
CA ILE B 98 -17.19 -14.41 -36.78
C ILE B 98 -15.71 -14.66 -36.48
N PHE B 99 -14.99 -13.63 -36.07
CA PHE B 99 -13.55 -13.77 -35.84
C PHE B 99 -13.26 -14.75 -34.71
N PHE B 100 -14.05 -14.71 -33.64
CA PHE B 100 -13.78 -15.57 -32.49
C PHE B 100 -14.06 -17.03 -32.79
N ILE B 101 -15.07 -17.33 -33.60
CA ILE B 101 -15.33 -18.72 -33.98
C ILE B 101 -14.16 -19.28 -34.76
N CYS B 102 -13.64 -18.52 -35.73
CA CYS B 102 -12.48 -18.96 -36.49
C CYS B 102 -11.25 -19.12 -35.60
N LEU B 103 -11.08 -18.20 -34.65
CA LEU B 103 -9.96 -18.33 -33.71
C LEU B 103 -10.07 -19.62 -32.90
N GLU B 104 -11.27 -19.94 -32.41
CA GLU B 104 -11.46 -21.17 -31.65
C GLU B 104 -11.17 -22.39 -32.51
N ILE B 105 -11.65 -22.38 -33.75
CA ILE B 105 -11.40 -23.52 -34.65
C ILE B 105 -9.91 -23.70 -34.88
N LEU B 106 -9.19 -22.59 -35.13
CA LEU B 106 -7.76 -22.66 -35.38
C LEU B 106 -7.02 -23.19 -34.15
N VAL B 107 -7.40 -22.71 -32.96
CA VAL B 107 -6.74 -23.17 -31.74
C VAL B 107 -6.98 -24.65 -31.51
N CYS B 108 -8.21 -25.11 -31.71
CA CYS B 108 -8.56 -26.49 -31.43
C CYS B 108 -8.18 -27.45 -32.55
N ALA B 109 -7.72 -26.95 -33.70
CA ALA B 109 -7.40 -27.81 -34.83
C ALA B 109 -5.97 -28.32 -34.83
N ILE B 110 -5.09 -27.74 -34.03
CA ILE B 110 -3.67 -28.10 -34.06
C ILE B 110 -3.45 -29.35 -33.23
N HIS B 111 -2.80 -30.35 -33.84
CA HIS B 111 -2.48 -31.61 -33.17
C HIS B 111 -1.46 -32.35 -34.01
N PRO B 112 -0.71 -33.28 -33.42
CA PRO B 112 0.23 -34.09 -34.20
C PRO B 112 -0.46 -35.09 -35.11
N ILE B 113 -0.35 -34.89 -36.42
CA ILE B 113 -0.98 -35.77 -37.40
C ILE B 113 -0.12 -37.03 -37.58
N PRO B 114 -0.70 -38.15 -37.99
CA PRO B 114 0.10 -39.36 -38.21
C PRO B 114 1.07 -39.19 -39.37
N GLY B 115 2.21 -39.87 -39.28
CA GLY B 115 3.21 -39.83 -40.32
C GLY B 115 4.60 -39.89 -39.72
N ASN B 116 5.58 -39.50 -40.53
CA ASN B 116 6.98 -39.51 -40.11
C ASN B 116 7.67 -38.34 -40.80
N TYR B 117 7.92 -37.27 -40.04
CA TYR B 117 8.48 -36.04 -40.57
C TYR B 117 9.58 -35.55 -39.65
N THR B 118 10.67 -35.04 -40.23
CA THR B 118 11.82 -34.59 -39.47
C THR B 118 12.35 -33.28 -40.05
N PHE B 119 13.10 -32.55 -39.23
CA PHE B 119 13.75 -31.30 -39.64
C PHE B 119 15.06 -31.17 -38.88
N THR B 120 15.82 -30.13 -39.22
CA THR B 120 17.14 -29.91 -38.65
C THR B 120 17.08 -28.77 -37.65
N TRP B 121 17.66 -28.99 -36.47
CA TRP B 121 17.61 -28.05 -35.36
C TRP B 121 19.03 -27.73 -34.92
N THR B 122 19.35 -26.44 -34.80
CA THR B 122 20.66 -25.97 -34.40
C THR B 122 20.52 -25.01 -33.23
N ALA B 123 21.31 -25.22 -32.18
CA ALA B 123 21.23 -24.42 -30.97
C ALA B 123 22.63 -24.07 -30.46
N ARG B 124 22.69 -23.01 -29.68
CA ARG B 124 23.94 -22.53 -29.08
C ARG B 124 23.93 -22.84 -27.60
N LEU B 125 24.90 -23.63 -27.15
CA LEU B 125 24.91 -24.11 -25.77
C LEU B 125 25.23 -22.98 -24.80
N ALA B 126 24.77 -23.15 -23.56
CA ALA B 126 24.88 -22.13 -22.53
C ALA B 126 26.18 -22.28 -21.75
N PHE B 127 26.77 -21.12 -21.41
CA PHE B 127 27.97 -21.01 -20.58
C PHE B 127 29.21 -21.48 -21.30
N SER B 128 29.06 -22.06 -22.49
CA SER B 128 30.19 -22.53 -23.28
C SER B 128 30.16 -22.07 -24.72
N TYR B 129 29.01 -21.60 -25.22
CA TYR B 129 28.90 -20.98 -26.53
C TYR B 129 29.32 -21.94 -27.65
N ALA B 130 29.05 -23.22 -27.45
CA ALA B 130 29.39 -24.24 -28.44
C ALA B 130 28.18 -24.57 -29.30
N PRO B 131 28.36 -24.69 -30.61
CA PRO B 131 27.25 -25.07 -31.48
C PRO B 131 26.80 -26.50 -31.24
N SER B 132 25.52 -26.74 -31.51
CA SER B 132 24.94 -28.07 -31.39
C SER B 132 23.87 -28.24 -32.46
N THR B 133 23.97 -29.34 -33.22
CA THR B 133 23.05 -29.61 -34.31
C THR B 133 22.50 -31.03 -34.17
N THR B 134 21.20 -31.18 -34.42
CA THR B 134 20.55 -32.48 -34.36
C THR B 134 19.35 -32.48 -35.29
N THR B 135 18.86 -33.69 -35.58
CA THR B 135 17.64 -33.86 -36.37
C THR B 135 16.50 -34.25 -35.44
N ALA B 136 15.39 -33.51 -35.54
CA ALA B 136 14.26 -33.67 -34.64
C ALA B 136 12.99 -33.89 -35.45
N ASP B 137 11.96 -34.37 -34.77
CA ASP B 137 10.66 -34.62 -35.39
C ASP B 137 9.78 -33.38 -35.33
N VAL B 138 8.88 -33.28 -36.30
CA VAL B 138 7.98 -32.12 -36.38
C VAL B 138 6.91 -32.14 -35.29
N ASP B 139 6.56 -33.32 -34.78
CA ASP B 139 5.44 -33.45 -33.85
C ASP B 139 5.64 -32.65 -32.57
N ILE B 140 6.88 -32.35 -32.19
CA ILE B 140 7.11 -31.52 -31.01
C ILE B 140 6.63 -30.10 -31.25
N ILE B 141 6.72 -29.61 -32.49
CA ILE B 141 6.22 -28.28 -32.80
C ILE B 141 4.69 -28.23 -32.72
N LEU B 142 4.01 -29.31 -33.12
CA LEU B 142 2.56 -29.33 -33.18
C LEU B 142 1.90 -29.71 -31.86
N SER B 143 2.66 -30.26 -30.90
CA SER B 143 2.06 -30.75 -29.67
C SER B 143 2.13 -29.75 -28.51
N ILE B 144 3.13 -28.87 -28.50
CA ILE B 144 3.20 -27.87 -27.44
C ILE B 144 2.00 -26.92 -27.47
N PRO B 145 1.57 -26.38 -28.63
CA PRO B 145 0.43 -25.46 -28.62
C PRO B 145 -0.89 -26.10 -28.17
N MET B 146 -0.90 -27.42 -28.00
CA MET B 146 -2.12 -28.11 -27.60
C MET B 146 -2.59 -27.72 -26.20
N PHE B 147 -1.73 -27.10 -25.39
CA PHE B 147 -2.12 -26.65 -24.06
C PHE B 147 -3.08 -25.45 -24.09
N LEU B 148 -3.28 -24.84 -25.26
CA LEU B 148 -4.23 -23.73 -25.37
C LEU B 148 -5.68 -24.16 -25.21
N ARG B 149 -5.95 -25.47 -25.22
CA ARG B 149 -7.29 -26.01 -25.02
C ARG B 149 -7.78 -25.87 -23.60
N LEU B 150 -7.05 -25.21 -22.72
CA LEU B 150 -7.45 -25.06 -21.32
C LEU B 150 -8.45 -23.94 -21.10
N TYR B 151 -8.78 -23.18 -22.14
CA TYR B 151 -9.78 -22.12 -21.99
C TYR B 151 -11.18 -22.67 -21.83
N LEU B 152 -11.39 -23.97 -22.07
CA LEU B 152 -12.71 -24.58 -21.89
C LEU B 152 -13.07 -24.76 -20.43
N ILE B 153 -12.08 -24.83 -19.54
CA ILE B 153 -12.36 -24.96 -18.11
C ILE B 153 -13.08 -23.73 -17.59
N ALA B 154 -12.67 -22.54 -18.06
CA ALA B 154 -13.34 -21.31 -17.67
C ALA B 154 -14.80 -21.31 -18.13
N ARG B 155 -15.04 -21.76 -19.36
CA ARG B 155 -16.40 -21.83 -19.89
C ARG B 155 -17.26 -22.79 -19.07
N VAL B 156 -16.70 -23.96 -18.73
CA VAL B 156 -17.44 -24.93 -17.92
C VAL B 156 -17.72 -24.38 -16.53
N MET B 157 -16.76 -23.68 -15.93
CA MET B 157 -16.99 -23.08 -14.62
C MET B 157 -18.05 -22.00 -14.67
N LEU B 158 -18.07 -21.21 -15.75
CA LEU B 158 -19.07 -20.15 -15.88
C LEU B 158 -20.46 -20.74 -16.06
N LEU B 159 -20.60 -21.74 -16.93
CA LEU B 159 -21.94 -22.31 -17.17
C LEU B 159 -22.45 -23.11 -15.98
N HIS B 160 -21.57 -23.59 -15.10
CA HIS B 160 -21.96 -24.29 -13.89
C HIS B 160 -22.00 -23.39 -12.67
N SER B 161 -21.82 -22.08 -12.85
CA SER B 161 -21.78 -21.17 -11.73
C SER B 161 -23.12 -21.08 -11.03
N LYS B 162 -23.09 -21.04 -9.70
CA LYS B 162 -24.32 -20.94 -8.93
C LYS B 162 -25.05 -19.62 -9.22
N LEU B 163 -24.30 -18.52 -9.32
CA LEU B 163 -24.91 -17.24 -9.64
C LEU B 163 -25.50 -17.25 -11.04
N PHE B 164 -24.82 -17.88 -12.00
CA PHE B 164 -25.29 -17.91 -13.38
C PHE B 164 -26.55 -18.73 -13.53
N THR B 165 -26.75 -19.74 -12.67
CA THR B 165 -27.88 -20.66 -12.82
C THR B 165 -28.79 -20.65 -11.60
N ASP B 166 -29.13 -19.47 -11.10
CA ASP B 166 -30.04 -19.34 -9.97
C ASP B 166 -31.10 -18.30 -10.32
N ALA B 167 -32.37 -18.68 -10.21
CA ALA B 167 -33.46 -17.80 -10.63
C ALA B 167 -33.47 -16.51 -9.81
N SER B 168 -33.28 -16.63 -8.50
CA SER B 168 -33.27 -15.43 -7.65
C SER B 168 -32.10 -14.52 -8.01
N SER B 169 -30.94 -15.10 -8.33
CA SER B 169 -29.79 -14.29 -8.70
C SER B 169 -30.07 -13.46 -9.95
N ARG B 170 -30.64 -14.10 -10.98
CA ARG B 170 -30.98 -13.37 -12.20
C ARG B 170 -32.04 -12.32 -11.94
N SER B 171 -33.04 -12.67 -11.12
CA SER B 171 -34.12 -11.73 -10.83
C SER B 171 -33.60 -10.49 -10.12
N ILE B 172 -32.69 -10.67 -9.17
CA ILE B 172 -32.12 -9.52 -8.47
C ILE B 172 -31.19 -8.73 -9.39
N GLY B 173 -30.38 -9.43 -10.19
CA GLY B 173 -29.44 -8.74 -11.07
C GLY B 173 -30.14 -7.92 -12.14
N ALA B 174 -31.30 -8.38 -12.61
CA ALA B 174 -32.03 -7.64 -13.63
C ALA B 174 -32.45 -6.27 -13.11
N LEU B 175 -32.88 -6.20 -11.85
CA LEU B 175 -33.30 -4.92 -11.27
C LEU B 175 -32.14 -3.94 -11.15
N ASN B 176 -30.90 -4.42 -11.16
CA ASN B 176 -29.73 -3.56 -11.02
C ASN B 176 -28.91 -3.46 -12.30
N LYS B 177 -29.33 -4.13 -13.38
CA LYS B 177 -28.66 -4.07 -14.67
C LYS B 177 -27.20 -4.52 -14.56
N ILE B 178 -27.02 -5.79 -14.19
CA ILE B 178 -25.72 -6.40 -14.01
C ILE B 178 -25.48 -7.40 -15.12
N ASN B 179 -24.33 -7.32 -15.76
CA ASN B 179 -23.96 -8.23 -16.84
C ASN B 179 -23.26 -9.45 -16.25
N PHE B 180 -23.87 -10.62 -16.42
CA PHE B 180 -23.34 -11.87 -15.88
C PHE B 180 -22.38 -12.50 -16.88
N ASN B 181 -21.20 -11.91 -16.97
CA ASN B 181 -20.16 -12.36 -17.89
C ASN B 181 -19.10 -13.15 -17.12
N THR B 182 -18.04 -13.54 -17.83
CA THR B 182 -16.97 -14.31 -17.20
C THR B 182 -16.18 -13.46 -16.20
N ARG B 183 -16.01 -12.18 -16.51
CA ARG B 183 -15.23 -11.30 -15.63
C ARG B 183 -15.89 -11.16 -14.26
N PHE B 184 -17.21 -11.08 -14.23
CA PHE B 184 -17.92 -10.92 -12.95
C PHE B 184 -17.67 -12.11 -12.02
N VAL B 185 -17.73 -13.33 -12.57
CA VAL B 185 -17.53 -14.53 -11.75
C VAL B 185 -16.11 -14.58 -11.21
N MET B 186 -15.13 -14.23 -12.04
CA MET B 186 -13.74 -14.24 -11.59
C MET B 186 -13.51 -13.25 -10.47
N LYS B 187 -14.09 -12.05 -10.60
CA LYS B 187 -13.95 -11.04 -9.55
C LYS B 187 -14.64 -11.49 -8.26
N THR B 188 -15.80 -12.14 -8.39
CA THR B 188 -16.49 -12.66 -7.22
C THR B 188 -15.64 -13.73 -6.52
N LEU B 189 -15.05 -14.63 -7.29
CA LEU B 189 -14.20 -15.66 -6.71
C LEU B 189 -12.97 -15.05 -6.03
N MET B 190 -12.39 -14.03 -6.64
CA MET B 190 -11.26 -13.35 -6.01
C MET B 190 -11.67 -12.66 -4.72
N THR B 191 -12.85 -12.06 -4.67
CA THR B 191 -13.31 -11.43 -3.44
C THR B 191 -13.57 -12.47 -2.35
N ILE B 192 -14.12 -13.62 -2.71
CA ILE B 192 -14.48 -14.62 -1.71
C ILE B 192 -13.24 -15.36 -1.21
N CYS B 193 -12.57 -16.10 -2.10
CA CYS B 193 -11.46 -16.98 -1.73
C CYS B 193 -10.28 -16.78 -2.69
N PRO B 194 -9.49 -15.72 -2.49
CA PRO B 194 -8.36 -15.49 -3.40
C PRO B 194 -7.23 -16.48 -3.22
N GLY B 195 -6.98 -16.93 -1.99
CA GLY B 195 -5.83 -17.79 -1.75
C GLY B 195 -5.93 -19.13 -2.47
N THR B 196 -7.13 -19.71 -2.48
CA THR B 196 -7.32 -20.99 -3.18
C THR B 196 -7.05 -20.85 -4.67
N VAL B 197 -7.57 -19.77 -5.27
CA VAL B 197 -7.37 -19.52 -6.69
C VAL B 197 -5.88 -19.36 -6.99
N LEU B 198 -5.20 -18.56 -6.17
CA LEU B 198 -3.77 -18.35 -6.38
C LEU B 198 -2.98 -19.64 -6.26
N LEU B 199 -3.29 -20.46 -5.25
CA LEU B 199 -2.57 -21.71 -5.06
C LEU B 199 -2.79 -22.66 -6.23
N VAL B 200 -4.04 -22.83 -6.66
CA VAL B 200 -4.32 -23.76 -7.76
C VAL B 200 -3.65 -23.28 -9.04
N PHE B 201 -3.75 -21.99 -9.34
CA PHE B 201 -3.13 -21.46 -10.54
C PHE B 201 -1.62 -21.65 -10.51
N SER B 202 -0.98 -21.37 -9.36
CA SER B 202 0.46 -21.52 -9.26
C SER B 202 0.90 -22.96 -9.43
N ILE B 203 0.22 -23.91 -8.78
CA ILE B 203 0.62 -25.31 -8.90
C ILE B 203 0.44 -25.82 -10.33
N SER B 204 -0.69 -25.50 -10.97
CA SER B 204 -0.91 -25.96 -12.34
C SER B 204 0.14 -25.37 -13.29
N LEU B 205 0.40 -24.07 -13.17
CA LEU B 205 1.41 -23.45 -14.01
C LEU B 205 2.79 -24.06 -13.76
N TRP B 206 3.12 -24.31 -12.49
CA TRP B 206 4.40 -24.93 -12.16
C TRP B 206 4.58 -26.25 -12.88
N ILE B 207 3.62 -27.16 -12.74
CA ILE B 207 3.77 -28.48 -13.33
C ILE B 207 3.82 -28.40 -14.85
N ILE B 208 2.90 -27.64 -15.45
CA ILE B 208 2.84 -27.58 -16.91
C ILE B 208 4.11 -26.96 -17.48
N ALA B 209 4.58 -25.86 -16.90
CA ALA B 209 5.77 -25.19 -17.40
C ALA B 209 7.01 -26.06 -17.24
N ALA B 210 7.13 -26.77 -16.11
CA ALA B 210 8.27 -27.65 -15.95
C ALA B 210 8.27 -28.76 -16.99
N TRP B 211 7.11 -29.37 -17.25
CA TRP B 211 7.06 -30.42 -18.27
C TRP B 211 7.41 -29.86 -19.64
N THR B 212 6.90 -28.67 -19.97
CA THR B 212 7.20 -28.07 -21.27
C THR B 212 8.69 -27.78 -21.43
N VAL B 213 9.32 -27.26 -20.37
CA VAL B 213 10.75 -26.97 -20.43
C VAL B 213 11.53 -28.25 -20.64
N ARG B 214 11.19 -29.31 -19.91
CA ARG B 214 11.88 -30.58 -20.10
C ARG B 214 11.71 -31.11 -21.52
N ALA B 215 10.50 -31.00 -22.07
CA ALA B 215 10.25 -31.46 -23.43
C ALA B 215 11.06 -30.69 -24.46
N CYS B 216 11.18 -29.37 -24.31
CA CYS B 216 12.00 -28.61 -25.24
C CYS B 216 13.50 -28.86 -25.03
N GLU B 217 13.92 -29.16 -23.81
CA GLU B 217 15.34 -29.32 -23.53
C GLU B 217 15.84 -30.74 -23.76
N ARG B 218 14.95 -31.71 -24.04
CA ARG B 218 15.41 -33.07 -24.29
C ARG B 218 16.44 -33.15 -25.42
N TYR B 219 16.24 -32.38 -26.50
CA TYR B 219 16.95 -32.62 -27.74
C TYR B 219 18.41 -32.18 -27.72
N HIS B 220 18.76 -31.19 -26.89
CA HIS B 220 20.10 -30.62 -26.93
C HIS B 220 20.86 -30.78 -25.62
N ASP B 221 20.32 -31.52 -24.66
CA ASP B 221 20.98 -31.72 -23.36
C ASP B 221 21.51 -33.14 -23.30
N GLN B 222 22.84 -33.27 -23.29
CA GLN B 222 23.50 -34.57 -23.18
C GLN B 222 24.23 -34.72 -21.84
N GLN B 223 23.79 -33.97 -20.83
CA GLN B 223 24.45 -34.01 -19.53
C GLN B 223 23.48 -34.10 -18.36
N ASP B 224 22.17 -34.23 -18.62
CA ASP B 224 21.16 -34.41 -17.57
C ASP B 224 21.15 -33.22 -16.61
N VAL B 225 20.90 -32.04 -17.17
CA VAL B 225 20.84 -30.82 -16.37
C VAL B 225 19.45 -30.19 -16.49
N THR B 226 19.08 -29.78 -17.70
CA THR B 226 17.79 -29.14 -17.93
C THR B 226 16.73 -30.11 -18.43
N SER B 227 17.10 -31.34 -18.77
CA SER B 227 16.12 -32.36 -19.12
C SER B 227 15.65 -33.16 -17.91
N ASN B 228 16.23 -32.94 -16.74
CA ASN B 228 15.77 -33.57 -15.52
C ASN B 228 14.48 -32.90 -15.04
N PHE B 229 13.54 -33.71 -14.56
CA PHE B 229 12.25 -33.16 -14.15
C PHE B 229 12.34 -32.37 -12.86
N LEU B 230 13.07 -32.90 -11.86
CA LEU B 230 13.25 -32.16 -10.61
C LEU B 230 14.05 -30.89 -10.83
N GLY B 231 15.08 -30.95 -11.69
CA GLY B 231 15.81 -29.74 -12.02
C GLY B 231 14.94 -28.70 -12.68
N ALA B 232 14.05 -29.13 -13.58
CA ALA B 232 13.11 -28.21 -14.21
C ALA B 232 12.16 -27.60 -13.18
N MET B 233 11.69 -28.41 -12.24
CA MET B 233 10.83 -27.88 -11.19
C MET B 233 11.56 -26.81 -10.36
N TRP B 234 12.80 -27.09 -9.99
CA TRP B 234 13.57 -26.12 -9.21
C TRP B 234 13.85 -24.85 -10.01
N LEU B 235 14.16 -24.98 -11.30
CA LEU B 235 14.41 -23.82 -12.15
C LEU B 235 13.17 -22.95 -12.26
N ILE B 236 12.01 -23.58 -12.47
CA ILE B 236 10.76 -22.82 -12.55
C ILE B 236 10.47 -22.13 -11.24
N SER B 237 10.70 -22.82 -10.11
CA SER B 237 10.44 -22.21 -8.81
C SER B 237 11.33 -21.00 -8.56
N ILE B 238 12.62 -21.09 -8.91
CA ILE B 238 13.52 -19.98 -8.65
C ILE B 238 13.38 -18.85 -9.67
N THR B 239 12.85 -19.14 -10.86
CA THR B 239 12.52 -18.06 -11.79
C THR B 239 11.23 -17.36 -11.39
N PHE B 240 10.27 -18.10 -10.83
CA PHE B 240 9.02 -17.50 -10.35
C PHE B 240 9.30 -16.50 -9.24
N LEU B 241 10.19 -16.85 -8.31
CA LEU B 241 10.53 -15.98 -7.20
C LEU B 241 11.56 -14.92 -7.57
N SER B 242 12.13 -14.99 -8.78
CA SER B 242 13.11 -14.02 -9.26
C SER B 242 14.37 -14.01 -8.41
N ILE B 243 14.90 -15.19 -8.11
CA ILE B 243 16.17 -15.29 -7.40
C ILE B 243 17.34 -15.37 -8.37
N GLY B 244 17.18 -16.08 -9.46
CA GLY B 244 18.22 -16.17 -10.47
C GLY B 244 18.06 -17.44 -11.27
N TYR B 245 19.08 -17.69 -12.11
CA TYR B 245 19.12 -18.89 -12.95
C TYR B 245 20.09 -19.94 -12.45
N GLY B 246 21.07 -19.57 -11.62
CA GLY B 246 22.11 -20.51 -11.25
C GLY B 246 22.89 -20.94 -12.47
N ASP B 247 23.11 -22.26 -12.59
CA ASP B 247 23.72 -22.85 -13.76
C ASP B 247 22.71 -23.63 -14.60
N MET B 248 21.47 -23.15 -14.62
CA MET B 248 20.36 -23.85 -15.25
C MET B 248 19.79 -23.04 -16.41
N VAL B 249 20.65 -22.32 -17.12
CA VAL B 249 20.18 -21.54 -18.28
C VAL B 249 19.86 -22.50 -19.43
N PRO B 250 18.69 -22.37 -20.05
CA PRO B 250 18.36 -23.26 -21.17
C PRO B 250 19.21 -22.97 -22.40
N ASN B 251 19.37 -24.01 -23.22
CA ASN B 251 20.06 -23.90 -24.50
C ASN B 251 19.09 -23.68 -25.65
N THR B 252 17.80 -23.51 -25.36
CA THR B 252 16.76 -23.41 -26.37
C THR B 252 15.90 -22.18 -26.10
N TYR B 253 15.41 -21.56 -27.17
CA TYR B 253 14.54 -20.40 -27.04
C TYR B 253 13.18 -20.75 -26.46
N CYS B 254 12.73 -22.00 -26.59
CA CYS B 254 11.49 -22.43 -25.94
C CYS B 254 11.61 -22.30 -24.42
N GLY B 255 12.71 -22.79 -23.85
CA GLY B 255 12.91 -22.65 -22.42
C GLY B 255 13.03 -21.20 -22.00
N LYS B 256 13.68 -20.37 -22.82
CA LYS B 256 13.79 -18.95 -22.50
C LYS B 256 12.42 -18.28 -22.48
N GLY B 257 11.57 -18.60 -23.46
CA GLY B 257 10.23 -18.03 -23.47
C GLY B 257 9.41 -18.48 -22.28
N VAL B 258 9.49 -19.76 -21.93
CA VAL B 258 8.77 -20.25 -20.76
C VAL B 258 9.25 -19.58 -19.49
N CYS B 259 10.57 -19.39 -19.34
CA CYS B 259 11.10 -18.70 -18.17
C CYS B 259 10.63 -17.25 -18.12
N LEU B 260 10.59 -16.58 -19.27
CA LEU B 260 10.10 -15.20 -19.30
C LEU B 260 8.64 -15.12 -18.88
N LEU B 261 7.81 -16.03 -19.37
CA LEU B 261 6.41 -16.07 -18.95
C LEU B 261 6.27 -16.34 -17.46
N THR B 262 7.07 -17.27 -16.93
CA THR B 262 7.02 -17.58 -15.51
C THR B 262 7.40 -16.37 -14.66
N GLY B 263 8.45 -15.65 -15.07
CA GLY B 263 8.83 -14.45 -14.35
C GLY B 263 7.77 -13.37 -14.40
N ILE B 264 7.15 -13.16 -15.57
CA ILE B 264 6.09 -12.17 -15.68
C ILE B 264 4.93 -12.52 -14.76
N MET B 265 4.52 -13.79 -14.74
CA MET B 265 3.42 -14.19 -13.85
C MET B 265 3.79 -14.02 -12.38
N GLY B 266 5.01 -14.43 -12.01
CA GLY B 266 5.43 -14.33 -10.62
C GLY B 266 5.49 -12.91 -10.11
N ALA B 267 5.87 -11.97 -10.99
CA ALA B 267 5.99 -10.57 -10.57
C ALA B 267 4.70 -10.07 -9.94
N GLY B 268 3.55 -10.49 -10.47
CA GLY B 268 2.27 -10.08 -9.92
C GLY B 268 1.73 -11.01 -8.86
N CYS B 269 1.96 -12.32 -9.04
CA CYS B 269 1.44 -13.29 -8.08
C CYS B 269 2.06 -13.08 -6.69
N THR B 270 3.35 -12.75 -6.64
CA THR B 270 3.99 -12.54 -5.35
C THR B 270 3.33 -11.38 -4.60
N ALA B 271 3.09 -10.26 -5.30
CA ALA B 271 2.47 -9.11 -4.66
C ALA B 271 1.06 -9.43 -4.18
N LEU B 272 0.29 -10.13 -5.01
CA LEU B 272 -1.08 -10.47 -4.61
C LEU B 272 -1.08 -11.36 -3.36
N VAL B 273 -0.20 -12.37 -3.33
CA VAL B 273 -0.15 -13.28 -2.20
C VAL B 273 0.28 -12.53 -0.94
N VAL B 274 1.26 -11.64 -1.08
CA VAL B 274 1.73 -10.86 0.08
C VAL B 274 0.60 -9.99 0.62
N ALA B 275 -0.16 -9.34 -0.27
CA ALA B 275 -1.27 -8.52 0.19
C ALA B 275 -2.31 -9.36 0.92
N VAL B 276 -2.62 -10.55 0.39
CA VAL B 276 -3.60 -11.41 1.05
C VAL B 276 -3.12 -11.82 2.43
N VAL B 277 -1.84 -12.21 2.54
CA VAL B 277 -1.29 -12.64 3.82
C VAL B 277 -1.32 -11.49 4.82
N ALA B 278 -0.95 -10.29 4.38
CA ALA B 278 -0.98 -9.13 5.26
C ALA B 278 -2.40 -8.84 5.74
N ARG B 279 -3.38 -9.00 4.85
CA ARG B 279 -4.77 -8.78 5.25
C ARG B 279 -5.25 -9.82 6.24
N LYS B 280 -4.78 -11.07 6.12
CA LYS B 280 -5.26 -12.13 6.99
C LYS B 280 -4.66 -12.12 8.39
N LEU B 281 -3.66 -11.29 8.65
CA LEU B 281 -2.98 -11.27 9.94
C LEU B 281 -3.53 -10.22 10.91
N GLU B 282 -4.55 -9.46 10.51
CA GLU B 282 -5.06 -8.39 11.33
C GLU B 282 -6.14 -8.88 12.28
N LEU B 283 -6.27 -8.19 13.41
CA LEU B 283 -7.34 -8.50 14.35
C LEU B 283 -8.67 -8.02 13.79
N THR B 284 -9.75 -8.65 14.26
CA THR B 284 -11.09 -8.33 13.81
C THR B 284 -11.82 -7.51 14.86
N LYS B 285 -13.09 -7.22 14.58
CA LYS B 285 -13.94 -6.57 15.57
C LYS B 285 -14.15 -7.50 16.77
N ALA B 286 -14.45 -6.88 17.91
CA ALA B 286 -14.68 -7.57 19.18
C ALA B 286 -13.41 -8.20 19.73
N GLU B 287 -12.31 -8.08 18.98
CA GLU B 287 -10.98 -8.46 19.48
C GLU B 287 -10.15 -7.26 19.89
N LYS B 288 -10.17 -6.20 19.07
CA LYS B 288 -9.53 -4.95 19.47
C LYS B 288 -10.21 -4.39 20.71
N HIS B 289 -11.53 -4.53 20.81
CA HIS B 289 -12.25 -4.04 21.98
C HIS B 289 -11.80 -4.76 23.24
N VAL B 290 -11.55 -6.06 23.15
CA VAL B 290 -11.06 -6.81 24.31
C VAL B 290 -9.61 -6.43 24.61
N HIS B 291 -8.78 -6.27 23.58
CA HIS B 291 -7.37 -5.94 23.79
C HIS B 291 -7.20 -4.58 24.46
N ASN B 292 -7.96 -3.58 24.01
CA ASN B 292 -7.79 -2.23 24.53
C ASN B 292 -8.15 -2.14 26.01
N PHE B 293 -9.14 -2.92 26.45
CA PHE B 293 -9.54 -2.91 27.85
C PHE B 293 -8.39 -3.36 28.74
N MET B 294 -7.75 -4.48 28.38
CA MET B 294 -6.61 -4.96 29.16
C MET B 294 -5.44 -3.99 29.09
N MET B 295 -5.20 -3.39 27.92
CA MET B 295 -4.13 -2.40 27.80
C MET B 295 -4.37 -1.24 28.76
N ASP B 296 -5.62 -0.75 28.82
CA ASP B 296 -5.94 0.35 29.72
C ASP B 296 -5.73 -0.05 31.18
N THR B 297 -6.13 -1.27 31.54
CA THR B 297 -5.93 -1.72 32.92
C THR B 297 -4.44 -1.75 33.28
N GLN B 298 -3.61 -2.32 32.41
CA GLN B 298 -2.17 -2.38 32.67
C GLN B 298 -1.57 -0.98 32.79
N LEU B 299 -1.98 -0.07 31.90
CA LEU B 299 -1.45 1.29 31.95
C LEU B 299 -1.84 1.99 33.24
N THR B 300 -3.08 1.80 33.70
CA THR B 300 -3.50 2.38 34.97
C THR B 300 -2.64 1.87 36.13
N LYS B 301 -2.42 0.56 36.17
CA LYS B 301 -1.61 -0.01 37.24
C LYS B 301 -0.19 0.55 37.22
N ARG B 302 0.42 0.65 36.03
CA ARG B 302 1.78 1.13 35.96
C ARG B 302 1.89 2.62 36.29
N VAL B 303 0.89 3.41 35.92
CA VAL B 303 0.89 4.83 36.30
C VAL B 303 0.83 4.97 37.82
N LYS B 304 -0.05 4.19 38.47
CA LYS B 304 -0.11 4.25 39.92
C LYS B 304 1.21 3.86 40.57
N ASN B 305 1.85 2.80 40.07
CA ASN B 305 3.14 2.40 40.60
C ASN B 305 4.20 3.48 40.44
N ALA B 306 4.24 4.14 39.27
CA ALA B 306 5.22 5.20 39.05
C ALA B 306 4.99 6.37 40.00
N ALA B 307 3.74 6.76 40.20
CA ALA B 307 3.47 7.86 41.14
C ALA B 307 3.90 7.49 42.55
N ALA B 308 3.63 6.25 42.97
CA ALA B 308 4.06 5.81 44.29
C ALA B 308 5.58 5.88 44.42
N ASN B 309 6.29 5.45 43.37
CA ASN B 309 7.75 5.53 43.39
C ASN B 309 8.24 6.97 43.54
N VAL B 310 7.61 7.89 42.82
CA VAL B 310 8.01 9.30 42.89
C VAL B 310 7.85 9.82 44.32
N LEU B 311 6.68 9.55 44.92
CA LEU B 311 6.46 10.03 46.29
C LEU B 311 7.44 9.41 47.28
N ARG B 312 7.72 8.10 47.14
CA ARG B 312 8.65 7.45 48.04
C ARG B 312 10.04 8.07 47.94
N GLU B 313 10.50 8.33 46.72
CA GLU B 313 11.82 8.92 46.55
C GLU B 313 11.88 10.32 47.14
N THR B 314 10.82 11.11 46.95
CA THR B 314 10.79 12.45 47.54
C THR B 314 10.89 12.38 49.06
N TRP B 315 10.11 11.49 49.68
CA TRP B 315 10.15 11.37 51.13
C TRP B 315 11.53 10.92 51.60
N LEU B 316 12.15 9.97 50.90
CA LEU B 316 13.46 9.49 51.31
C LEU B 316 14.51 10.59 51.23
N ILE B 317 14.47 11.39 50.17
CA ILE B 317 15.41 12.51 50.06
C ILE B 317 15.22 13.48 51.22
N TYR B 318 13.96 13.83 51.51
CA TYR B 318 13.71 14.79 52.58
C TYR B 318 14.18 14.23 53.93
N LYS B 319 13.94 12.94 54.17
CA LYS B 319 14.36 12.34 55.44
C LYS B 319 15.87 12.34 55.57
N ASN B 320 16.58 11.89 54.53
CA ASN B 320 18.03 11.79 54.62
C ASN B 320 18.71 13.15 54.65
N THR B 321 18.06 14.20 54.15
CA THR B 321 18.73 15.50 54.12
C THR B 321 18.52 16.33 55.38
N LYS B 322 17.43 16.11 56.11
CA LYS B 322 17.12 16.96 57.27
C LYS B 322 17.06 16.18 58.58
N LEU B 323 16.27 15.10 58.63
CA LEU B 323 16.01 14.43 59.90
C LEU B 323 17.29 13.84 60.50
N VAL B 324 18.09 13.18 59.67
CA VAL B 324 19.33 12.58 60.16
C VAL B 324 20.38 13.66 60.37
N LYS B 325 21.14 13.54 61.46
CA LYS B 325 22.10 14.57 61.84
C LYS B 325 23.25 14.67 60.84
N LYS B 326 24.02 13.60 60.71
CA LYS B 326 25.04 13.56 59.67
C LYS B 326 24.40 13.34 58.30
N ILE B 327 25.10 13.78 57.27
CA ILE B 327 24.60 13.68 55.90
C ILE B 327 25.55 12.76 55.13
N ASP B 328 25.02 11.65 54.65
CA ASP B 328 25.76 10.75 53.77
C ASP B 328 25.43 11.12 52.33
N HIS B 329 26.38 11.76 51.65
CA HIS B 329 26.10 12.35 50.35
C HIS B 329 25.81 11.28 49.30
N ALA B 330 26.40 10.10 49.44
CA ALA B 330 26.15 9.03 48.48
C ALA B 330 24.68 8.64 48.49
N LYS B 331 24.08 8.53 49.68
CA LYS B 331 22.68 8.12 49.78
C LYS B 331 21.77 9.15 49.12
N VAL B 332 21.99 10.44 49.40
CA VAL B 332 21.11 11.46 48.84
C VAL B 332 21.30 11.58 47.34
N ARG B 333 22.53 11.40 46.85
CA ARG B 333 22.75 11.41 45.41
C ARG B 333 22.05 10.24 44.73
N LYS B 334 22.13 9.05 45.32
CA LYS B 334 21.44 7.89 44.77
C LYS B 334 19.93 8.12 44.75
N HIS B 335 19.39 8.68 45.83
CA HIS B 335 17.95 8.92 45.89
C HIS B 335 17.52 9.98 44.89
N GLN B 336 18.34 11.00 44.65
CA GLN B 336 18.01 11.99 43.63
C GLN B 336 18.05 11.39 42.23
N ARG B 337 19.01 10.52 41.94
CA ARG B 337 19.02 9.81 40.66
C ARG B 337 17.76 8.99 40.48
N LYS B 338 17.37 8.25 41.54
CA LYS B 338 16.15 7.45 41.45
C LYS B 338 14.91 8.32 41.29
N PHE B 339 14.91 9.49 41.92
CA PHE B 339 13.81 10.45 41.79
C PHE B 339 13.65 10.90 40.34
N LEU B 340 14.76 11.27 39.69
CA LEU B 340 14.70 11.66 38.30
C LEU B 340 14.24 10.50 37.41
N GLN B 341 14.73 9.29 37.67
CA GLN B 341 14.33 8.13 36.89
C GLN B 341 12.83 7.87 37.02
N ALA B 342 12.30 7.99 38.24
CA ALA B 342 10.88 7.78 38.46
C ALA B 342 10.04 8.83 37.74
N ILE B 343 10.52 10.08 37.75
CA ILE B 343 9.82 11.13 37.01
C ILE B 343 9.75 10.80 35.52
N HIS B 344 10.87 10.37 34.95
CA HIS B 344 10.88 10.01 33.54
C HIS B 344 9.95 8.84 33.25
N GLN B 345 9.94 7.81 34.10
CA GLN B 345 9.03 6.69 33.91
C GLN B 345 7.57 7.13 33.97
N LEU B 346 7.25 8.01 34.91
CA LEU B 346 5.87 8.49 35.04
C LEU B 346 5.43 9.22 33.78
N ARG B 347 6.25 10.15 33.29
CA ARG B 347 5.84 10.86 32.08
C ARG B 347 5.78 9.92 30.87
N SER B 348 6.66 8.92 30.80
CA SER B 348 6.60 7.96 29.70
C SER B 348 5.29 7.19 29.70
N VAL B 349 4.88 6.68 30.86
CA VAL B 349 3.64 5.90 30.91
C VAL B 349 2.42 6.80 30.65
N LYS B 350 2.47 8.05 31.12
CA LYS B 350 1.39 8.98 30.81
C LYS B 350 1.27 9.20 29.31
N MET B 351 2.40 9.39 28.63
CA MET B 351 2.38 9.58 27.18
C MET B 351 1.83 8.34 26.48
N GLU B 352 2.24 7.16 26.95
CA GLU B 352 1.74 5.93 26.33
C GLU B 352 0.23 5.80 26.50
N GLN B 353 -0.29 6.12 27.68
CA GLN B 353 -1.73 6.05 27.89
C GLN B 353 -2.47 7.04 27.01
N ARG B 354 -1.94 8.25 26.87
CA ARG B 354 -2.56 9.25 26.00
C ARG B 354 -2.58 8.77 24.55
N LYS B 355 -1.48 8.17 24.11
CA LYS B 355 -1.42 7.64 22.74
C LYS B 355 -2.44 6.52 22.54
N LEU B 356 -2.57 5.63 23.53
CA LEU B 356 -3.56 4.55 23.41
C LEU B 356 -4.97 5.10 23.32
N ASN B 357 -5.29 6.11 24.16
CA ASN B 357 -6.63 6.69 24.09
C ASN B 357 -6.87 7.37 22.75
N ASP B 358 -5.86 8.07 22.21
CA ASP B 358 -6.00 8.72 20.91
C ASP B 358 -6.23 7.67 19.81
N GLN B 359 -5.50 6.57 19.88
CA GLN B 359 -5.69 5.49 18.90
C GLN B 359 -7.09 4.90 19.00
N ALA B 360 -7.56 4.69 20.24
CA ALA B 360 -8.89 4.13 20.43
C ALA B 360 -10.00 5.11 20.07
N ASN B 361 -9.69 6.40 19.97
CA ASN B 361 -10.67 7.40 19.55
C ASN B 361 -11.25 7.08 18.17
N ILE C 1 -19.27 -21.93 41.99
CA ILE C 1 -19.05 -22.96 42.98
C ILE C 1 -17.56 -23.06 43.29
N GLY C 2 -17.24 -23.25 44.57
CA GLY C 2 -15.87 -23.32 45.01
C GLY C 2 -15.10 -24.50 44.46
N TYR C 3 -15.69 -25.69 44.50
CA TYR C 3 -15.01 -26.88 44.02
C TYR C 3 -14.83 -26.84 42.51
N LYS C 4 -15.86 -26.40 41.79
CA LYS C 4 -15.82 -26.45 40.33
C LYS C 4 -14.72 -25.55 39.78
N LEU C 5 -14.60 -24.34 40.32
CA LEU C 5 -13.54 -23.44 39.87
C LEU C 5 -12.18 -23.92 40.34
N GLY C 6 -12.11 -24.48 41.54
CA GLY C 6 -10.85 -25.01 42.04
C GLY C 6 -10.36 -26.21 41.26
N HIS C 7 -11.29 -27.06 40.83
CA HIS C 7 -10.91 -28.23 40.04
C HIS C 7 -10.33 -27.82 38.69
N ARG C 8 -10.93 -26.81 38.05
CA ARG C 8 -10.42 -26.35 36.77
C ARG C 8 -9.02 -25.75 36.90
N ARG C 9 -8.77 -25.00 37.97
CA ARG C 9 -7.46 -24.39 38.15
C ARG C 9 -6.38 -25.43 38.36
N ALA C 10 -6.70 -26.51 39.08
CA ALA C 10 -5.72 -27.57 39.31
C ALA C 10 -5.32 -28.24 38.01
N LEU C 11 -6.29 -28.56 37.16
CA LEU C 11 -6.00 -29.17 35.87
C LEU C 11 -5.20 -28.24 34.97
N PHE C 12 -5.47 -26.94 35.01
CA PHE C 12 -4.70 -25.99 34.23
C PHE C 12 -3.23 -26.01 34.63
N GLU C 13 -2.95 -26.01 35.93
CA GLU C 13 -1.57 -26.05 36.41
C GLU C 13 -0.91 -27.39 36.07
N LYS C 14 -1.65 -28.49 36.21
CA LYS C 14 -1.08 -29.80 35.87
C LYS C 14 -0.73 -29.89 34.39
N ARG C 15 -1.59 -29.35 33.53
CA ARG C 15 -1.29 -29.34 32.10
C ARG C 15 -0.14 -28.39 31.78
N LYS C 16 -0.05 -27.27 32.48
CA LYS C 16 1.05 -26.33 32.27
C LYS C 16 2.39 -26.93 32.65
N ARG C 17 2.43 -27.69 33.74
CA ARG C 17 3.68 -28.26 34.21
C ARG C 17 4.26 -29.27 33.21
N LEU C 18 3.40 -30.09 32.61
CA LEU C 18 3.85 -31.14 31.70
C LEU C 18 4.43 -30.61 30.41
N SER C 19 4.13 -29.37 30.02
CA SER C 19 4.63 -28.81 28.78
C SER C 19 6.09 -28.41 28.85
N ASP C 20 6.59 -28.03 30.03
CA ASP C 20 7.99 -27.63 30.16
C ASP C 20 8.92 -28.83 30.05
N TYR C 21 8.54 -29.97 30.63
CA TYR C 21 9.38 -31.16 30.58
C TYR C 21 9.56 -31.65 29.14
N ALA C 22 8.49 -31.59 28.35
CA ALA C 22 8.59 -32.01 26.95
C ALA C 22 9.56 -31.13 26.18
N LEU C 23 9.49 -29.81 26.40
CA LEU C 23 10.43 -28.90 25.74
C LEU C 23 11.86 -29.19 26.17
N ILE C 24 12.07 -29.44 27.46
CA ILE C 24 13.41 -29.74 27.96
C ILE C 24 13.96 -31.00 27.30
N PHE C 25 13.15 -32.06 27.27
CA PHE C 25 13.60 -33.34 26.74
C PHE C 25 13.68 -33.35 25.22
N GLY C 26 13.07 -32.38 24.54
CA GLY C 26 13.27 -32.25 23.11
C GLY C 26 14.53 -31.47 22.78
N MET C 27 14.74 -30.36 23.47
CA MET C 27 15.95 -29.56 23.25
C MET C 27 17.20 -30.31 23.64
N PHE C 28 17.15 -31.11 24.70
CA PHE C 28 18.31 -31.93 25.07
C PHE C 28 18.69 -32.87 23.95
N GLY C 29 17.70 -33.56 23.37
CA GLY C 29 17.97 -34.47 22.27
C GLY C 29 18.51 -33.75 21.04
N ILE C 30 17.95 -32.58 20.73
CA ILE C 30 18.44 -31.83 19.56
C ILE C 30 19.89 -31.42 19.76
N VAL C 31 20.24 -30.92 20.96
CA VAL C 31 21.61 -30.49 21.21
C VAL C 31 22.57 -31.68 21.15
N VAL C 32 22.18 -32.81 21.74
CA VAL C 32 23.03 -33.99 21.71
C VAL C 32 23.22 -34.47 20.27
N MET C 33 22.18 -34.42 19.45
CA MET C 33 22.31 -34.82 18.06
C MET C 33 23.28 -33.92 17.32
N VAL C 34 23.19 -32.60 17.56
CA VAL C 34 24.10 -31.67 16.89
C VAL C 34 25.55 -31.96 17.29
N ILE C 35 25.78 -32.19 18.58
CA ILE C 35 27.14 -32.46 19.05
C ILE C 35 27.66 -33.77 18.45
N GLU C 36 26.82 -34.80 18.41
CA GLU C 36 27.24 -36.08 17.84
C GLU C 36 27.57 -35.95 16.36
N THR C 37 26.73 -35.22 15.61
CA THR C 37 26.99 -35.01 14.19
C THR C 37 28.30 -34.28 13.97
N GLU C 38 28.57 -33.24 14.77
CA GLU C 38 29.80 -32.50 14.61
C GLU C 38 31.03 -33.34 14.97
N LEU C 39 30.95 -34.14 16.04
CA LEU C 39 32.11 -34.88 16.50
C LEU C 39 32.33 -36.20 15.78
N SER C 40 31.35 -36.69 15.04
CA SER C 40 31.51 -37.96 14.33
C SER C 40 32.19 -37.80 12.98
N TRP C 41 32.54 -36.57 12.58
CA TRP C 41 33.18 -36.32 11.30
C TRP C 41 34.69 -36.44 11.38
N GLY C 42 35.32 -35.83 12.39
CA GLY C 42 36.76 -35.82 12.48
C GLY C 42 37.36 -36.38 13.77
N ALA C 43 36.59 -36.34 14.85
CA ALA C 43 37.13 -36.77 16.15
C ALA C 43 37.20 -38.29 16.24
N TYR C 44 36.06 -38.96 16.13
CA TYR C 44 35.98 -40.41 16.14
C TYR C 44 35.17 -40.87 14.94
N ASP C 45 35.10 -42.18 14.75
CA ASP C 45 34.34 -42.76 13.66
C ASP C 45 33.00 -43.28 14.20
N LYS C 46 32.25 -43.96 13.34
CA LYS C 46 30.91 -44.44 13.67
C LYS C 46 30.93 -45.84 14.27
N ALA C 47 32.10 -46.42 14.49
CA ALA C 47 32.21 -47.74 15.10
C ALA C 47 32.78 -47.69 16.51
N SER C 48 32.96 -46.50 17.07
CA SER C 48 33.50 -46.35 18.42
C SER C 48 32.38 -46.50 19.43
N LEU C 49 32.67 -46.17 20.70
CA LEU C 49 31.69 -46.28 21.77
C LEU C 49 31.01 -44.96 22.10
N TYR C 50 31.65 -43.83 21.78
CA TYR C 50 31.05 -42.52 22.06
C TYR C 50 29.76 -42.34 21.29
N SER C 51 29.74 -42.74 20.02
CA SER C 51 28.51 -42.68 19.23
C SER C 51 27.43 -43.55 19.85
N LEU C 52 27.79 -44.75 20.31
CA LEU C 52 26.82 -45.62 20.94
C LEU C 52 26.22 -44.98 22.18
N ALA C 53 27.07 -44.40 23.03
CA ALA C 53 26.58 -43.77 24.26
C ALA C 53 25.66 -42.59 23.95
N LEU C 54 26.07 -41.73 23.02
CA LEU C 54 25.27 -40.57 22.70
C LEU C 54 23.92 -40.95 22.09
N LYS C 55 23.90 -41.94 21.20
CA LYS C 55 22.64 -42.35 20.60
C LYS C 55 21.75 -43.08 21.61
N CYS C 56 22.34 -43.80 22.57
CA CYS C 56 21.54 -44.36 23.66
C CYS C 56 20.88 -43.27 24.49
N LEU C 57 21.62 -42.19 24.77
CA LEU C 57 21.04 -41.06 25.48
C LEU C 57 19.89 -40.45 24.69
N ILE C 58 20.07 -40.31 23.38
CA ILE C 58 19.01 -39.76 22.53
C ILE C 58 17.76 -40.64 22.60
N SER C 59 17.94 -41.97 22.52
CA SER C 59 16.79 -42.87 22.57
C SER C 59 16.07 -42.79 23.90
N LEU C 60 16.81 -42.71 25.00
CA LEU C 60 16.18 -42.60 26.31
C LEU C 60 15.36 -41.31 26.43
N SER C 61 15.94 -40.19 25.96
CA SER C 61 15.21 -38.93 25.99
C SER C 61 13.95 -39.01 25.13
N THR C 62 14.03 -39.66 23.97
CA THR C 62 12.86 -39.81 23.11
C THR C 62 11.75 -40.59 23.80
N ILE C 63 12.12 -41.68 24.49
CA ILE C 63 11.13 -42.47 25.20
C ILE C 63 10.44 -41.63 26.27
N ILE C 64 11.22 -40.87 27.04
CA ILE C 64 10.64 -40.04 28.09
C ILE C 64 9.71 -38.99 27.48
N LEU C 65 10.11 -38.39 26.36
CA LEU C 65 9.28 -37.39 25.70
C LEU C 65 7.95 -37.98 25.23
N LEU C 66 7.97 -39.19 24.66
CA LEU C 66 6.74 -39.83 24.23
C LEU C 66 5.81 -40.08 25.42
N GLY C 67 6.36 -40.57 26.53
CA GLY C 67 5.53 -40.75 27.71
C GLY C 67 4.90 -39.46 28.20
N LEU C 68 5.69 -38.39 28.20
CA LEU C 68 5.17 -37.09 28.62
C LEU C 68 4.05 -36.61 27.71
N ILE C 69 4.19 -36.82 26.40
CA ILE C 69 3.14 -36.42 25.47
C ILE C 69 1.85 -37.19 25.76
N ILE C 70 1.97 -38.50 26.01
CA ILE C 70 0.78 -39.30 26.31
C ILE C 70 0.08 -38.78 27.56
N VAL C 71 0.84 -38.49 28.61
CA VAL C 71 0.22 -38.01 29.85
C VAL C 71 -0.43 -36.65 29.63
N TYR C 72 0.22 -35.77 28.85
CA TYR C 72 -0.35 -34.46 28.57
C TYR C 72 -1.69 -34.60 27.86
N HIS C 73 -1.77 -35.49 26.86
CA HIS C 73 -3.03 -35.64 26.15
C HIS C 73 -4.12 -36.25 27.04
N ALA C 74 -3.75 -37.15 27.94
CA ALA C 74 -4.74 -37.68 28.88
C ALA C 74 -5.30 -36.56 29.76
N ARG C 75 -4.42 -35.68 30.27
CA ARG C 75 -4.89 -34.57 31.09
C ARG C 75 -5.78 -33.62 30.29
N GLU C 76 -5.43 -33.37 29.03
CA GLU C 76 -6.26 -32.51 28.21
C GLU C 76 -7.64 -33.12 27.96
N ILE C 77 -7.71 -34.44 27.77
CA ILE C 77 -9.01 -35.09 27.62
C ILE C 77 -9.83 -34.96 28.90
N GLN C 78 -9.18 -35.10 30.06
CA GLN C 78 -9.90 -34.88 31.32
C GLN C 78 -10.45 -33.46 31.40
N LEU C 79 -9.64 -32.47 31.00
CA LEU C 79 -10.11 -31.09 31.00
C LEU C 79 -11.30 -30.90 30.07
N PHE C 80 -11.26 -31.53 28.89
CA PHE C 80 -12.38 -31.44 27.96
C PHE C 80 -13.64 -32.03 28.60
N MET C 81 -13.51 -33.18 29.26
CA MET C 81 -14.66 -33.78 29.93
C MET C 81 -15.23 -32.85 30.98
N VAL C 82 -14.37 -32.20 31.75
CA VAL C 82 -14.84 -31.27 32.77
C VAL C 82 -15.54 -30.07 32.14
N ASP C 83 -15.03 -29.57 31.02
CA ASP C 83 -15.49 -28.31 30.44
C ASP C 83 -16.75 -28.45 29.60
N ASN C 84 -17.30 -29.65 29.43
CA ASN C 84 -18.48 -29.82 28.60
C ASN C 84 -19.58 -30.61 29.29
N GLY C 85 -19.43 -30.91 30.58
CA GLY C 85 -20.46 -31.67 31.29
C GLY C 85 -20.68 -33.05 30.75
N ALA C 86 -19.61 -33.76 30.40
CA ALA C 86 -19.69 -35.12 29.87
C ALA C 86 -19.06 -36.08 30.87
N ASP C 87 -19.72 -37.21 31.09
CA ASP C 87 -19.29 -38.20 32.06
C ASP C 87 -18.69 -39.45 31.43
N ASP C 88 -18.42 -39.43 30.13
CA ASP C 88 -17.78 -40.54 29.43
C ASP C 88 -16.70 -40.00 28.51
N TRP C 89 -15.52 -40.59 28.57
CA TRP C 89 -14.39 -40.07 27.80
C TRP C 89 -14.48 -40.45 26.32
N ARG C 90 -15.27 -41.46 25.98
CA ARG C 90 -15.39 -41.88 24.59
C ARG C 90 -16.05 -40.82 23.72
N ILE C 91 -16.81 -39.89 24.33
CA ILE C 91 -17.43 -38.81 23.58
C ILE C 91 -16.41 -37.86 22.97
N ALA C 92 -15.25 -37.71 23.59
CA ALA C 92 -14.22 -36.78 23.14
C ALA C 92 -13.39 -37.30 21.98
N MET C 93 -13.52 -38.58 21.63
CA MET C 93 -12.66 -39.20 20.63
C MET C 93 -13.31 -39.08 19.26
N THR C 94 -12.89 -38.07 18.51
CA THR C 94 -13.30 -37.87 17.13
C THR C 94 -12.16 -38.22 16.19
N TYR C 95 -12.47 -38.23 14.88
CA TYR C 95 -11.45 -38.53 13.88
C TYR C 95 -10.37 -37.45 13.85
N GLU C 96 -10.77 -36.19 13.99
CA GLU C 96 -9.80 -35.09 13.96
C GLU C 96 -8.85 -35.17 15.15
N ARG C 97 -9.37 -35.46 16.34
CA ARG C 97 -8.53 -35.50 17.53
C ARG C 97 -7.53 -36.65 17.47
N ILE C 98 -7.96 -37.81 16.99
CA ILE C 98 -7.08 -38.98 16.96
C ILE C 98 -5.92 -38.77 15.99
N PHE C 99 -6.19 -38.12 14.85
CA PHE C 99 -5.17 -37.95 13.82
C PHE C 99 -4.00 -37.11 14.33
N PHE C 100 -4.28 -36.05 15.08
CA PHE C 100 -3.22 -35.16 15.53
C PHE C 100 -2.33 -35.81 16.57
N ILE C 101 -2.88 -36.66 17.44
CA ILE C 101 -2.05 -37.38 18.41
C ILE C 101 -1.07 -38.30 17.70
N CYS C 102 -1.55 -39.03 16.69
CA CYS C 102 -0.67 -39.91 15.93
C CYS C 102 0.38 -39.11 15.17
N LEU C 103 -0.01 -37.95 14.63
CA LEU C 103 0.96 -37.09 13.94
C LEU C 103 2.05 -36.63 14.90
N GLU C 104 1.67 -36.23 16.12
CA GLU C 104 2.65 -35.81 17.11
C GLU C 104 3.59 -36.95 17.47
N ILE C 105 3.04 -38.15 17.67
CA ILE C 105 3.86 -39.30 18.02
C ILE C 105 4.85 -39.60 16.90
N LEU C 106 4.38 -39.56 15.64
CA LEU C 106 5.26 -39.84 14.51
C LEU C 106 6.37 -38.79 14.41
N VAL C 107 6.02 -37.51 14.60
CA VAL C 107 7.02 -36.46 14.51
C VAL C 107 8.07 -36.61 15.61
N CYS C 108 7.63 -36.90 16.83
CA CYS C 108 8.56 -36.98 17.95
C CYS C 108 9.28 -38.32 18.07
N ALA C 109 8.92 -39.31 17.24
CA ALA C 109 9.54 -40.63 17.34
C ALA C 109 10.80 -40.77 16.49
N ILE C 110 11.06 -39.86 15.56
CA ILE C 110 12.19 -40.01 14.64
C ILE C 110 13.46 -39.53 15.33
N HIS C 111 14.49 -40.37 15.31
CA HIS C 111 15.79 -40.05 15.89
C HIS C 111 16.80 -41.07 15.39
N PRO C 112 18.09 -40.73 15.43
CA PRO C 112 19.12 -41.71 15.04
C PRO C 112 19.29 -42.83 16.05
N ILE C 113 18.93 -44.05 15.67
CA ILE C 113 19.02 -45.21 16.56
C ILE C 113 20.46 -45.71 16.58
N PRO C 114 20.89 -46.39 17.65
CA PRO C 114 22.25 -46.91 17.68
C PRO C 114 22.46 -48.01 16.64
N GLY C 115 23.70 -48.10 16.16
CA GLY C 115 24.05 -49.11 15.18
C GLY C 115 25.07 -48.57 14.19
N ASN C 116 25.21 -49.28 13.08
CA ASN C 116 26.15 -48.91 12.02
C ASN C 116 25.50 -49.29 10.68
N TYR C 117 25.00 -48.28 9.97
CA TYR C 117 24.27 -48.50 8.72
C TYR C 117 24.75 -47.49 7.69
N THR C 118 24.90 -47.94 6.45
CA THR C 118 25.40 -47.10 5.37
C THR C 118 24.59 -47.35 4.10
N PHE C 119 24.67 -46.38 3.18
CA PHE C 119 24.03 -46.47 1.88
C PHE C 119 24.88 -45.73 0.86
N THR C 120 24.48 -45.80 -0.41
CA THR C 120 25.21 -45.21 -1.52
C THR C 120 24.51 -43.95 -1.99
N TRP C 121 25.28 -42.88 -2.16
CA TRP C 121 24.77 -41.56 -2.52
C TRP C 121 25.47 -41.07 -3.78
N THR C 122 24.68 -40.63 -4.76
CA THR C 122 25.22 -40.15 -6.03
C THR C 122 24.64 -38.77 -6.32
N ALA C 123 25.50 -37.82 -6.67
CA ALA C 123 25.10 -36.44 -6.91
C ALA C 123 25.78 -35.90 -8.16
N ARG C 124 25.18 -34.84 -8.71
CA ARG C 124 25.68 -34.17 -9.91
C ARG C 124 26.22 -32.80 -9.51
N LEU C 125 27.50 -32.57 -9.77
CA LEU C 125 28.16 -31.35 -9.32
C LEU C 125 27.70 -30.14 -10.14
N ALA C 126 27.83 -28.97 -9.53
CA ALA C 126 27.36 -27.72 -10.12
C ALA C 126 28.46 -27.03 -10.91
N PHE C 127 28.05 -26.43 -12.04
CA PHE C 127 28.90 -25.63 -12.92
C PHE C 127 29.90 -26.50 -13.69
N SER C 128 29.94 -27.79 -13.38
CA SER C 128 30.80 -28.73 -14.09
C SER C 128 30.06 -29.98 -14.55
N TYR C 129 28.91 -30.29 -13.96
CA TYR C 129 28.06 -31.40 -14.40
C TYR C 129 28.80 -32.73 -14.32
N ALA C 130 29.66 -32.88 -13.32
CA ALA C 130 30.41 -34.10 -13.14
C ALA C 130 29.75 -35.00 -12.11
N PRO C 131 29.69 -36.30 -12.36
CA PRO C 131 29.11 -37.21 -11.37
C PRO C 131 29.99 -37.33 -10.13
N SER C 132 29.36 -37.64 -9.01
CA SER C 132 30.05 -37.84 -7.74
C SER C 132 29.31 -38.90 -6.95
N THR C 133 30.04 -39.93 -6.50
CA THR C 133 29.47 -41.05 -5.77
C THR C 133 30.25 -41.25 -4.47
N THR C 134 29.52 -41.52 -3.39
CA THR C 134 30.14 -41.77 -2.10
C THR C 134 29.22 -42.66 -1.28
N THR C 135 29.78 -43.23 -0.21
CA THR C 135 29.02 -44.02 0.74
C THR C 135 28.82 -43.21 2.02
N ALA C 136 27.57 -43.10 2.45
CA ALA C 136 27.19 -42.25 3.57
C ALA C 136 26.42 -43.06 4.59
N ASP C 137 26.33 -42.52 5.80
CA ASP C 137 25.61 -43.16 6.89
C ASP C 137 24.13 -42.77 6.87
N VAL C 138 23.30 -43.67 7.39
CA VAL C 138 21.86 -43.44 7.40
C VAL C 138 21.46 -42.39 8.42
N ASP C 139 22.26 -42.17 9.47
CA ASP C 139 21.85 -41.29 10.56
C ASP C 139 21.64 -39.86 10.12
N ILE C 140 22.23 -39.43 9.00
CA ILE C 140 21.99 -38.08 8.51
C ILE C 140 20.55 -37.95 8.02
N ILE C 141 19.97 -39.02 7.49
CA ILE C 141 18.58 -38.98 7.06
C ILE C 141 17.63 -38.87 8.25
N LEU C 142 17.96 -39.51 9.36
CA LEU C 142 17.09 -39.55 10.53
C LEU C 142 17.26 -38.37 11.46
N SER C 143 18.33 -37.58 11.31
CA SER C 143 18.61 -36.50 12.26
C SER C 143 18.12 -35.15 11.80
N ILE C 144 18.06 -34.90 10.49
CA ILE C 144 17.58 -33.63 9.96
C ILE C 144 16.11 -33.40 10.34
N PRO C 145 15.21 -34.38 10.21
CA PRO C 145 13.81 -34.14 10.60
C PRO C 145 13.61 -33.84 12.08
N MET C 146 14.64 -34.01 12.92
CA MET C 146 14.49 -33.78 14.34
C MET C 146 14.20 -32.32 14.69
N PHE C 147 14.41 -31.39 13.75
CA PHE C 147 14.11 -29.98 13.98
C PHE C 147 12.61 -29.70 14.02
N LEU C 148 11.77 -30.68 13.66
CA LEU C 148 10.33 -30.49 13.74
C LEU C 148 9.81 -30.42 15.17
N ARG C 149 10.66 -30.75 16.16
CA ARG C 149 10.30 -30.67 17.57
C ARG C 149 10.19 -29.26 18.09
N LEU C 150 10.30 -28.24 17.24
CA LEU C 150 10.26 -26.85 17.66
C LEU C 150 8.83 -26.34 17.84
N TYR C 151 7.82 -27.14 17.50
CA TYR C 151 6.44 -26.73 17.69
C TYR C 151 6.05 -26.68 19.16
N LEU C 152 6.86 -27.24 20.05
CA LEU C 152 6.57 -27.20 21.47
C LEU C 152 6.81 -25.83 22.09
N ILE C 153 7.65 -25.00 21.47
CA ILE C 153 7.87 -23.65 21.97
C ILE C 153 6.61 -22.83 21.89
N ALA C 154 5.84 -22.98 20.80
CA ALA C 154 4.57 -22.28 20.67
C ALA C 154 3.59 -22.71 21.76
N ARG C 155 3.54 -24.01 22.04
CA ARG C 155 2.65 -24.51 23.09
C ARG C 155 3.05 -23.96 24.45
N VAL C 156 4.35 -23.93 24.75
CA VAL C 156 4.82 -23.38 26.02
C VAL C 156 4.51 -21.90 26.11
N MET C 157 4.69 -21.15 25.03
CA MET C 157 4.38 -19.73 25.04
C MET C 157 2.88 -19.49 25.24
N LEU C 158 2.04 -20.34 24.64
CA LEU C 158 0.60 -20.18 24.79
C LEU C 158 0.16 -20.48 26.21
N LEU C 159 0.66 -21.57 26.80
CA LEU C 159 0.24 -21.92 28.16
C LEU C 159 0.80 -20.97 29.21
N HIS C 160 1.88 -20.25 28.91
CA HIS C 160 2.43 -19.26 29.82
C HIS C 160 1.98 -17.85 29.49
N SER C 161 1.04 -17.69 28.55
CA SER C 161 0.60 -16.37 28.13
C SER C 161 -0.14 -15.66 29.26
N LYS C 162 0.12 -14.36 29.38
CA LYS C 162 -0.55 -13.56 30.41
C LYS C 162 -2.05 -13.51 30.17
N LEU C 163 -2.47 -13.35 28.91
CA LEU C 163 -3.88 -13.34 28.59
C LEU C 163 -4.53 -14.68 28.87
N PHE C 164 -3.82 -15.78 28.58
CA PHE C 164 -4.38 -17.11 28.76
C PHE C 164 -4.53 -17.46 30.24
N THR C 165 -3.71 -16.88 31.11
CA THR C 165 -3.71 -17.24 32.52
C THR C 165 -4.02 -16.05 33.42
N ASP C 166 -5.04 -15.26 33.05
CA ASP C 166 -5.46 -14.13 33.86
C ASP C 166 -6.97 -14.21 34.06
N ALA C 167 -7.41 -14.14 35.31
CA ALA C 167 -8.84 -14.29 35.61
C ALA C 167 -9.65 -13.17 34.98
N SER C 168 -9.16 -11.93 35.07
CA SER C 168 -9.88 -10.81 34.49
C SER C 168 -9.95 -10.92 32.98
N SER C 169 -8.87 -11.37 32.34
CA SER C 169 -8.87 -11.52 30.89
C SER C 169 -9.92 -12.52 30.44
N ARG C 170 -9.97 -13.69 31.10
CA ARG C 170 -10.97 -14.69 30.75
C ARG C 170 -12.38 -14.20 31.02
N SER C 171 -12.56 -13.50 32.15
CA SER C 171 -13.88 -12.99 32.50
C SER C 171 -14.39 -12.00 31.47
N ILE C 172 -13.51 -11.11 31.00
CA ILE C 172 -13.91 -10.14 29.98
C ILE C 172 -14.14 -10.83 28.64
N GLY C 173 -13.27 -11.78 28.29
CA GLY C 173 -13.41 -12.45 27.01
C GLY C 173 -14.68 -13.29 26.91
N ALA C 174 -15.12 -13.85 28.05
CA ALA C 174 -16.33 -14.65 28.06
C ALA C 174 -17.54 -13.83 27.66
N LEU C 175 -17.61 -12.58 28.12
CA LEU C 175 -18.74 -11.71 27.79
C LEU C 175 -18.80 -11.42 26.30
N ASN C 176 -17.66 -11.36 25.62
CA ASN C 176 -17.60 -11.04 24.20
C ASN C 176 -17.45 -12.28 23.32
N LYS C 177 -17.40 -13.47 23.93
CA LYS C 177 -17.33 -14.74 23.20
C LYS C 177 -16.11 -14.78 22.28
N ILE C 178 -14.93 -14.74 22.90
CA ILE C 178 -13.65 -14.73 22.19
C ILE C 178 -12.95 -16.06 22.46
N ASN C 179 -12.50 -16.71 21.39
CA ASN C 179 -11.78 -17.97 21.51
C ASN C 179 -10.32 -17.70 21.77
N PHE C 180 -9.80 -18.24 22.88
CA PHE C 180 -8.40 -18.03 23.27
C PHE C 180 -7.50 -19.14 22.70
N ASN C 181 -7.45 -19.19 21.37
CA ASN C 181 -6.65 -20.18 20.68
C ASN C 181 -5.22 -19.67 20.51
N THR C 182 -4.38 -20.45 19.83
CA THR C 182 -2.99 -20.04 19.62
C THR C 182 -2.86 -18.95 18.57
N ARG C 183 -3.87 -18.80 17.70
CA ARG C 183 -3.80 -17.77 16.67
C ARG C 183 -4.05 -16.38 17.25
N PHE C 184 -4.89 -16.29 18.28
CA PHE C 184 -5.17 -14.99 18.90
C PHE C 184 -3.92 -14.40 19.53
N VAL C 185 -3.12 -15.23 20.21
CA VAL C 185 -1.90 -14.75 20.86
C VAL C 185 -0.89 -14.28 19.83
N MET C 186 -0.76 -15.00 18.71
CA MET C 186 0.17 -14.60 17.67
C MET C 186 -0.22 -13.25 17.07
N LYS C 187 -1.51 -13.06 16.81
CA LYS C 187 -1.98 -11.79 16.27
C LYS C 187 -1.78 -10.66 17.27
N THR C 188 -2.00 -10.94 18.56
CA THR C 188 -1.75 -9.93 19.59
C THR C 188 -0.28 -9.54 19.63
N LEU C 189 0.62 -10.52 19.56
CA LEU C 189 2.04 -10.22 19.56
C LEU C 189 2.45 -9.43 18.33
N MET C 190 1.87 -9.77 17.16
CA MET C 190 2.16 -9.01 15.96
C MET C 190 1.67 -7.57 16.07
N THR C 191 0.50 -7.36 16.68
CA THR C 191 0.01 -5.99 16.86
C THR C 191 0.88 -5.21 17.84
N ILE C 192 1.38 -5.88 18.89
CA ILE C 192 2.13 -5.17 19.92
C ILE C 192 3.55 -4.88 19.45
N CYS C 193 4.33 -5.93 19.20
CA CYS C 193 5.75 -5.80 18.85
C CYS C 193 6.08 -6.68 17.66
N PRO C 194 5.78 -6.22 16.44
CA PRO C 194 6.08 -7.06 15.27
C PRO C 194 7.58 -7.16 14.96
N GLY C 195 8.33 -6.09 15.19
CA GLY C 195 9.74 -6.08 14.82
C GLY C 195 10.55 -7.11 15.58
N THR C 196 10.29 -7.26 16.89
CA THR C 196 11.00 -8.24 17.68
C THR C 196 10.73 -9.66 17.19
N VAL C 197 9.47 -9.96 16.90
CA VAL C 197 9.11 -11.28 16.41
C VAL C 197 9.80 -11.57 15.08
N LEU C 198 9.76 -10.60 14.17
CA LEU C 198 10.38 -10.78 12.86
C LEU C 198 11.89 -10.98 13.01
N LEU C 199 12.54 -10.19 13.85
CA LEU C 199 13.98 -10.31 14.03
C LEU C 199 14.36 -11.67 14.61
N VAL C 200 13.67 -12.10 15.66
CA VAL C 200 14.01 -13.37 16.29
C VAL C 200 13.79 -14.52 15.32
N PHE C 201 12.65 -14.50 14.60
CA PHE C 201 12.36 -15.56 13.64
C PHE C 201 13.42 -15.61 12.55
N SER C 202 13.81 -14.44 12.03
CA SER C 202 14.82 -14.41 10.97
C SER C 202 16.17 -14.93 11.46
N ILE C 203 16.61 -14.52 12.65
CA ILE C 203 17.91 -14.99 13.12
C ILE C 203 17.90 -16.50 13.37
N SER C 204 16.84 -17.02 14.00
CA SER C 204 16.78 -18.46 14.26
C SER C 204 16.77 -19.25 12.95
N LEU C 205 15.95 -18.81 11.99
CA LEU C 205 15.91 -19.49 10.69
C LEU C 205 17.26 -19.43 10.00
N TRP C 206 17.92 -18.28 10.06
CA TRP C 206 19.24 -18.12 9.44
C TRP C 206 20.21 -19.16 9.98
N ILE C 207 20.35 -19.23 11.31
CA ILE C 207 21.34 -20.14 11.89
C ILE C 207 20.99 -21.60 11.58
N ILE C 208 19.73 -21.98 11.78
CA ILE C 208 19.34 -23.37 11.59
C ILE C 208 19.51 -23.78 10.14
N ALA C 209 19.07 -22.95 9.19
CA ALA C 209 19.17 -23.29 7.78
C ALA C 209 20.62 -23.37 7.33
N ALA C 210 21.47 -22.46 7.80
CA ALA C 210 22.88 -22.53 7.43
C ALA C 210 23.51 -23.82 7.94
N TRP C 211 23.22 -24.21 9.19
CA TRP C 211 23.78 -25.46 9.70
C TRP C 211 23.27 -26.66 8.91
N THR C 212 21.98 -26.67 8.56
CA THR C 212 21.43 -27.78 7.79
C THR C 212 22.08 -27.88 6.41
N VAL C 213 22.28 -26.73 5.75
CA VAL C 213 22.91 -26.74 4.43
C VAL C 213 24.33 -27.29 4.53
N ARG C 214 25.08 -26.84 5.54
CA ARG C 214 26.43 -27.35 5.71
C ARG C 214 26.44 -28.86 5.95
N ALA C 215 25.51 -29.34 6.78
CA ALA C 215 25.43 -30.77 7.06
C ALA C 215 25.11 -31.59 5.81
N CYS C 216 24.19 -31.12 4.97
CA CYS C 216 23.92 -31.84 3.73
C CYS C 216 25.06 -31.72 2.71
N GLU C 217 25.80 -30.62 2.74
CA GLU C 217 26.85 -30.41 1.74
C GLU C 217 28.19 -30.99 2.14
N ARG C 218 28.34 -31.49 3.36
CA ARG C 218 29.60 -32.10 3.77
C ARG C 218 30.05 -33.22 2.85
N TYR C 219 29.12 -34.06 2.39
CA TYR C 219 29.48 -35.34 1.79
C TYR C 219 30.03 -35.22 0.38
N HIS C 220 29.64 -34.20 -0.39
CA HIS C 220 30.01 -34.11 -1.78
C HIS C 220 30.87 -32.89 -2.12
N ASP C 221 31.32 -32.14 -1.11
CA ASP C 221 32.14 -30.95 -1.33
C ASP C 221 33.56 -31.26 -0.91
N GLN C 222 34.46 -31.30 -1.89
CA GLN C 222 35.88 -31.54 -1.64
C GLN C 222 36.72 -30.29 -1.94
N GLN C 223 36.10 -29.11 -1.88
CA GLN C 223 36.80 -27.88 -2.20
C GLN C 223 36.52 -26.75 -1.21
N ASP C 224 35.79 -27.01 -0.13
CA ASP C 224 35.53 -26.03 0.93
C ASP C 224 34.81 -24.79 0.37
N VAL C 225 33.64 -25.03 -0.20
CA VAL C 225 32.83 -23.95 -0.76
C VAL C 225 31.49 -23.88 -0.04
N THR C 226 30.69 -24.95 -0.16
CA THR C 226 29.37 -24.99 0.46
C THR C 226 29.37 -25.71 1.81
N SER C 227 30.46 -26.35 2.20
CA SER C 227 30.58 -26.93 3.52
C SER C 227 31.16 -25.97 4.53
N ASN C 228 31.59 -24.79 4.11
CA ASN C 228 32.06 -23.75 5.02
C ASN C 228 30.86 -23.09 5.70
N PHE C 229 31.01 -22.81 7.00
CA PHE C 229 29.90 -22.27 7.77
C PHE C 229 29.62 -20.82 7.41
N LEU C 230 30.67 -20.00 7.29
CA LEU C 230 30.48 -18.60 6.89
C LEU C 230 29.95 -18.51 5.47
N GLY C 231 30.43 -19.37 4.56
CA GLY C 231 29.88 -19.39 3.22
C GLY C 231 28.40 -19.76 3.21
N ALA C 232 28.01 -20.73 4.05
CA ALA C 232 26.60 -21.08 4.16
C ALA C 232 25.78 -19.92 4.70
N MET C 233 26.31 -19.21 5.69
CA MET C 233 25.61 -18.04 6.22
C MET C 233 25.40 -16.99 5.12
N TRP C 234 26.45 -16.71 4.35
CA TRP C 234 26.34 -15.73 3.27
C TRP C 234 25.35 -16.18 2.19
N LEU C 235 25.38 -17.47 1.84
CA LEU C 235 24.46 -18.00 0.84
C LEU C 235 23.02 -17.87 1.30
N ILE C 236 22.75 -18.21 2.56
CA ILE C 236 21.39 -18.09 3.10
C ILE C 236 20.97 -16.63 3.11
N SER C 237 21.87 -15.72 3.49
CA SER C 237 21.52 -14.30 3.52
C SER C 237 21.18 -13.76 2.14
N ILE C 238 21.96 -14.15 1.12
CA ILE C 238 21.71 -13.63 -0.22
C ILE C 238 20.54 -14.32 -0.91
N THR C 239 20.19 -15.54 -0.49
CA THR C 239 18.96 -16.16 -1.00
C THR C 239 17.73 -15.58 -0.33
N PHE C 240 17.83 -15.22 0.95
CA PHE C 240 16.72 -14.58 1.66
C PHE C 240 16.35 -13.25 1.01
N LEU C 241 17.35 -12.46 0.65
CA LEU C 241 17.12 -11.16 0.01
C LEU C 241 16.87 -11.27 -1.48
N SER C 242 17.01 -12.47 -2.06
CA SER C 242 16.76 -12.71 -3.49
C SER C 242 17.69 -11.89 -4.37
N ILE C 243 18.98 -11.93 -4.07
CA ILE C 243 19.97 -11.27 -4.92
C ILE C 243 20.54 -12.24 -5.95
N GLY C 244 20.76 -13.49 -5.56
CA GLY C 244 21.25 -14.50 -6.47
C GLY C 244 21.95 -15.60 -5.72
N TYR C 245 22.59 -16.49 -6.48
CA TYR C 245 23.35 -17.59 -5.93
C TYR C 245 24.86 -17.40 -6.02
N GLY C 246 25.33 -16.53 -6.90
CA GLY C 246 26.77 -16.41 -7.12
C GLY C 246 27.31 -17.71 -7.65
N ASP C 247 28.43 -18.16 -7.07
CA ASP C 247 29.02 -19.45 -7.37
C ASP C 247 28.82 -20.44 -6.23
N MET C 248 27.70 -20.32 -5.52
CA MET C 248 27.43 -21.10 -4.31
C MET C 248 26.22 -22.01 -4.51
N VAL C 249 26.04 -22.53 -5.71
CA VAL C 249 24.93 -23.44 -5.97
C VAL C 249 25.21 -24.79 -5.31
N PRO C 250 24.27 -25.33 -4.54
CA PRO C 250 24.51 -26.64 -3.91
C PRO C 250 24.55 -27.77 -4.93
N ASN C 251 25.28 -28.83 -4.57
CA ASN C 251 25.33 -30.04 -5.35
C ASN C 251 24.34 -31.10 -4.88
N THR C 252 23.48 -30.74 -3.91
CA THR C 252 22.57 -31.69 -3.29
C THR C 252 21.16 -31.10 -3.30
N TYR C 253 20.17 -31.97 -3.42
CA TYR C 253 18.78 -31.54 -3.38
C TYR C 253 18.34 -31.05 -2.01
N CYS C 254 19.01 -31.48 -0.94
CA CYS C 254 18.73 -30.94 0.39
C CYS C 254 19.01 -29.44 0.44
N GLY C 255 20.17 -29.03 -0.08
CA GLY C 255 20.49 -27.61 -0.11
C GLY C 255 19.54 -26.84 -1.00
N LYS C 256 19.12 -27.44 -2.12
CA LYS C 256 18.16 -26.77 -3.00
C LYS C 256 16.82 -26.56 -2.31
N GLY C 257 16.35 -27.58 -1.58
CA GLY C 257 15.10 -27.42 -0.85
C GLY C 257 15.20 -26.37 0.24
N VAL C 258 16.31 -26.36 0.98
CA VAL C 258 16.48 -25.33 2.01
C VAL C 258 16.53 -23.94 1.40
N CYS C 259 17.22 -23.78 0.27
CA CYS C 259 17.25 -22.48 -0.40
C CYS C 259 15.87 -22.05 -0.87
N LEU C 260 15.08 -22.99 -1.40
CA LEU C 260 13.73 -22.67 -1.82
C LEU C 260 12.87 -22.22 -0.64
N LEU C 261 12.96 -22.91 0.49
CA LEU C 261 12.22 -22.50 1.67
C LEU C 261 12.67 -21.12 2.16
N THR C 262 13.98 -20.86 2.15
CA THR C 262 14.48 -19.56 2.57
C THR C 262 13.96 -18.44 1.67
N GLY C 263 13.96 -18.67 0.35
CA GLY C 263 13.41 -17.68 -0.56
C GLY C 263 11.94 -17.43 -0.35
N ILE C 264 11.16 -18.50 -0.14
CA ILE C 264 9.73 -18.34 0.10
C ILE C 264 9.49 -17.51 1.36
N MET C 265 10.23 -17.81 2.44
CA MET C 265 10.05 -17.04 3.67
C MET C 265 10.45 -15.58 3.49
N GLY C 266 11.58 -15.35 2.82
CA GLY C 266 12.06 -13.98 2.62
C GLY C 266 11.11 -13.13 1.80
N ALA C 267 10.44 -13.74 0.82
CA ALA C 267 9.52 -12.99 -0.04
C ALA C 267 8.48 -12.23 0.78
N GLY C 268 8.00 -12.83 1.87
CA GLY C 268 7.03 -12.17 2.72
C GLY C 268 7.65 -11.37 3.85
N CYS C 269 8.74 -11.89 4.42
CA CYS C 269 9.38 -11.20 5.54
C CYS C 269 9.87 -9.82 5.12
N THR C 270 10.41 -9.70 3.91
CA THR C 270 10.91 -8.41 3.45
C THR C 270 9.79 -7.37 3.40
N ALA C 271 8.64 -7.76 2.83
CA ALA C 271 7.52 -6.83 2.74
C ALA C 271 7.01 -6.44 4.12
N LEU C 272 6.90 -7.40 5.03
CA LEU C 272 6.42 -7.08 6.37
C LEU C 272 7.36 -6.11 7.08
N VAL C 273 8.67 -6.35 6.98
CA VAL C 273 9.65 -5.48 7.64
C VAL C 273 9.61 -4.09 7.03
N VAL C 274 9.47 -4.01 5.70
CA VAL C 274 9.41 -2.71 5.04
C VAL C 274 8.18 -1.93 5.50
N ALA C 275 7.04 -2.61 5.60
CA ALA C 275 5.83 -1.93 6.07
C ALA C 275 6.00 -1.43 7.50
N VAL C 276 6.61 -2.24 8.37
CA VAL C 276 6.83 -1.83 9.76
C VAL C 276 7.73 -0.60 9.81
N VAL C 277 8.82 -0.62 9.03
CA VAL C 277 9.75 0.50 9.02
C VAL C 277 9.07 1.77 8.52
N ALA C 278 8.27 1.63 7.47
CA ALA C 278 7.54 2.79 6.94
C ALA C 278 6.58 3.35 7.97
N ARG C 279 5.91 2.48 8.73
CA ARG C 279 5.02 2.94 9.78
C ARG C 279 5.79 3.63 10.91
N LYS C 280 7.01 3.18 11.20
CA LYS C 280 7.78 3.74 12.31
C LYS C 280 8.26 5.17 12.08
N LEU C 281 8.21 5.67 10.85
CA LEU C 281 8.76 6.98 10.53
C LEU C 281 7.74 8.11 10.58
N GLU C 282 6.50 7.83 10.95
CA GLU C 282 5.46 8.85 10.95
C GLU C 282 5.54 9.74 12.18
N LEU C 283 5.00 10.95 12.06
CA LEU C 283 4.91 11.88 13.17
C LEU C 283 3.64 11.62 13.98
N THR C 284 3.60 12.20 15.18
CA THR C 284 2.45 12.06 16.05
C THR C 284 1.59 13.33 15.97
N LYS C 285 0.53 13.37 16.77
CA LYS C 285 -0.44 14.47 16.69
C LYS C 285 0.19 15.80 17.12
N ALA C 286 0.83 15.81 18.29
CA ALA C 286 1.41 17.05 18.80
C ALA C 286 2.56 17.53 17.91
N GLU C 287 3.39 16.60 17.44
CA GLU C 287 4.47 16.97 16.54
C GLU C 287 3.93 17.57 15.25
N LYS C 288 2.87 16.97 14.69
CA LYS C 288 2.25 17.51 13.49
C LYS C 288 1.71 18.91 13.73
N HIS C 289 1.06 19.12 14.87
CA HIS C 289 0.50 20.43 15.17
C HIS C 289 1.59 21.49 15.28
N VAL C 290 2.68 21.17 16.00
CA VAL C 290 3.77 22.12 16.15
C VAL C 290 4.41 22.43 14.79
N HIS C 291 4.63 21.39 13.98
CA HIS C 291 5.25 21.58 12.68
C HIS C 291 4.38 22.45 11.78
N ASN C 292 3.07 22.22 11.79
CA ASN C 292 2.16 23.03 10.99
C ASN C 292 2.17 24.48 11.46
N PHE C 293 2.17 24.70 12.78
CA PHE C 293 2.22 26.06 13.30
C PHE C 293 3.45 26.79 12.80
N MET C 294 4.62 26.16 12.93
CA MET C 294 5.86 26.80 12.51
C MET C 294 5.86 27.08 11.01
N MET C 295 5.41 26.11 10.21
CA MET C 295 5.39 26.29 8.76
C MET C 295 4.48 27.44 8.37
N ASP C 296 3.33 27.57 9.03
CA ASP C 296 2.44 28.70 8.77
C ASP C 296 3.13 30.01 9.09
N THR C 297 3.89 30.06 10.19
CA THR C 297 4.62 31.27 10.53
C THR C 297 5.61 31.67 9.43
N GLN C 298 6.44 30.73 8.99
CA GLN C 298 7.43 31.08 7.96
C GLN C 298 6.75 31.46 6.66
N LEU C 299 5.65 30.78 6.30
CA LEU C 299 4.95 31.10 5.07
C LEU C 299 4.40 32.53 5.12
N THR C 300 3.85 32.93 6.27
CA THR C 300 3.37 34.30 6.42
C THR C 300 4.51 35.30 6.22
N LYS C 301 5.67 35.02 6.83
CA LYS C 301 6.80 35.93 6.68
C LYS C 301 7.22 36.07 5.22
N ARG C 302 7.29 34.94 4.50
CA ARG C 302 7.74 34.99 3.10
C ARG C 302 6.70 35.68 2.22
N VAL C 303 5.41 35.50 2.50
CA VAL C 303 4.39 36.23 1.77
C VAL C 303 4.58 37.73 1.94
N LYS C 304 4.79 38.17 3.18
CA LYS C 304 5.01 39.60 3.41
C LYS C 304 6.24 40.12 2.66
N ASN C 305 7.34 39.36 2.69
CA ASN C 305 8.54 39.79 1.98
C ASN C 305 8.31 39.93 0.47
N ALA C 306 7.66 38.94 -0.14
CA ALA C 306 7.40 39.02 -1.58
C ALA C 306 6.49 40.20 -1.91
N ALA C 307 5.46 40.43 -1.09
CA ALA C 307 4.56 41.55 -1.32
C ALA C 307 5.30 42.87 -1.26
N ALA C 308 6.23 43.02 -0.31
CA ALA C 308 7.02 44.24 -0.25
C ALA C 308 7.91 44.40 -1.48
N ASN C 309 8.52 43.29 -1.92
CA ASN C 309 9.42 43.35 -3.07
C ASN C 309 8.69 43.81 -4.33
N VAL C 310 7.46 43.35 -4.53
CA VAL C 310 6.70 43.74 -5.71
C VAL C 310 6.53 45.25 -5.78
N LEU C 311 6.10 45.86 -4.67
CA LEU C 311 5.90 47.31 -4.64
C LEU C 311 7.22 48.05 -4.81
N ARG C 312 8.30 47.54 -4.22
CA ARG C 312 9.59 48.19 -4.41
C ARG C 312 9.97 48.24 -5.88
N GLU C 313 9.80 47.12 -6.59
CA GLU C 313 10.13 47.09 -8.02
C GLU C 313 9.24 48.03 -8.81
N THR C 314 7.94 48.07 -8.48
CA THR C 314 7.03 48.98 -9.19
C THR C 314 7.46 50.43 -9.02
N TRP C 315 7.79 50.83 -7.79
CA TRP C 315 8.21 52.20 -7.56
C TRP C 315 9.50 52.50 -8.29
N LEU C 316 10.45 51.56 -8.30
CA LEU C 316 11.70 51.78 -9.00
C LEU C 316 11.48 51.99 -10.48
N ILE C 317 10.61 51.17 -11.10
CA ILE C 317 10.32 51.34 -12.52
C ILE C 317 9.72 52.72 -12.77
N TYR C 318 8.74 53.12 -11.94
CA TYR C 318 8.09 54.40 -12.16
C TYR C 318 9.07 55.56 -12.02
N LYS C 319 9.97 55.47 -11.03
CA LYS C 319 10.95 56.53 -10.83
C LYS C 319 11.91 56.63 -12.00
N ASN C 320 12.45 55.49 -12.43
CA ASN C 320 13.42 55.51 -13.52
C ASN C 320 12.80 55.91 -14.85
N THR C 321 11.49 55.69 -15.03
CA THR C 321 10.90 55.98 -16.34
C THR C 321 10.41 57.43 -16.47
N LYS C 322 10.07 58.09 -15.36
CA LYS C 322 9.49 59.43 -15.43
C LYS C 322 10.33 60.50 -14.74
N LEU C 323 10.70 60.28 -13.48
CA LEU C 323 11.38 61.33 -12.71
C LEU C 323 12.74 61.66 -13.31
N VAL C 324 13.49 60.64 -13.73
CA VAL C 324 14.78 60.87 -14.36
C VAL C 324 14.57 61.42 -15.77
N LYS C 325 15.41 62.38 -16.17
CA LYS C 325 15.26 63.01 -17.47
C LYS C 325 15.76 62.09 -18.59
N LYS C 326 17.03 61.73 -18.56
CA LYS C 326 17.58 60.79 -19.53
C LYS C 326 17.26 59.36 -19.08
N ILE C 327 16.69 58.58 -19.98
CA ILE C 327 16.21 57.24 -19.65
C ILE C 327 17.31 56.23 -19.96
N ASP C 328 17.73 55.49 -18.94
CA ASP C 328 18.69 54.39 -19.12
C ASP C 328 17.87 53.11 -19.29
N HIS C 329 17.77 52.64 -20.53
CA HIS C 329 16.85 51.55 -20.84
C HIS C 329 17.28 50.24 -20.18
N ALA C 330 18.59 50.06 -19.97
CA ALA C 330 19.06 48.86 -19.30
C ALA C 330 18.49 48.76 -17.89
N LYS C 331 18.48 49.87 -17.17
CA LYS C 331 17.98 49.88 -15.80
C LYS C 331 16.49 49.52 -15.76
N VAL C 332 15.70 50.12 -16.64
CA VAL C 332 14.25 49.85 -16.61
C VAL C 332 13.97 48.43 -17.05
N ARG C 333 14.74 47.90 -18.01
CA ARG C 333 14.57 46.51 -18.40
C ARG C 333 14.90 45.56 -17.25
N LYS C 334 15.99 45.83 -16.54
CA LYS C 334 16.34 45.00 -15.38
C LYS C 334 15.26 45.06 -14.32
N HIS C 335 14.73 46.25 -14.06
CA HIS C 335 13.69 46.39 -13.04
C HIS C 335 12.40 45.70 -13.47
N GLN C 336 12.06 45.71 -14.76
CA GLN C 336 10.88 44.99 -15.22
C GLN C 336 11.07 43.48 -15.10
N ARG C 337 12.27 42.98 -15.40
CA ARG C 337 12.54 41.56 -15.18
C ARG C 337 12.38 41.20 -13.71
N LYS C 338 12.92 42.03 -12.81
CA LYS C 338 12.79 41.76 -11.38
C LYS C 338 11.33 41.84 -10.93
N PHE C 339 10.57 42.74 -11.54
CA PHE C 339 9.14 42.87 -11.23
C PHE C 339 8.40 41.58 -11.58
N LEU C 340 8.64 41.05 -12.77
CA LEU C 340 8.01 39.78 -13.15
C LEU C 340 8.44 38.65 -12.23
N GLN C 341 9.73 38.58 -11.88
CA GLN C 341 10.21 37.54 -10.99
C GLN C 341 9.53 37.63 -9.62
N ALA C 342 9.39 38.84 -9.10
CA ALA C 342 8.74 39.02 -7.80
C ALA C 342 7.27 38.59 -7.87
N ILE C 343 6.59 38.91 -8.98
CA ILE C 343 5.20 38.48 -9.13
C ILE C 343 5.10 36.96 -9.08
N HIS C 344 5.99 36.29 -9.82
CA HIS C 344 5.96 34.82 -9.83
C HIS C 344 6.24 34.25 -8.46
N GLN C 345 7.22 34.82 -7.73
CA GLN C 345 7.50 34.34 -6.38
C GLN C 345 6.31 34.54 -5.46
N LEU C 346 5.64 35.69 -5.56
CA LEU C 346 4.49 35.95 -4.71
C LEU C 346 3.39 34.94 -4.95
N ARG C 347 3.06 34.68 -6.22
CA ARG C 347 1.98 33.73 -6.49
C ARG C 347 2.38 32.31 -6.08
N SER C 348 3.65 31.95 -6.23
CA SER C 348 4.09 30.63 -5.79
C SER C 348 3.93 30.45 -4.28
N VAL C 349 4.33 31.46 -3.51
CA VAL C 349 4.21 31.35 -2.05
C VAL C 349 2.74 31.34 -1.64
N LYS C 350 1.90 32.12 -2.32
CA LYS C 350 0.47 32.08 -2.04
C LYS C 350 -0.11 30.68 -2.29
N MET C 351 0.30 30.06 -3.39
CA MET C 351 -0.18 28.71 -3.70
C MET C 351 0.27 27.73 -2.63
N GLU C 352 1.52 27.84 -2.18
CA GLU C 352 2.00 26.94 -1.12
C GLU C 352 1.23 27.14 0.17
N GLN C 353 0.94 28.39 0.52
CA GLN C 353 0.16 28.68 1.73
C GLN C 353 -1.23 28.06 1.64
N ARG C 354 -1.89 28.21 0.49
CA ARG C 354 -3.22 27.64 0.32
C ARG C 354 -3.17 26.12 0.40
N LYS C 355 -2.14 25.52 -0.20
CA LYS C 355 -2.02 24.06 -0.15
C LYS C 355 -1.84 23.58 1.28
N LEU C 356 -0.99 24.26 2.05
CA LEU C 356 -0.80 23.86 3.45
C LEU C 356 -2.09 24.00 4.25
N ASN C 357 -2.81 25.10 4.04
CA ASN C 357 -4.07 25.30 4.78
C ASN C 357 -5.08 24.22 4.42
N ASP C 358 -5.17 23.85 3.15
CA ASP C 358 -6.09 22.78 2.74
C ASP C 358 -5.66 21.44 3.32
N GLN C 359 -4.35 21.17 3.32
CA GLN C 359 -3.85 19.89 3.81
C GLN C 359 -4.08 19.75 5.31
N ALA C 360 -3.99 20.86 6.05
CA ALA C 360 -4.16 20.81 7.50
C ALA C 360 -5.54 20.27 7.88
N ASN C 361 -6.52 20.43 7.00
CA ASN C 361 -7.85 19.89 7.24
C ASN C 361 -7.83 18.36 7.17
N ILE D 1 13.94 35.32 34.28
CA ILE D 1 15.10 36.03 34.80
C ILE D 1 16.10 36.28 33.67
N GLY D 2 16.64 37.49 33.63
CA GLY D 2 17.59 37.86 32.60
C GLY D 2 18.88 37.06 32.64
N TYR D 3 19.46 36.92 33.84
CA TYR D 3 20.72 36.19 33.96
C TYR D 3 20.53 34.71 33.65
N LYS D 4 19.44 34.12 34.13
CA LYS D 4 19.23 32.68 33.95
C LYS D 4 19.11 32.31 32.48
N LEU D 5 18.37 33.10 31.70
CA LEU D 5 18.27 32.85 30.28
C LEU D 5 19.58 33.16 29.57
N GLY D 6 20.29 34.20 30.03
CA GLY D 6 21.56 34.54 29.41
C GLY D 6 22.61 33.47 29.61
N HIS D 7 22.66 32.89 30.82
CA HIS D 7 23.61 31.81 31.09
C HIS D 7 23.30 30.58 30.24
N ARG D 8 22.02 30.25 30.10
CA ARG D 8 21.62 29.10 29.31
C ARG D 8 21.98 29.28 27.84
N ARG D 9 21.81 30.50 27.31
CA ARG D 9 22.12 30.75 25.91
C ARG D 9 23.62 30.66 25.62
N ALA D 10 24.46 31.10 26.56
CA ALA D 10 25.91 31.05 26.34
C ALA D 10 26.39 29.62 26.18
N LEU D 11 25.89 28.71 27.02
CA LEU D 11 26.27 27.31 26.92
C LEU D 11 25.88 26.69 25.60
N PHE D 12 24.73 27.10 25.03
CA PHE D 12 24.34 26.59 23.72
C PHE D 12 25.34 26.97 22.65
N GLU D 13 25.78 28.24 22.65
CA GLU D 13 26.77 28.66 21.67
C GLU D 13 28.11 27.97 21.89
N LYS D 14 28.52 27.83 23.15
CA LYS D 14 29.78 27.15 23.43
C LYS D 14 29.74 25.70 22.99
N ARG D 15 28.59 25.04 23.14
CA ARG D 15 28.45 23.66 22.67
C ARG D 15 28.40 23.58 21.15
N LYS D 16 27.77 24.56 20.50
CA LYS D 16 27.77 24.58 19.04
C LYS D 16 29.17 24.75 18.48
N ARG D 17 29.98 25.62 19.10
CA ARG D 17 31.31 25.90 18.57
C ARG D 17 32.19 24.65 18.60
N LEU D 18 32.11 23.86 19.66
CA LEU D 18 32.97 22.69 19.81
C LEU D 18 32.63 21.57 18.84
N SER D 19 31.42 21.54 18.30
CA SER D 19 31.01 20.48 17.39
C SER D 19 31.59 20.63 15.99
N ASP D 20 31.83 21.85 15.53
CA ASP D 20 32.40 22.06 14.21
C ASP D 20 33.86 21.63 14.14
N TYR D 21 34.63 21.92 15.19
CA TYR D 21 36.04 21.55 15.22
C TYR D 21 36.22 20.03 15.16
N ALA D 22 35.37 19.29 15.86
CA ALA D 22 35.45 17.84 15.83
C ALA D 22 35.20 17.30 14.42
N LEU D 23 34.19 17.84 13.74
CA LEU D 23 33.92 17.43 12.37
C LEU D 23 35.10 17.75 11.45
N ILE D 24 35.69 18.93 11.61
CA ILE D 24 36.83 19.32 10.80
C ILE D 24 37.99 18.35 11.01
N PHE D 25 38.31 18.07 12.27
CA PHE D 25 39.45 17.22 12.60
C PHE D 25 39.19 15.75 12.32
N GLY D 26 37.94 15.35 12.14
CA GLY D 26 37.66 14.00 11.70
C GLY D 26 37.75 13.85 10.19
N MET D 27 37.17 14.79 9.46
CA MET D 27 37.24 14.76 8.01
C MET D 27 38.66 14.93 7.50
N PHE D 28 39.46 15.76 8.17
CA PHE D 28 40.87 15.90 7.78
C PHE D 28 41.59 14.56 7.88
N GLY D 29 41.39 13.84 8.98
CA GLY D 29 42.02 12.54 9.15
C GLY D 29 41.54 11.53 8.12
N ILE D 30 40.24 11.53 7.83
CA ILE D 30 39.72 10.59 6.83
C ILE D 30 40.33 10.86 5.47
N VAL D 31 40.40 12.14 5.06
CA VAL D 31 40.95 12.47 3.75
C VAL D 31 42.43 12.10 3.68
N VAL D 32 43.19 12.39 4.75
CA VAL D 32 44.60 12.05 4.75
C VAL D 32 44.79 10.54 4.69
N MET D 33 43.94 9.77 5.37
CA MET D 33 44.04 8.31 5.31
C MET D 33 43.78 7.82 3.89
N VAL D 34 42.76 8.38 3.22
CA VAL D 34 42.46 7.96 1.86
C VAL D 34 43.64 8.25 0.93
N ILE D 35 44.23 9.45 1.06
CA ILE D 35 45.36 9.80 0.22
C ILE D 35 46.55 8.88 0.48
N GLU D 36 46.83 8.59 1.75
CA GLU D 36 47.94 7.71 2.09
C GLU D 36 47.73 6.31 1.54
N THR D 37 46.50 5.79 1.67
CA THR D 37 46.20 4.46 1.14
C THR D 37 46.39 4.41 -0.37
N GLU D 38 45.92 5.44 -1.07
CA GLU D 38 46.07 5.47 -2.52
C GLU D 38 47.53 5.57 -2.94
N LEU D 39 48.32 6.40 -2.26
CA LEU D 39 49.69 6.66 -2.68
C LEU D 39 50.69 5.63 -2.17
N SER D 40 50.32 4.79 -1.22
CA SER D 40 51.23 3.78 -0.70
C SER D 40 51.23 2.49 -1.51
N TRP D 41 50.45 2.43 -2.59
CA TRP D 41 50.35 1.23 -3.42
C TRP D 41 51.34 1.26 -4.57
N GLY D 42 51.46 2.39 -5.27
CA GLY D 42 52.34 2.47 -6.43
C GLY D 42 53.41 3.54 -6.39
N ALA D 43 53.17 4.61 -5.63
CA ALA D 43 54.10 5.73 -5.62
C ALA D 43 55.33 5.44 -4.77
N TYR D 44 55.13 5.19 -3.48
CA TYR D 44 56.20 4.83 -2.57
C TYR D 44 55.80 3.57 -1.81
N ASP D 45 56.73 3.05 -1.01
CA ASP D 45 56.49 1.87 -0.22
C ASP D 45 56.19 2.26 1.22
N LYS D 46 56.08 1.27 2.11
CA LYS D 46 55.71 1.50 3.50
C LYS D 46 56.91 1.74 4.40
N ALA D 47 58.12 1.78 3.83
CA ALA D 47 59.33 2.03 4.62
C ALA D 47 59.93 3.41 4.33
N SER D 48 59.24 4.25 3.56
CA SER D 48 59.74 5.58 3.24
C SER D 48 59.38 6.54 4.36
N LEU D 49 59.57 7.84 4.12
CA LEU D 49 59.29 8.87 5.11
C LEU D 49 57.93 9.54 4.92
N TYR D 50 57.38 9.50 3.70
CA TYR D 50 56.09 10.11 3.45
C TYR D 50 54.98 9.43 4.26
N SER D 51 55.03 8.10 4.33
CA SER D 51 54.07 7.37 5.16
C SER D 51 54.20 7.76 6.62
N LEU D 52 55.44 7.90 7.11
CA LEU D 52 55.67 8.30 8.49
C LEU D 52 55.06 9.68 8.76
N ALA D 53 55.31 10.64 7.87
CA ALA D 53 54.79 11.99 8.07
C ALA D 53 53.26 12.01 8.05
N LEU D 54 52.67 11.31 7.09
CA LEU D 54 51.20 11.30 6.99
C LEU D 54 50.56 10.64 8.20
N LYS D 55 51.13 9.53 8.67
CA LYS D 55 50.56 8.87 9.84
C LYS D 55 50.78 9.67 11.12
N CYS D 56 51.89 10.41 11.22
CA CYS D 56 52.06 11.33 12.34
C CYS D 56 51.00 12.42 12.33
N LEU D 57 50.69 12.96 11.14
CA LEU D 57 49.62 13.94 11.05
C LEU D 57 48.29 13.35 11.49
N ILE D 58 48.01 12.11 11.07
CA ILE D 58 46.77 11.45 11.47
C ILE D 58 46.70 11.30 12.99
N SER D 59 47.81 10.89 13.62
CA SER D 59 47.82 10.72 15.07
C SER D 59 47.59 12.05 15.79
N LEU D 60 48.22 13.13 15.31
CA LEU D 60 48.03 14.44 15.93
C LEU D 60 46.57 14.88 15.84
N SER D 61 45.96 14.70 14.67
CA SER D 61 44.55 15.05 14.50
C SER D 61 43.66 14.22 15.43
N THR D 62 43.99 12.93 15.59
CA THR D 62 43.20 12.09 16.48
C THR D 62 43.28 12.58 17.92
N ILE D 63 44.48 12.96 18.37
CA ILE D 63 44.64 13.46 19.73
C ILE D 63 43.79 14.72 19.94
N ILE D 64 43.85 15.65 18.96
CA ILE D 64 43.08 16.88 19.09
C ILE D 64 41.59 16.57 19.12
N LEU D 65 41.13 15.63 18.30
CA LEU D 65 39.72 15.26 18.28
C LEU D 65 39.27 14.67 19.61
N LEU D 66 40.09 13.82 20.22
CA LEU D 66 39.74 13.27 21.53
C LEU D 66 39.62 14.36 22.58
N GLY D 67 40.57 15.31 22.59
CA GLY D 67 40.45 16.42 23.52
C GLY D 67 39.18 17.22 23.33
N LEU D 68 38.83 17.49 22.06
CA LEU D 68 37.62 18.23 21.77
C LEU D 68 36.38 17.49 22.26
N ILE D 69 36.35 16.16 22.07
CA ILE D 69 35.21 15.38 22.56
C ILE D 69 35.09 15.48 24.07
N ILE D 70 36.22 15.40 24.79
CA ILE D 70 36.16 15.50 26.25
C ILE D 70 35.60 16.85 26.68
N VAL D 71 36.06 17.94 26.05
CA VAL D 71 35.57 19.26 26.42
C VAL D 71 34.08 19.40 26.12
N TYR D 72 33.64 18.86 24.97
CA TYR D 72 32.23 18.91 24.62
C TYR D 72 31.37 18.21 25.66
N HIS D 73 31.81 17.03 26.12
CA HIS D 73 31.01 16.32 27.10
C HIS D 73 31.00 17.04 28.45
N ALA D 74 32.11 17.69 28.81
CA ALA D 74 32.10 18.50 30.03
C ALA D 74 31.07 19.63 29.94
N ARG D 75 31.03 20.32 28.79
CA ARG D 75 30.04 21.39 28.63
C ARG D 75 28.62 20.85 28.66
N GLU D 76 28.39 19.68 28.07
CA GLU D 76 27.05 19.10 28.12
C GLU D 76 26.65 18.73 29.55
N ILE D 77 27.59 18.24 30.35
CA ILE D 77 27.27 17.97 31.75
C ILE D 77 26.94 19.26 32.49
N GLN D 78 27.65 20.35 32.19
CA GLN D 78 27.29 21.64 32.77
C GLN D 78 25.87 22.04 32.39
N LEU D 79 25.50 21.84 31.12
CA LEU D 79 24.14 22.15 30.69
C LEU D 79 23.12 21.31 31.44
N PHE D 80 23.41 20.02 31.65
CA PHE D 80 22.50 19.16 32.40
C PHE D 80 22.33 19.67 33.82
N MET D 81 23.44 20.07 34.45
CA MET D 81 23.36 20.61 35.81
C MET D 81 22.50 21.86 35.87
N VAL D 82 22.65 22.75 34.88
CA VAL D 82 21.84 23.97 34.87
C VAL D 82 20.37 23.66 34.64
N ASP D 83 20.06 22.71 33.76
CA ASP D 83 18.70 22.48 33.30
C ASP D 83 17.85 21.66 34.25
N ASN D 84 18.41 21.13 35.34
CA ASN D 84 17.64 20.31 36.26
C ASN D 84 17.70 20.82 37.69
N GLY D 85 18.24 22.02 37.90
CA GLY D 85 18.32 22.58 39.25
C GLY D 85 19.18 21.78 40.20
N ALA D 86 20.23 21.13 39.69
CA ALA D 86 21.16 20.37 40.51
C ALA D 86 22.38 21.21 40.83
N ASP D 87 23.10 20.80 41.87
CA ASP D 87 24.28 21.52 42.32
C ASP D 87 25.52 20.64 42.47
N ASP D 88 25.43 19.36 42.14
CA ASP D 88 26.57 18.45 42.18
C ASP D 88 26.62 17.67 40.87
N TRP D 89 27.80 17.62 40.25
CA TRP D 89 27.92 16.98 38.95
C TRP D 89 27.83 15.46 39.04
N ARG D 90 28.05 14.89 40.23
CA ARG D 90 28.00 13.44 40.36
C ARG D 90 26.60 12.88 40.15
N ILE D 91 25.56 13.70 40.29
CA ILE D 91 24.20 13.25 40.06
C ILE D 91 23.93 12.94 38.60
N ALA D 92 24.73 13.50 37.69
CA ALA D 92 24.53 13.30 36.26
C ALA D 92 25.19 12.02 35.73
N MET D 93 26.00 11.35 36.54
CA MET D 93 26.79 10.21 36.07
C MET D 93 26.00 8.93 36.32
N THR D 94 25.33 8.45 35.28
CA THR D 94 24.65 7.17 35.31
C THR D 94 25.39 6.15 34.47
N TYR D 95 24.94 4.90 34.54
CA TYR D 95 25.57 3.84 33.76
C TYR D 95 25.39 4.07 32.26
N GLU D 96 24.20 4.52 31.85
CA GLU D 96 23.95 4.75 30.43
C GLU D 96 24.83 5.88 29.89
N ARG D 97 24.98 6.96 30.65
CA ARG D 97 25.77 8.10 30.17
C ARG D 97 27.25 7.73 30.05
N ILE D 98 27.78 6.98 30.99
CA ILE D 98 29.21 6.65 30.98
C ILE D 98 29.54 5.74 29.79
N PHE D 99 28.64 4.82 29.46
CA PHE D 99 28.91 3.84 28.41
C PHE D 99 29.08 4.52 27.05
N PHE D 100 28.25 5.52 26.76
CA PHE D 100 28.31 6.17 25.45
C PHE D 100 29.57 6.99 25.27
N ILE D 101 30.08 7.63 26.33
CA ILE D 101 31.32 8.37 26.25
C ILE D 101 32.47 7.43 25.90
N CYS D 102 32.53 6.28 26.57
CA CYS D 102 33.58 5.30 26.27
C CYS D 102 33.43 4.77 24.85
N LEU D 103 32.21 4.54 24.41
CA LEU D 103 31.98 4.08 23.04
C LEU D 103 32.49 5.10 22.03
N GLU D 104 32.22 6.39 22.28
CA GLU D 104 32.70 7.44 21.38
C GLU D 104 34.21 7.49 21.37
N ILE D 105 34.85 7.39 22.54
CA ILE D 105 36.30 7.42 22.62
C ILE D 105 36.90 6.26 21.84
N LEU D 106 36.34 5.06 22.03
CA LEU D 106 36.85 3.88 21.33
C LEU D 106 36.67 4.02 19.82
N VAL D 107 35.53 4.54 19.38
CA VAL D 107 35.27 4.69 17.95
C VAL D 107 36.25 5.70 17.34
N CYS D 108 36.49 6.81 18.02
CA CYS D 108 37.34 7.86 17.48
C CYS D 108 38.82 7.61 17.71
N ALA D 109 39.20 6.59 18.48
CA ALA D 109 40.60 6.34 18.77
C ALA D 109 41.31 5.47 17.74
N ILE D 110 40.56 4.79 16.87
CA ILE D 110 41.17 3.85 15.93
C ILE D 110 41.72 4.62 14.73
N HIS D 111 42.98 4.36 14.41
CA HIS D 111 43.64 4.99 13.26
C HIS D 111 44.94 4.24 12.99
N PRO D 112 45.47 4.35 11.76
CA PRO D 112 46.76 3.70 11.47
C PRO D 112 47.93 4.40 12.14
N ILE D 113 48.57 3.72 13.09
CA ILE D 113 49.70 4.28 13.83
C ILE D 113 50.97 4.16 12.98
N PRO D 114 51.97 5.01 13.19
CA PRO D 114 53.21 4.90 12.41
C PRO D 114 53.96 3.61 12.75
N GLY D 115 54.67 3.10 11.75
CA GLY D 115 55.46 1.89 11.92
C GLY D 115 55.45 1.06 10.65
N ASN D 116 55.84 -0.20 10.80
CA ASN D 116 55.91 -1.15 9.69
C ASN D 116 55.52 -2.52 10.24
N TYR D 117 54.29 -2.95 9.94
CA TYR D 117 53.76 -4.20 10.47
C TYR D 117 53.06 -4.95 9.35
N THR D 118 53.24 -6.28 9.33
CA THR D 118 52.67 -7.11 8.27
C THR D 118 52.11 -8.40 8.88
N PHE D 119 51.21 -9.03 8.12
CA PHE D 119 50.61 -10.31 8.51
C PHE D 119 50.35 -11.12 7.25
N THR D 120 49.90 -12.35 7.44
CA THR D 120 49.66 -13.29 6.34
C THR D 120 48.17 -13.42 6.09
N TRP D 121 47.78 -13.33 4.82
CA TRP D 121 46.38 -13.34 4.41
C TRP D 121 46.16 -14.44 3.38
N THR D 122 45.13 -15.26 3.59
CA THR D 122 44.81 -16.37 2.71
C THR D 122 43.35 -16.29 2.32
N ALA D 123 43.06 -16.42 1.03
CA ALA D 123 41.71 -16.29 0.50
C ALA D 123 41.45 -17.37 -0.54
N ARG D 124 40.16 -17.63 -0.76
CA ARG D 124 39.69 -18.62 -1.73
C ARG D 124 39.05 -17.90 -2.90
N LEU D 125 39.60 -18.11 -4.10
CA LEU D 125 39.16 -17.37 -5.27
C LEU D 125 37.78 -17.84 -5.73
N ALA D 126 37.09 -16.96 -6.44
CA ALA D 126 35.72 -17.20 -6.87
C ALA D 126 35.68 -17.82 -8.26
N PHE D 127 34.73 -18.74 -8.45
CA PHE D 127 34.44 -19.41 -9.71
C PHE D 127 35.54 -20.40 -10.10
N SER D 128 36.63 -20.43 -9.34
CA SER D 128 37.71 -21.37 -9.57
C SER D 128 38.15 -22.12 -8.32
N TYR D 129 37.82 -21.61 -7.13
CA TYR D 129 38.05 -22.31 -5.87
C TYR D 129 39.55 -22.58 -5.67
N ALA D 130 40.39 -21.66 -6.13
CA ALA D 130 41.83 -21.82 -5.99
C ALA D 130 42.33 -21.02 -4.78
N PRO D 131 43.24 -21.60 -4.00
CA PRO D 131 43.81 -20.86 -2.87
C PRO D 131 44.69 -19.71 -3.32
N SER D 132 44.78 -18.69 -2.47
CA SER D 132 45.62 -17.52 -2.74
C SER D 132 46.15 -17.02 -1.41
N THR D 133 47.48 -16.84 -1.33
CA THR D 133 48.14 -16.41 -0.11
C THR D 133 49.04 -15.22 -0.43
N THR D 134 49.04 -14.22 0.47
CA THR D 134 49.88 -13.05 0.31
C THR D 134 50.17 -12.46 1.68
N THR D 135 51.18 -11.59 1.72
CA THR D 135 51.52 -10.85 2.93
C THR D 135 51.05 -9.41 2.79
N ALA D 136 50.30 -8.95 3.78
CA ALA D 136 49.65 -7.65 3.74
C ALA D 136 50.02 -6.85 4.97
N ASP D 137 49.79 -5.54 4.90
CA ASP D 137 50.07 -4.64 6.00
C ASP D 137 48.88 -4.54 6.94
N VAL D 138 49.18 -4.27 8.22
CA VAL D 138 48.14 -4.17 9.23
C VAL D 138 47.30 -2.92 9.08
N ASP D 139 47.84 -1.86 8.46
CA ASP D 139 47.16 -0.57 8.42
C ASP D 139 45.83 -0.63 7.68
N ILE D 140 45.63 -1.61 6.80
CA ILE D 140 44.33 -1.74 6.13
C ILE D 140 43.26 -2.15 7.13
N ILE D 141 43.62 -2.93 8.14
CA ILE D 141 42.66 -3.32 9.17
C ILE D 141 42.25 -2.12 10.02
N LEU D 142 43.19 -1.21 10.30
CA LEU D 142 42.94 -0.09 11.18
C LEU D 142 42.32 1.12 10.48
N SER D 143 42.34 1.16 9.16
CA SER D 143 41.87 2.34 8.43
C SER D 143 40.44 2.22 7.93
N ILE D 144 39.96 1.01 7.65
CA ILE D 144 38.56 0.85 7.24
C ILE D 144 37.58 1.30 8.32
N PRO D 145 37.75 0.94 9.60
CA PRO D 145 36.79 1.41 10.61
C PRO D 145 36.77 2.92 10.81
N MET D 146 37.69 3.66 10.21
CA MET D 146 37.73 5.12 10.38
C MET D 146 36.50 5.82 9.81
N PHE D 147 35.72 5.14 8.97
CA PHE D 147 34.49 5.72 8.42
C PHE D 147 33.39 5.86 9.46
N LEU D 148 33.55 5.28 10.65
CA LEU D 148 32.56 5.42 11.71
C LEU D 148 32.50 6.84 12.26
N ARG D 149 33.46 7.70 11.92
CA ARG D 149 33.48 9.10 12.36
C ARG D 149 32.44 9.94 11.68
N LEU D 150 31.55 9.37 10.87
CA LEU D 150 30.54 10.13 10.16
C LEU D 150 29.32 10.45 11.01
N TYR D 151 29.26 9.95 12.23
CA TYR D 151 28.14 10.25 13.11
C TYR D 151 28.18 11.69 13.61
N LEU D 152 29.29 12.40 13.41
CA LEU D 152 29.39 13.80 13.83
C LEU D 152 28.60 14.73 12.92
N ILE D 153 28.34 14.32 11.67
CA ILE D 153 27.55 15.14 10.77
C ILE D 153 26.12 15.30 11.29
N ALA D 154 25.56 14.22 11.83
CA ALA D 154 24.22 14.28 12.41
C ALA D 154 24.18 15.25 13.59
N ARG D 155 25.21 15.19 14.44
CA ARG D 155 25.29 16.09 15.59
C ARG D 155 25.38 17.55 15.14
N VAL D 156 26.21 17.82 14.13
CA VAL D 156 26.34 19.18 13.63
C VAL D 156 25.04 19.65 13.00
N MET D 157 24.34 18.78 12.27
CA MET D 157 23.06 19.16 11.68
C MET D 157 22.02 19.44 12.76
N LEU D 158 22.03 18.66 13.85
CA LEU D 158 21.06 18.87 14.92
C LEU D 158 21.34 20.18 15.65
N LEU D 159 22.60 20.46 15.97
CA LEU D 159 22.91 21.68 16.71
C LEU D 159 22.73 22.93 15.86
N HIS D 160 22.75 22.82 14.54
CA HIS D 160 22.52 23.95 13.65
C HIS D 160 21.10 23.98 13.12
N SER D 161 20.22 23.14 13.65
CA SER D 161 18.84 23.08 13.15
C SER D 161 18.09 24.36 13.48
N LYS D 162 17.27 24.80 12.52
CA LYS D 162 16.47 26.00 12.73
C LYS D 162 15.46 25.80 13.87
N LEU D 163 14.83 24.63 13.92
CA LEU D 163 13.89 24.34 14.99
C LEU D 163 14.59 24.28 16.34
N PHE D 164 15.80 23.71 16.37
CA PHE D 164 16.53 23.58 17.63
C PHE D 164 16.99 24.93 18.17
N THR D 165 17.20 25.91 17.29
CA THR D 165 17.77 27.19 17.70
C THR D 165 16.83 28.36 17.38
N ASP D 166 15.55 28.21 17.65
CA ASP D 166 14.58 29.28 17.44
C ASP D 166 13.73 29.42 18.70
N ALA D 167 13.64 30.65 19.22
CA ALA D 167 12.96 30.87 20.49
C ALA D 167 11.47 30.53 20.39
N SER D 168 10.82 30.93 19.31
CA SER D 168 9.38 30.66 19.17
C SER D 168 9.11 29.17 19.08
N SER D 169 9.93 28.43 18.34
CA SER D 169 9.73 26.99 18.22
C SER D 169 9.92 26.31 19.57
N ARG D 170 10.95 26.71 20.31
CA ARG D 170 11.17 26.14 21.64
C ARG D 170 10.00 26.45 22.58
N SER D 171 9.48 27.68 22.51
CA SER D 171 8.35 28.04 23.37
C SER D 171 7.12 27.20 23.03
N ILE D 172 6.82 27.05 21.74
CA ILE D 172 5.66 26.26 21.34
C ILE D 172 5.84 24.80 21.75
N GLY D 173 7.04 24.26 21.57
CA GLY D 173 7.30 22.89 22.00
C GLY D 173 7.14 22.72 23.50
N ALA D 174 7.60 23.71 24.27
CA ALA D 174 7.45 23.68 25.72
C ALA D 174 5.98 23.67 26.12
N LEU D 175 5.17 24.51 25.47
CA LEU D 175 3.74 24.49 25.75
C LEU D 175 3.11 23.16 25.35
N ASN D 176 3.62 22.52 24.30
CA ASN D 176 3.06 21.25 23.83
C ASN D 176 3.84 20.04 24.33
N LYS D 177 4.89 20.25 25.11
CA LYS D 177 5.68 19.17 25.71
C LYS D 177 6.26 18.25 24.64
N ILE D 178 7.13 18.82 23.81
CA ILE D 178 7.76 18.10 22.71
C ILE D 178 9.25 17.97 23.00
N ASN D 179 9.76 16.74 22.86
CA ASN D 179 11.19 16.49 23.06
C ASN D 179 11.94 16.76 21.76
N PHE D 180 12.88 17.70 21.80
CA PHE D 180 13.64 18.09 20.63
C PHE D 180 14.92 17.25 20.51
N ASN D 181 14.72 15.95 20.29
CA ASN D 181 15.83 15.02 20.15
C ASN D 181 16.27 14.97 18.68
N THR D 182 17.21 14.07 18.39
CA THR D 182 17.70 13.92 17.02
C THR D 182 16.72 13.17 16.12
N ARG D 183 15.78 12.43 16.70
CA ARG D 183 14.80 11.70 15.89
C ARG D 183 13.73 12.63 15.34
N PHE D 184 13.37 13.68 16.07
CA PHE D 184 12.36 14.61 15.60
C PHE D 184 12.81 15.33 14.33
N VAL D 185 14.08 15.74 14.28
CA VAL D 185 14.59 16.47 13.11
C VAL D 185 14.60 15.57 11.89
N MET D 186 14.99 14.30 12.06
CA MET D 186 15.02 13.38 10.93
C MET D 186 13.62 13.15 10.37
N LYS D 187 12.63 12.97 11.25
CA LYS D 187 11.27 12.78 10.80
C LYS D 187 10.73 14.04 10.11
N THR D 188 11.08 15.22 10.64
CA THR D 188 10.68 16.46 10.00
C THR D 188 11.27 16.59 8.60
N LEU D 189 12.55 16.25 8.45
CA LEU D 189 13.19 16.30 7.14
C LEU D 189 12.56 15.30 6.17
N MET D 190 12.22 14.11 6.67
CA MET D 190 11.55 13.13 5.81
C MET D 190 10.17 13.62 5.38
N THR D 191 9.43 14.28 6.27
CA THR D 191 8.14 14.82 5.88
C THR D 191 8.28 15.94 4.87
N ILE D 192 9.30 16.79 5.02
CA ILE D 192 9.45 17.95 4.14
C ILE D 192 9.99 17.54 2.78
N CYS D 193 11.22 17.02 2.75
CA CYS D 193 11.92 16.71 1.50
C CYS D 193 12.56 15.32 1.58
N PRO D 194 11.78 14.27 1.38
CA PRO D 194 12.37 12.92 1.47
C PRO D 194 13.28 12.57 0.30
N GLY D 195 12.96 13.07 -0.91
CA GLY D 195 13.74 12.68 -2.08
C GLY D 195 15.18 13.15 -2.00
N THR D 196 15.40 14.37 -1.51
CA THR D 196 16.76 14.89 -1.38
C THR D 196 17.57 14.04 -0.42
N VAL D 197 16.98 13.69 0.73
CA VAL D 197 17.66 12.87 1.72
C VAL D 197 18.02 11.52 1.11
N LEU D 198 17.06 10.90 0.42
CA LEU D 198 17.31 9.59 -0.18
C LEU D 198 18.43 9.66 -1.21
N LEU D 199 18.41 10.69 -2.06
CA LEU D 199 19.43 10.82 -3.09
C LEU D 199 20.82 11.01 -2.47
N VAL D 200 20.93 11.91 -1.50
CA VAL D 200 22.24 12.18 -0.89
C VAL D 200 22.76 10.93 -0.20
N PHE D 201 21.90 10.25 0.57
CA PHE D 201 22.32 9.04 1.26
C PHE D 201 22.78 7.98 0.29
N SER D 202 22.02 7.77 -0.80
CA SER D 202 22.37 6.75 -1.78
C SER D 202 23.69 7.06 -2.47
N ILE D 203 23.90 8.32 -2.88
CA ILE D 203 25.17 8.64 -3.56
C ILE D 203 26.37 8.49 -2.62
N SER D 204 26.25 8.97 -1.38
CA SER D 204 27.36 8.85 -0.45
C SER D 204 27.68 7.38 -0.16
N LEU D 205 26.64 6.58 0.10
CA LEU D 205 26.86 5.16 0.34
C LEU D 205 27.48 4.48 -0.87
N TRP D 206 27.02 4.83 -2.07
CA TRP D 206 27.57 4.25 -3.30
C TRP D 206 29.07 4.48 -3.38
N ILE D 207 29.49 5.75 -3.25
CA ILE D 207 30.90 6.06 -3.42
C ILE D 207 31.74 5.41 -2.33
N ILE D 208 31.30 5.52 -1.08
CA ILE D 208 32.09 4.99 0.03
C ILE D 208 32.21 3.47 -0.06
N ALA D 209 31.10 2.78 -0.35
CA ALA D 209 31.12 1.33 -0.43
C ALA D 209 31.98 0.85 -1.60
N ALA D 210 31.89 1.53 -2.75
CA ALA D 210 32.74 1.14 -3.88
C ALA D 210 34.22 1.29 -3.56
N TRP D 211 34.60 2.41 -2.91
CA TRP D 211 35.99 2.58 -2.54
C TRP D 211 36.45 1.52 -1.56
N THR D 212 35.60 1.20 -0.57
CA THR D 212 35.97 0.18 0.41
C THR D 212 36.15 -1.18 -0.25
N VAL D 213 35.25 -1.54 -1.17
CA VAL D 213 35.36 -2.82 -1.86
C VAL D 213 36.65 -2.88 -2.65
N ARG D 214 36.97 -1.80 -3.37
CA ARG D 214 38.22 -1.79 -4.14
C ARG D 214 39.42 -1.94 -3.23
N ALA D 215 39.42 -1.24 -2.09
CA ALA D 215 40.55 -1.30 -1.17
C ALA D 215 40.74 -2.70 -0.60
N CYS D 216 39.67 -3.38 -0.23
CA CYS D 216 39.82 -4.75 0.27
C CYS D 216 40.12 -5.75 -0.84
N GLU D 217 39.75 -5.45 -2.08
CA GLU D 217 39.99 -6.39 -3.18
C GLU D 217 41.33 -6.19 -3.85
N ARG D 218 42.08 -5.13 -3.51
CA ARG D 218 43.38 -4.93 -4.12
C ARG D 218 44.31 -6.12 -3.95
N TYR D 219 44.30 -6.75 -2.78
CA TYR D 219 45.36 -7.67 -2.39
C TYR D 219 45.30 -9.02 -3.11
N HIS D 220 44.12 -9.48 -3.50
CA HIS D 220 43.97 -10.82 -4.05
C HIS D 220 43.48 -10.85 -5.49
N ASP D 221 43.41 -9.70 -6.16
CA ASP D 221 42.94 -9.62 -7.53
C ASP D 221 44.12 -9.30 -8.44
N GLN D 222 44.51 -10.26 -9.28
CA GLN D 222 45.59 -10.10 -10.23
C GLN D 222 45.09 -10.08 -11.66
N GLN D 223 43.81 -9.74 -11.85
CA GLN D 223 43.22 -9.75 -13.19
C GLN D 223 42.40 -8.51 -13.49
N ASP D 224 42.39 -7.51 -12.61
CA ASP D 224 41.70 -6.24 -12.83
C ASP D 224 40.20 -6.45 -13.07
N VAL D 225 39.55 -7.05 -12.08
CA VAL D 225 38.12 -7.30 -12.15
C VAL D 225 37.41 -6.55 -11.03
N THR D 226 37.71 -6.91 -9.78
CA THR D 226 37.10 -6.28 -8.62
C THR D 226 37.94 -5.16 -8.04
N SER D 227 39.16 -4.96 -8.53
CA SER D 227 39.99 -3.83 -8.11
C SER D 227 39.76 -2.59 -8.96
N ASN D 228 39.02 -2.72 -10.06
CA ASN D 228 38.68 -1.56 -10.88
C ASN D 228 37.61 -0.73 -10.19
N PHE D 229 37.75 0.60 -10.28
CA PHE D 229 36.81 1.48 -9.60
C PHE D 229 35.45 1.49 -10.28
N LEU D 230 35.43 1.57 -11.62
CA LEU D 230 34.17 1.52 -12.34
C LEU D 230 33.47 0.18 -12.17
N GLY D 231 34.24 -0.92 -12.17
CA GLY D 231 33.65 -2.21 -11.90
C GLY D 231 33.03 -2.31 -10.52
N ALA D 232 33.72 -1.74 -9.52
CA ALA D 232 33.17 -1.70 -8.17
C ALA D 232 31.89 -0.88 -8.12
N MET D 233 31.86 0.25 -8.83
CA MET D 233 30.64 1.06 -8.88
C MET D 233 29.49 0.28 -9.48
N TRP D 234 29.74 -0.43 -10.59
CA TRP D 234 28.70 -1.21 -11.23
C TRP D 234 28.22 -2.35 -10.34
N LEU D 235 29.16 -3.02 -9.65
CA LEU D 235 28.80 -4.12 -8.75
C LEU D 235 27.93 -3.61 -7.61
N ILE D 236 28.29 -2.48 -7.02
CA ILE D 236 27.49 -1.91 -5.93
C ILE D 236 26.11 -1.52 -6.46
N SER D 237 26.03 -0.94 -7.66
CA SER D 237 24.75 -0.54 -8.20
C SER D 237 23.84 -1.74 -8.45
N ILE D 238 24.39 -2.83 -8.99
CA ILE D 238 23.56 -3.99 -9.28
C ILE D 238 23.24 -4.82 -8.04
N THR D 239 24.05 -4.71 -6.98
CA THR D 239 23.68 -5.34 -5.71
C THR D 239 22.62 -4.52 -4.98
N PHE D 240 22.68 -3.20 -5.10
CA PHE D 240 21.67 -2.34 -4.48
C PHE D 240 20.29 -2.63 -5.06
N LEU D 241 20.21 -2.80 -6.38
CA LEU D 241 18.94 -3.07 -7.05
C LEU D 241 18.55 -4.55 -6.99
N SER D 242 19.43 -5.41 -6.48
CA SER D 242 19.17 -6.84 -6.35
C SER D 242 18.91 -7.51 -7.70
N ILE D 243 19.79 -7.24 -8.66
CA ILE D 243 19.71 -7.91 -9.95
C ILE D 243 20.59 -9.16 -9.97
N GLY D 244 21.75 -9.11 -9.36
CA GLY D 244 22.63 -10.25 -9.29
C GLY D 244 24.07 -9.80 -9.09
N TYR D 245 24.97 -10.79 -9.18
CA TYR D 245 26.40 -10.55 -9.07
C TYR D 245 27.14 -10.60 -10.39
N GLY D 246 26.57 -11.24 -11.41
CA GLY D 246 27.30 -11.44 -12.65
C GLY D 246 28.53 -12.30 -12.40
N ASP D 247 29.66 -11.86 -12.93
CA ASP D 247 30.95 -12.49 -12.68
C ASP D 247 31.83 -11.64 -11.78
N MET D 248 31.21 -10.90 -10.86
CA MET D 248 31.90 -9.93 -10.02
C MET D 248 31.81 -10.33 -8.54
N VAL D 249 31.85 -11.62 -8.27
CA VAL D 249 31.83 -12.09 -6.87
C VAL D 249 33.17 -11.80 -6.22
N PRO D 250 33.20 -11.18 -5.04
CA PRO D 250 34.47 -10.91 -4.38
C PRO D 250 35.14 -12.18 -3.88
N ASN D 251 36.48 -12.11 -3.77
CA ASN D 251 37.26 -13.19 -3.18
C ASN D 251 37.57 -12.94 -1.71
N THR D 252 36.97 -11.92 -1.11
CA THR D 252 37.27 -11.52 0.25
C THR D 252 35.97 -11.33 1.02
N TYR D 253 36.03 -11.54 2.34
CA TYR D 253 34.87 -11.33 3.18
C TYR D 253 34.53 -9.85 3.35
N CYS D 254 35.51 -8.96 3.12
CA CYS D 254 35.22 -7.53 2.98
C CYS D 254 34.10 -7.29 1.98
N GLY D 255 34.31 -7.75 0.75
CA GLY D 255 33.34 -7.51 -0.30
C GLY D 255 32.00 -8.15 -0.01
N LYS D 256 32.03 -9.35 0.57
CA LYS D 256 30.78 -10.03 0.90
C LYS D 256 29.99 -9.25 1.95
N GLY D 257 30.65 -8.76 2.99
CA GLY D 257 29.96 -7.97 4.00
C GLY D 257 29.43 -6.66 3.44
N VAL D 258 30.21 -5.98 2.60
CA VAL D 258 29.76 -4.73 2.02
C VAL D 258 28.58 -4.96 1.09
N CYS D 259 28.61 -6.04 0.30
CA CYS D 259 27.48 -6.35 -0.57
C CYS D 259 26.24 -6.69 0.24
N LEU D 260 26.39 -7.41 1.34
CA LEU D 260 25.26 -7.71 2.20
C LEU D 260 24.64 -6.43 2.77
N LEU D 261 25.48 -5.51 3.24
CA LEU D 261 24.96 -4.23 3.74
C LEU D 261 24.28 -3.44 2.65
N THR D 262 24.85 -3.41 1.44
CA THR D 262 24.25 -2.68 0.33
C THR D 262 22.89 -3.26 -0.03
N GLY D 263 22.77 -4.58 -0.07
CA GLY D 263 21.48 -5.20 -0.35
C GLY D 263 20.44 -4.92 0.72
N ILE D 264 20.86 -4.98 1.99
CA ILE D 264 19.94 -4.67 3.08
C ILE D 264 19.43 -3.24 2.96
N MET D 265 20.32 -2.29 2.69
CA MET D 265 19.88 -0.90 2.53
C MET D 265 18.97 -0.73 1.34
N GLY D 266 19.33 -1.33 0.20
CA GLY D 266 18.52 -1.18 -1.00
C GLY D 266 17.12 -1.74 -0.87
N ALA D 267 16.97 -2.83 -0.12
CA ALA D 267 15.65 -3.44 0.06
C ALA D 267 14.62 -2.45 0.55
N GLY D 268 15.02 -1.55 1.45
CA GLY D 268 14.11 -0.53 1.95
C GLY D 268 14.12 0.76 1.16
N CYS D 269 15.30 1.13 0.64
CA CYS D 269 15.41 2.37 -0.12
C CYS D 269 14.54 2.33 -1.38
N THR D 270 14.51 1.18 -2.07
CA THR D 270 13.70 1.08 -3.28
C THR D 270 12.22 1.31 -2.98
N ALA D 271 11.72 0.68 -1.91
CA ALA D 271 10.32 0.84 -1.55
C ALA D 271 10.01 2.29 -1.18
N LEU D 272 10.88 2.92 -0.40
CA LEU D 272 10.64 4.33 -0.05
C LEU D 272 10.62 5.22 -1.29
N VAL D 273 11.55 5.01 -2.20
CA VAL D 273 11.63 5.84 -3.40
C VAL D 273 10.39 5.65 -4.27
N VAL D 274 9.96 4.39 -4.46
CA VAL D 274 8.79 4.18 -5.31
C VAL D 274 7.53 4.74 -4.66
N ALA D 275 7.43 4.67 -3.32
CA ALA D 275 6.29 5.29 -2.65
C ALA D 275 6.28 6.80 -2.87
N VAL D 276 7.44 7.44 -2.77
CA VAL D 276 7.51 8.89 -2.99
C VAL D 276 7.12 9.22 -4.42
N VAL D 277 7.62 8.45 -5.39
CA VAL D 277 7.32 8.69 -6.79
C VAL D 277 5.82 8.54 -7.05
N ALA D 278 5.22 7.51 -6.48
CA ALA D 278 3.77 7.32 -6.63
C ALA D 278 3.00 8.47 -6.03
N ARG D 279 3.45 8.97 -4.88
CA ARG D 279 2.78 10.10 -4.24
C ARG D 279 2.91 11.37 -5.07
N LYS D 280 4.01 11.54 -5.80
CA LYS D 280 4.27 12.77 -6.53
C LYS D 280 3.56 12.84 -7.88
N LEU D 281 2.84 11.79 -8.29
CA LEU D 281 2.19 11.77 -9.59
C LEU D 281 0.70 12.06 -9.52
N GLU D 282 0.18 12.46 -8.36
CA GLU D 282 -1.24 12.67 -8.19
C GLU D 282 -1.62 14.13 -8.44
N LEU D 283 -2.86 14.34 -8.87
CA LEU D 283 -3.38 15.66 -9.13
C LEU D 283 -3.76 16.37 -7.84
N THR D 284 -3.95 17.68 -7.92
CA THR D 284 -4.38 18.49 -6.80
C THR D 284 -5.89 18.73 -6.87
N LYS D 285 -6.41 19.51 -5.93
CA LYS D 285 -7.85 19.73 -5.83
C LYS D 285 -8.39 20.48 -7.04
N ALA D 286 -7.77 21.61 -7.38
CA ALA D 286 -8.26 22.42 -8.49
C ALA D 286 -8.14 21.68 -9.81
N GLU D 287 -7.02 20.97 -10.00
CA GLU D 287 -6.85 20.18 -11.21
C GLU D 287 -7.91 19.09 -11.31
N LYS D 288 -8.21 18.43 -10.19
CA LYS D 288 -9.25 17.41 -10.19
C LYS D 288 -10.60 18.01 -10.55
N HIS D 289 -10.92 19.18 -10.00
CA HIS D 289 -12.20 19.81 -10.30
C HIS D 289 -12.32 20.18 -11.78
N VAL D 290 -11.26 20.75 -12.35
CA VAL D 290 -11.28 21.11 -13.76
C VAL D 290 -11.42 19.86 -14.63
N HIS D 291 -10.68 18.81 -14.30
CA HIS D 291 -10.75 17.57 -15.07
C HIS D 291 -12.15 16.98 -15.01
N ASN D 292 -12.78 16.98 -13.83
CA ASN D 292 -14.12 16.45 -13.70
C ASN D 292 -15.12 17.27 -14.51
N PHE D 293 -14.98 18.59 -14.49
CA PHE D 293 -15.86 19.45 -15.28
C PHE D 293 -15.78 19.11 -16.76
N MET D 294 -14.54 19.02 -17.28
CA MET D 294 -14.37 18.74 -18.71
C MET D 294 -14.90 17.36 -19.07
N MET D 295 -14.64 16.37 -18.21
CA MET D 295 -15.12 15.02 -18.49
C MET D 295 -16.64 14.96 -18.50
N ASP D 296 -17.28 15.68 -17.58
CA ASP D 296 -18.74 15.75 -17.57
C ASP D 296 -19.28 16.34 -18.86
N THR D 297 -18.64 17.42 -19.34
CA THR D 297 -19.08 18.01 -20.60
C THR D 297 -18.96 17.03 -21.76
N GLN D 298 -17.82 16.34 -21.86
CA GLN D 298 -17.63 15.38 -22.94
C GLN D 298 -18.67 14.26 -22.87
N LEU D 299 -18.93 13.76 -21.65
CA LEU D 299 -19.90 12.67 -21.49
C LEU D 299 -21.29 13.12 -21.91
N THR D 300 -21.67 14.35 -21.55
CA THR D 300 -22.97 14.86 -21.98
C THR D 300 -23.08 14.90 -23.50
N LYS D 301 -22.03 15.39 -24.16
CA LYS D 301 -22.07 15.45 -25.63
C LYS D 301 -22.21 14.05 -26.23
N ARG D 302 -21.46 13.08 -25.71
CA ARG D 302 -21.51 11.74 -26.28
C ARG D 302 -22.86 11.07 -26.03
N VAL D 303 -23.46 11.33 -24.85
CA VAL D 303 -24.80 10.80 -24.57
C VAL D 303 -25.80 11.34 -25.58
N LYS D 304 -25.74 12.66 -25.84
CA LYS D 304 -26.67 13.22 -26.82
C LYS D 304 -26.47 12.63 -28.21
N ASN D 305 -25.21 12.43 -28.62
CA ASN D 305 -24.96 11.85 -29.94
C ASN D 305 -25.52 10.43 -30.05
N ALA D 306 -25.28 9.60 -29.04
CA ALA D 306 -25.81 8.24 -29.07
C ALA D 306 -27.33 8.22 -29.10
N ALA D 307 -27.96 9.09 -28.30
CA ALA D 307 -29.41 9.14 -28.28
C ALA D 307 -29.98 9.54 -29.64
N ALA D 308 -29.32 10.49 -30.32
CA ALA D 308 -29.77 10.85 -31.66
C ALA D 308 -29.61 9.68 -32.64
N ASN D 309 -28.49 8.96 -32.53
CA ASN D 309 -28.22 7.85 -33.45
C ASN D 309 -29.28 6.76 -33.32
N VAL D 310 -29.71 6.48 -32.08
CA VAL D 310 -30.72 5.43 -31.88
C VAL D 310 -31.99 5.75 -32.65
N LEU D 311 -32.50 6.98 -32.51
CA LEU D 311 -33.71 7.39 -33.21
C LEU D 311 -33.52 7.40 -34.72
N ARG D 312 -32.35 7.82 -35.20
CA ARG D 312 -32.11 7.78 -36.63
C ARG D 312 -32.23 6.37 -37.17
N GLU D 313 -31.62 5.40 -36.47
CA GLU D 313 -31.69 4.02 -36.92
C GLU D 313 -33.13 3.49 -36.88
N THR D 314 -33.87 3.84 -35.83
CA THR D 314 -35.26 3.39 -35.73
C THR D 314 -36.07 3.92 -36.91
N TRP D 315 -35.92 5.21 -37.22
CA TRP D 315 -36.67 5.79 -38.34
C TRP D 315 -36.28 5.12 -39.66
N LEU D 316 -34.99 4.86 -39.85
CA LEU D 316 -34.57 4.22 -41.09
C LEU D 316 -35.18 2.83 -41.24
N ILE D 317 -35.19 2.06 -40.14
CA ILE D 317 -35.79 0.73 -40.18
C ILE D 317 -37.27 0.82 -40.55
N TYR D 318 -37.99 1.74 -39.90
CA TYR D 318 -39.42 1.88 -40.19
C TYR D 318 -39.66 2.29 -41.63
N LYS D 319 -38.84 3.21 -42.16
CA LYS D 319 -39.02 3.68 -43.52
C LYS D 319 -38.78 2.57 -44.53
N ASN D 320 -37.67 1.84 -44.38
CA ASN D 320 -37.38 0.76 -45.32
C ASN D 320 -38.37 -0.39 -45.20
N THR D 321 -38.97 -0.58 -44.01
CA THR D 321 -39.85 -1.72 -43.82
C THR D 321 -41.19 -1.53 -44.53
N LYS D 322 -41.81 -0.35 -44.40
CA LYS D 322 -43.19 -0.15 -44.86
C LYS D 322 -43.32 0.84 -46.00
N LEU D 323 -42.66 1.99 -45.92
CA LEU D 323 -42.87 3.03 -46.92
C LEU D 323 -42.43 2.59 -48.31
N VAL D 324 -41.31 1.88 -48.40
CA VAL D 324 -40.84 1.36 -49.69
C VAL D 324 -41.68 0.14 -50.06
N LYS D 325 -41.98 0.00 -51.35
CA LYS D 325 -42.81 -1.11 -51.80
C LYS D 325 -42.03 -2.42 -51.79
N LYS D 326 -40.96 -2.51 -52.58
CA LYS D 326 -40.10 -3.68 -52.56
C LYS D 326 -39.16 -3.59 -51.36
N ILE D 327 -39.03 -4.70 -50.64
CA ILE D 327 -38.26 -4.73 -49.40
C ILE D 327 -36.90 -5.34 -49.72
N ASP D 328 -35.84 -4.56 -49.54
CA ASP D 328 -34.47 -5.05 -49.66
C ASP D 328 -34.01 -5.49 -48.28
N HIS D 329 -34.02 -6.80 -48.05
CA HIS D 329 -33.80 -7.32 -46.70
C HIS D 329 -32.40 -7.03 -46.19
N ALA D 330 -31.43 -6.88 -47.09
CA ALA D 330 -30.07 -6.58 -46.68
C ALA D 330 -30.00 -5.24 -45.95
N LYS D 331 -30.67 -4.23 -46.49
CA LYS D 331 -30.69 -2.92 -45.85
C LYS D 331 -31.36 -2.99 -44.49
N VAL D 332 -32.46 -3.72 -44.39
CA VAL D 332 -33.17 -3.84 -43.11
C VAL D 332 -32.29 -4.51 -42.07
N ARG D 333 -31.59 -5.58 -42.46
CA ARG D 333 -30.71 -6.27 -41.53
C ARG D 333 -29.55 -5.38 -41.09
N LYS D 334 -28.97 -4.63 -42.04
CA LYS D 334 -27.89 -3.72 -41.69
C LYS D 334 -28.37 -2.67 -40.70
N HIS D 335 -29.55 -2.10 -40.94
CA HIS D 335 -30.06 -1.08 -40.04
C HIS D 335 -30.41 -1.64 -38.67
N GLN D 336 -30.89 -2.89 -38.61
CA GLN D 336 -31.14 -3.51 -37.31
C GLN D 336 -29.85 -3.76 -36.54
N ARG D 337 -28.79 -4.20 -37.23
CA ARG D 337 -27.50 -4.34 -36.57
C ARG D 337 -27.01 -2.99 -36.04
N LYS D 338 -27.14 -1.93 -36.83
CA LYS D 338 -26.72 -0.61 -36.37
C LYS D 338 -27.56 -0.14 -35.20
N PHE D 339 -28.85 -0.48 -35.20
CA PHE D 339 -29.74 -0.13 -34.10
C PHE D 339 -29.28 -0.78 -32.80
N LEU D 340 -28.96 -2.08 -32.85
CA LEU D 340 -28.46 -2.77 -31.66
C LEU D 340 -27.14 -2.17 -31.20
N GLN D 341 -26.24 -1.86 -32.14
CA GLN D 341 -24.95 -1.27 -31.77
C GLN D 341 -25.14 0.08 -31.09
N ALA D 342 -26.05 0.91 -31.61
CA ALA D 342 -26.31 2.21 -31.02
C ALA D 342 -26.89 2.07 -29.62
N ILE D 343 -27.77 1.08 -29.42
CA ILE D 343 -28.32 0.85 -28.08
C ILE D 343 -27.20 0.50 -27.09
N HIS D 344 -26.30 -0.39 -27.51
CA HIS D 344 -25.19 -0.78 -26.64
C HIS D 344 -24.29 0.41 -26.32
N GLN D 345 -23.99 1.23 -27.33
CA GLN D 345 -23.16 2.41 -27.09
C GLN D 345 -23.84 3.37 -26.11
N LEU D 346 -25.15 3.58 -26.28
CA LEU D 346 -25.87 4.48 -25.39
C LEU D 346 -25.81 4.02 -23.95
N ARG D 347 -26.09 2.72 -23.71
CA ARG D 347 -26.06 2.25 -22.34
C ARG D 347 -24.65 2.25 -21.76
N SER D 348 -23.63 2.00 -22.59
CA SER D 348 -22.27 2.08 -22.10
C SER D 348 -21.91 3.49 -21.65
N VAL D 349 -22.27 4.50 -22.45
CA VAL D 349 -21.94 5.87 -22.07
C VAL D 349 -22.73 6.29 -20.83
N LYS D 350 -23.98 5.84 -20.72
CA LYS D 350 -24.75 6.14 -19.52
C LYS D 350 -24.08 5.54 -18.27
N MET D 351 -23.62 4.30 -18.38
CA MET D 351 -22.94 3.67 -17.25
C MET D 351 -21.66 4.43 -16.89
N GLU D 352 -20.91 4.86 -17.91
CA GLU D 352 -19.69 5.62 -17.63
C GLU D 352 -20.00 6.93 -16.92
N GLN D 353 -21.04 7.63 -17.35
CA GLN D 353 -21.40 8.89 -16.69
C GLN D 353 -21.84 8.65 -15.25
N ARG D 354 -22.61 7.60 -15.02
CA ARG D 354 -23.03 7.28 -13.65
C ARG D 354 -21.83 6.97 -12.77
N LYS D 355 -20.86 6.22 -13.31
CA LYS D 355 -19.66 5.90 -12.55
C LYS D 355 -18.88 7.16 -12.22
N LEU D 356 -18.76 8.08 -13.19
CA LEU D 356 -18.05 9.33 -12.92
C LEU D 356 -18.73 10.14 -11.84
N ASN D 357 -20.06 10.22 -11.88
CA ASN D 357 -20.78 10.97 -10.85
C ASN D 357 -20.61 10.32 -9.48
N ASP D 358 -20.67 8.99 -9.42
CA ASP D 358 -20.48 8.30 -8.15
C ASP D 358 -19.08 8.52 -7.60
N GLN D 359 -18.07 8.50 -8.48
CA GLN D 359 -16.70 8.76 -8.05
C GLN D 359 -16.56 10.19 -7.53
N ALA D 360 -17.18 11.15 -8.22
CA ALA D 360 -17.12 12.54 -7.80
C ALA D 360 -17.95 12.83 -6.56
N ASN D 361 -18.84 11.91 -6.18
CA ASN D 361 -19.62 12.08 -4.94
C ASN D 361 -18.72 12.24 -3.72
N ASP E 1 -8.42 -27.32 45.61
CA ASP E 1 -9.66 -27.15 44.86
C ASP E 1 -10.65 -26.27 45.62
N GLN E 2 -10.19 -25.72 46.75
CA GLN E 2 -11.04 -24.91 47.60
C GLN E 2 -10.80 -23.41 47.45
N LEU E 3 -10.29 -22.97 46.30
CA LEU E 3 -10.15 -21.55 46.00
C LEU E 3 -9.28 -20.83 47.02
N THR E 4 -7.98 -21.13 47.04
CA THR E 4 -7.04 -20.56 47.99
C THR E 4 -7.01 -19.03 47.85
N GLU E 5 -6.31 -18.38 48.79
CA GLU E 5 -6.41 -16.93 48.93
C GLU E 5 -5.96 -16.21 47.67
N GLU E 6 -4.88 -16.69 47.04
CA GLU E 6 -4.41 -16.06 45.81
C GLU E 6 -5.46 -16.16 44.70
N GLN E 7 -6.14 -17.31 44.62
CA GLN E 7 -7.16 -17.49 43.60
C GLN E 7 -8.35 -16.57 43.82
N ILE E 8 -8.74 -16.37 45.09
CA ILE E 8 -9.81 -15.44 45.40
C ILE E 8 -9.40 -14.01 45.06
N ALA E 9 -8.12 -13.69 45.27
CA ALA E 9 -7.63 -12.35 44.97
C ALA E 9 -7.78 -12.02 43.49
N GLU E 10 -7.53 -13.00 42.62
CA GLU E 10 -7.70 -12.78 41.18
C GLU E 10 -9.15 -12.47 40.86
N PHE E 11 -10.09 -13.19 41.47
CA PHE E 11 -11.51 -12.91 41.26
C PHE E 11 -11.92 -11.60 41.92
N LYS E 12 -11.25 -11.24 43.02
CA LYS E 12 -11.50 -9.93 43.64
C LYS E 12 -11.13 -8.80 42.69
N GLU E 13 -9.98 -8.91 42.04
CA GLU E 13 -9.56 -7.87 41.10
C GLU E 13 -10.50 -7.80 39.92
N ALA E 14 -10.94 -8.95 39.41
CA ALA E 14 -11.89 -8.98 38.30
C ALA E 14 -13.21 -8.35 38.69
N PHE E 15 -13.66 -8.61 39.93
CA PHE E 15 -14.94 -8.06 40.38
C PHE E 15 -14.91 -6.54 40.43
N SER E 16 -13.77 -5.95 40.79
CA SER E 16 -13.67 -4.50 40.90
C SER E 16 -13.81 -3.81 39.54
N LEU E 17 -13.63 -4.55 38.45
CA LEU E 17 -13.78 -3.96 37.12
C LEU E 17 -15.21 -3.46 36.89
N PHE E 18 -16.19 -4.31 37.18
CA PHE E 18 -17.59 -3.89 37.09
C PHE E 18 -17.97 -3.00 38.26
N ASP E 19 -17.52 -3.34 39.47
CA ASP E 19 -17.89 -2.63 40.69
C ASP E 19 -17.00 -1.41 40.83
N LYS E 20 -17.31 -0.37 40.04
CA LYS E 20 -16.52 0.85 40.08
C LYS E 20 -16.72 1.61 41.38
N ASP E 21 -17.96 1.66 41.88
CA ASP E 21 -18.25 2.42 43.09
C ASP E 21 -17.55 1.84 44.32
N GLY E 22 -17.27 0.55 44.33
CA GLY E 22 -16.62 -0.08 45.46
C GLY E 22 -17.54 -0.45 46.61
N ASP E 23 -18.83 -0.19 46.49
CA ASP E 23 -19.76 -0.52 47.56
C ASP E 23 -19.84 -2.03 47.79
N GLY E 24 -19.90 -2.80 46.71
CA GLY E 24 -19.95 -4.25 46.84
C GLY E 24 -21.08 -4.88 46.05
N THR E 25 -21.78 -4.08 45.24
CA THR E 25 -22.88 -4.56 44.43
C THR E 25 -22.72 -4.03 43.00
N ILE E 26 -23.23 -4.80 42.05
CA ILE E 26 -23.18 -4.46 40.63
C ILE E 26 -24.59 -4.11 40.18
N THR E 27 -24.77 -2.86 39.75
CA THR E 27 -26.06 -2.40 39.27
C THR E 27 -26.19 -2.63 37.76
N THR E 28 -27.38 -2.38 37.24
CA THR E 28 -27.62 -2.55 35.81
C THR E 28 -26.79 -1.56 35.00
N LYS E 29 -26.70 -0.32 35.47
CA LYS E 29 -25.91 0.67 34.74
C LYS E 29 -24.41 0.38 34.83
N GLU E 30 -23.95 -0.21 35.95
CA GLU E 30 -22.55 -0.60 36.05
C GLU E 30 -22.21 -1.69 35.05
N LEU E 31 -23.09 -2.68 34.91
CA LEU E 31 -22.87 -3.74 33.94
C LEU E 31 -23.01 -3.21 32.51
N GLY E 32 -24.00 -2.35 32.27
CA GLY E 32 -24.21 -1.82 30.94
C GLY E 32 -23.06 -0.95 30.46
N THR E 33 -22.41 -0.24 31.38
CA THR E 33 -21.28 0.61 30.99
C THR E 33 -20.13 -0.23 30.43
N VAL E 34 -19.83 -1.37 31.06
CA VAL E 34 -18.75 -2.22 30.59
C VAL E 34 -19.07 -2.77 29.21
N MET E 35 -20.30 -3.23 29.00
CA MET E 35 -20.67 -3.80 27.71
C MET E 35 -20.66 -2.76 26.60
N ARG E 36 -20.91 -1.50 26.93
CA ARG E 36 -20.86 -0.45 25.92
C ARG E 36 -19.44 -0.22 25.42
N SER E 37 -18.44 -0.38 26.29
CA SER E 37 -17.06 -0.22 25.89
C SER E 37 -16.59 -1.36 24.98
N LEU E 38 -17.27 -2.50 25.02
CA LEU E 38 -16.89 -3.66 24.21
C LEU E 38 -17.57 -3.68 22.84
N GLY E 39 -18.41 -2.70 22.55
CA GLY E 39 -19.10 -2.63 21.28
C GLY E 39 -20.49 -3.19 21.26
N GLN E 40 -21.20 -3.19 22.40
CA GLN E 40 -22.56 -3.69 22.48
C GLN E 40 -23.44 -2.64 23.12
N ASN E 41 -24.71 -2.60 22.69
CA ASN E 41 -25.69 -1.65 23.19
C ASN E 41 -26.97 -2.38 23.58
N PRO E 42 -26.94 -3.15 24.66
CA PRO E 42 -28.13 -3.86 25.10
C PRO E 42 -29.14 -2.92 25.74
N THR E 43 -30.41 -3.31 25.64
CA THR E 43 -31.49 -2.57 26.27
C THR E 43 -31.62 -2.98 27.75
N GLU E 44 -32.39 -2.18 28.49
CA GLU E 44 -32.59 -2.50 29.91
C GLU E 44 -33.33 -3.82 30.09
N ALA E 45 -34.20 -4.17 29.14
CA ALA E 45 -34.85 -5.47 29.20
C ALA E 45 -33.85 -6.61 29.07
N GLU E 46 -32.89 -6.47 28.15
CA GLU E 46 -31.85 -7.47 28.02
C GLU E 46 -30.97 -7.51 29.27
N LEU E 47 -30.66 -6.35 29.84
CA LEU E 47 -29.84 -6.31 31.04
C LEU E 47 -30.54 -6.98 32.21
N GLN E 48 -31.84 -6.75 32.37
CA GLN E 48 -32.55 -7.22 33.56
C GLN E 48 -32.53 -8.74 33.67
N ASP E 49 -32.65 -9.44 32.54
CA ASP E 49 -32.69 -10.89 32.58
C ASP E 49 -31.32 -11.52 32.92
N MET E 50 -30.24 -10.74 32.93
CA MET E 50 -28.95 -11.32 33.28
C MET E 50 -28.72 -11.32 34.79
N ILE E 51 -29.08 -10.24 35.48
CA ILE E 51 -28.89 -10.21 36.94
C ILE E 51 -29.75 -11.27 37.62
N ASN E 52 -31.05 -11.30 37.31
CA ASN E 52 -31.95 -12.23 37.97
C ASN E 52 -31.66 -13.68 37.58
N GLU E 53 -30.97 -13.90 36.45
CA GLU E 53 -30.53 -15.24 36.11
C GLU E 53 -29.56 -15.78 37.16
N VAL E 54 -28.66 -14.92 37.64
CA VAL E 54 -27.70 -15.31 38.67
C VAL E 54 -28.14 -14.88 40.07
N ASP E 55 -28.89 -13.79 40.19
CA ASP E 55 -29.34 -13.32 41.50
C ASP E 55 -30.21 -14.36 42.17
N ALA E 56 -29.94 -14.63 43.45
CA ALA E 56 -30.72 -15.57 44.24
C ALA E 56 -31.56 -14.92 45.31
N ASP E 57 -31.23 -13.69 45.72
CA ASP E 57 -31.98 -12.98 46.74
C ASP E 57 -33.16 -12.18 46.17
N GLY E 58 -33.25 -12.08 44.85
CA GLY E 58 -34.35 -11.33 44.24
C GLY E 58 -34.37 -9.86 44.58
N ASN E 59 -33.18 -9.23 44.61
CA ASN E 59 -33.08 -7.81 44.91
C ASN E 59 -32.30 -7.03 43.87
N GLY E 60 -31.99 -7.64 42.72
CA GLY E 60 -31.20 -6.97 41.71
C GLY E 60 -29.80 -6.63 42.18
N THR E 61 -29.19 -7.52 42.97
CA THR E 61 -27.87 -7.29 43.54
C THR E 61 -26.98 -8.47 43.20
N ILE E 62 -25.79 -8.17 42.67
CA ILE E 62 -24.79 -9.19 42.35
C ILE E 62 -23.61 -8.95 43.28
N ASP E 63 -23.51 -9.75 44.34
CA ASP E 63 -22.39 -9.67 45.27
C ASP E 63 -21.28 -10.61 44.81
N PHE E 64 -20.23 -10.71 45.61
CA PHE E 64 -19.11 -11.58 45.26
C PHE E 64 -19.49 -13.06 45.17
N PRO E 65 -20.21 -13.65 46.14
CA PRO E 65 -20.59 -15.06 45.98
C PRO E 65 -21.42 -15.34 44.75
N GLU E 66 -22.29 -14.42 44.35
CA GLU E 66 -23.07 -14.62 43.13
C GLU E 66 -22.22 -14.38 41.88
N PHE E 67 -21.21 -13.51 41.97
CA PHE E 67 -20.35 -13.25 40.82
C PHE E 67 -19.57 -14.49 40.43
N LEU E 68 -19.20 -15.32 41.41
CA LEU E 68 -18.50 -16.56 41.10
C LEU E 68 -19.39 -17.53 40.31
N THR E 69 -20.67 -17.59 40.65
CA THR E 69 -21.59 -18.49 39.95
C THR E 69 -21.74 -18.08 38.49
N MET E 70 -21.80 -16.77 38.22
CA MET E 70 -21.91 -16.30 36.85
C MET E 70 -20.68 -16.70 36.04
N MET E 71 -19.49 -16.62 36.64
CA MET E 71 -18.27 -16.95 35.92
C MET E 71 -18.22 -18.42 35.53
N ALA E 72 -18.71 -19.30 36.41
CA ALA E 72 -18.63 -20.74 36.16
C ALA E 72 -19.35 -21.11 34.87
N ARG E 73 -20.53 -20.55 34.64
CA ARG E 73 -21.25 -20.82 33.40
C ARG E 73 -20.59 -20.13 32.21
N LYS E 74 -19.95 -18.98 32.43
CA LYS E 74 -19.34 -18.25 31.33
C LYS E 74 -18.06 -18.92 30.84
N MET E 75 -17.22 -19.41 31.75
CA MET E 75 -15.98 -20.06 31.37
C MET E 75 -16.21 -21.38 30.63
N LYS E 76 -17.40 -21.96 30.76
CA LYS E 76 -17.70 -23.22 30.08
C LYS E 76 -17.69 -23.02 28.57
N ASP E 77 -17.11 -24.00 27.86
CA ASP E 77 -17.02 -23.92 26.41
C ASP E 77 -18.41 -23.95 25.77
N THR E 78 -19.21 -24.96 26.13
CA THR E 78 -20.57 -25.10 25.62
C THR E 78 -21.52 -25.34 26.78
N ASP E 79 -22.61 -24.58 26.81
CA ASP E 79 -23.64 -24.73 27.82
C ASP E 79 -24.87 -25.30 27.13
N SER E 80 -25.24 -26.53 27.51
CA SER E 80 -26.40 -27.18 26.89
C SER E 80 -27.69 -26.41 27.15
N GLU E 81 -27.74 -25.66 28.25
CA GLU E 81 -28.91 -24.83 28.51
C GLU E 81 -29.03 -23.70 27.50
N GLU E 82 -27.95 -22.97 27.27
CA GLU E 82 -28.03 -21.77 26.43
C GLU E 82 -28.08 -22.11 24.95
N GLU E 83 -27.40 -23.17 24.52
CA GLU E 83 -27.37 -23.51 23.10
C GLU E 83 -28.77 -23.86 22.60
N ILE E 84 -29.56 -24.57 23.41
CA ILE E 84 -30.92 -24.89 23.02
C ILE E 84 -31.78 -23.63 22.99
N ARG E 85 -31.47 -22.63 23.82
CA ARG E 85 -32.17 -21.35 23.76
C ARG E 85 -32.07 -20.73 22.36
N GLU E 86 -30.86 -20.71 21.80
CA GLU E 86 -30.64 -20.03 20.53
C GLU E 86 -31.28 -20.77 19.36
N ALA E 87 -31.43 -22.10 19.48
CA ALA E 87 -32.03 -22.88 18.40
C ALA E 87 -33.49 -22.52 18.19
N PHE E 88 -34.27 -22.44 19.27
CA PHE E 88 -35.70 -22.16 19.12
C PHE E 88 -35.94 -20.73 18.67
N ARG E 89 -35.22 -19.76 19.25
CA ARG E 89 -35.47 -18.36 18.93
C ARG E 89 -35.17 -18.04 17.47
N VAL E 90 -34.44 -18.91 16.77
CA VAL E 90 -34.28 -18.74 15.32
C VAL E 90 -35.63 -18.85 14.63
N PHE E 91 -36.41 -19.86 15.01
CA PHE E 91 -37.74 -20.07 14.46
C PHE E 91 -38.84 -19.42 15.30
N ASP E 92 -38.50 -18.84 16.45
CA ASP E 92 -39.48 -18.24 17.35
C ASP E 92 -39.52 -16.74 17.10
N LYS E 93 -40.64 -16.27 16.55
CA LYS E 93 -40.88 -14.86 16.33
C LYS E 93 -41.96 -14.37 17.29
N ASP E 94 -42.32 -13.09 17.14
CA ASP E 94 -43.31 -12.37 17.94
C ASP E 94 -42.86 -12.17 19.39
N GLY E 95 -41.69 -12.67 19.78
CA GLY E 95 -41.19 -12.48 21.13
C GLY E 95 -42.06 -13.07 22.21
N ASN E 96 -42.89 -14.07 21.88
CA ASN E 96 -43.78 -14.67 22.86
C ASN E 96 -43.33 -16.04 23.33
N GLY E 97 -42.46 -16.72 22.59
CA GLY E 97 -41.94 -17.99 23.02
C GLY E 97 -42.84 -19.18 22.79
N TYR E 98 -43.73 -19.11 21.80
CA TYR E 98 -44.63 -20.21 21.49
C TYR E 98 -44.45 -20.63 20.03
N ILE E 99 -44.45 -21.93 19.80
CA ILE E 99 -44.31 -22.51 18.47
C ILE E 99 -45.50 -23.44 18.23
N SER E 100 -46.22 -23.20 17.13
CA SER E 100 -47.34 -24.06 16.78
C SER E 100 -46.84 -25.40 16.26
N ALA E 101 -47.69 -26.42 16.40
CA ALA E 101 -47.33 -27.75 15.91
C ALA E 101 -47.27 -27.82 14.39
N ALA E 102 -47.89 -26.85 13.70
CA ALA E 102 -47.86 -26.87 12.24
C ALA E 102 -46.46 -26.55 11.72
N GLU E 103 -45.83 -25.50 12.26
CA GLU E 103 -44.49 -25.14 11.81
C GLU E 103 -43.44 -26.10 12.35
N LEU E 104 -43.64 -26.64 13.56
CA LEU E 104 -42.68 -27.57 14.13
C LEU E 104 -42.56 -28.84 13.29
N ARG E 105 -43.68 -29.36 12.81
CA ARG E 105 -43.64 -30.53 11.94
C ARG E 105 -42.98 -30.21 10.61
N HIS E 106 -43.20 -29.00 10.09
CA HIS E 106 -42.64 -28.64 8.79
C HIS E 106 -41.11 -28.53 8.84
N VAL E 107 -40.58 -27.85 9.86
CA VAL E 107 -39.15 -27.57 9.89
C VAL E 107 -38.35 -28.85 10.09
N MET E 108 -38.87 -29.78 10.88
CA MET E 108 -38.14 -31.00 11.22
C MET E 108 -38.18 -32.05 10.13
N THR E 109 -38.96 -31.84 9.06
CA THR E 109 -39.05 -32.79 7.97
C THR E 109 -38.51 -32.26 6.64
N ASN E 110 -38.10 -30.99 6.59
CA ASN E 110 -37.66 -30.40 5.33
C ASN E 110 -36.31 -29.71 5.49
N LEU E 111 -35.98 -29.29 6.71
CA LEU E 111 -34.76 -28.54 6.98
C LEU E 111 -33.76 -29.41 7.73
N GLY E 112 -32.51 -29.36 7.31
CA GLY E 112 -31.46 -30.12 7.96
C GLY E 112 -31.40 -31.56 7.47
N GLU E 113 -31.01 -32.45 8.38
CA GLU E 113 -30.92 -33.87 8.04
C GLU E 113 -32.29 -34.53 7.93
N LYS E 114 -33.31 -33.85 8.46
CA LYS E 114 -34.72 -34.30 8.31
C LYS E 114 -35.05 -35.57 9.10
N LEU E 115 -36.04 -35.47 9.99
CA LEU E 115 -36.53 -36.64 10.70
C LEU E 115 -37.52 -37.39 9.81
N THR E 116 -38.24 -38.33 10.38
CA THR E 116 -39.21 -39.14 9.66
C THR E 116 -40.59 -38.94 10.29
N ASP E 117 -41.64 -39.19 9.50
CA ASP E 117 -42.99 -38.80 9.90
C ASP E 117 -43.41 -39.44 11.22
N GLU E 118 -43.09 -40.72 11.43
CA GLU E 118 -43.48 -41.35 12.68
C GLU E 118 -42.65 -40.83 13.84
N GLU E 119 -41.44 -40.35 13.59
CA GLU E 119 -40.60 -39.81 14.67
C GLU E 119 -41.14 -38.47 15.14
N VAL E 120 -41.49 -37.58 14.22
CA VAL E 120 -42.02 -36.28 14.61
C VAL E 120 -43.41 -36.43 15.22
N ASP E 121 -44.17 -37.44 14.78
CA ASP E 121 -45.46 -37.69 15.40
C ASP E 121 -45.31 -38.09 16.86
N GLU E 122 -44.33 -38.95 17.16
CA GLU E 122 -44.03 -39.27 18.55
C GLU E 122 -43.46 -38.06 19.27
N MET E 123 -42.60 -37.29 18.60
CA MET E 123 -42.00 -36.11 19.22
C MET E 123 -43.06 -35.06 19.53
N ILE E 124 -43.97 -34.81 18.59
CA ILE E 124 -45.05 -33.85 18.82
C ILE E 124 -45.95 -34.34 19.94
N ARG E 125 -46.26 -35.63 19.95
CA ARG E 125 -47.09 -36.19 21.02
C ARG E 125 -46.46 -35.97 22.39
N GLU E 126 -45.15 -36.19 22.49
CA GLU E 126 -44.45 -35.89 23.74
C GLU E 126 -44.32 -34.38 23.97
N ALA E 127 -44.15 -33.62 22.90
CA ALA E 127 -44.00 -32.17 23.05
C ALA E 127 -45.33 -31.51 23.41
N ASP E 128 -46.41 -31.91 22.72
CA ASP E 128 -47.71 -31.30 22.93
C ASP E 128 -48.51 -32.07 23.98
N ILE E 129 -47.94 -32.10 25.20
CA ILE E 129 -48.63 -32.76 26.30
C ILE E 129 -49.88 -31.98 26.70
N ASP E 130 -49.81 -30.65 26.65
CA ASP E 130 -50.97 -29.83 27.01
C ASP E 130 -52.11 -30.05 26.03
N GLY E 131 -51.80 -30.16 24.74
CA GLY E 131 -52.82 -30.39 23.73
C GLY E 131 -53.46 -29.15 23.15
N ASP E 132 -53.11 -27.95 23.64
CA ASP E 132 -53.71 -26.74 23.13
C ASP E 132 -53.26 -26.41 21.71
N GLY E 133 -52.11 -26.92 21.28
CA GLY E 133 -51.59 -26.61 19.96
C GLY E 133 -50.43 -25.65 20.01
N GLN E 134 -50.48 -24.70 20.95
CA GLN E 134 -49.40 -23.74 21.13
C GLN E 134 -48.36 -24.38 22.04
N VAL E 135 -47.26 -24.84 21.45
CA VAL E 135 -46.20 -25.52 22.19
C VAL E 135 -45.17 -24.46 22.58
N ASN E 136 -45.21 -24.03 23.83
CA ASN E 136 -44.14 -23.18 24.35
C ASN E 136 -42.84 -23.97 24.36
N TYR E 137 -41.78 -23.37 23.86
CA TYR E 137 -40.59 -24.19 23.67
C TYR E 137 -39.80 -24.41 24.95
N GLU E 138 -40.32 -24.10 26.14
CA GLU E 138 -39.59 -24.34 27.39
C GLU E 138 -39.55 -25.81 27.80
N GLU E 139 -39.96 -26.73 26.93
CA GLU E 139 -39.95 -28.15 27.27
C GLU E 139 -38.55 -28.71 27.46
N PHE E 140 -37.53 -28.05 26.93
CA PHE E 140 -36.18 -28.55 27.11
C PHE E 140 -35.70 -28.46 28.55
N VAL E 141 -36.39 -27.68 29.40
CA VAL E 141 -36.02 -27.59 30.80
C VAL E 141 -36.18 -28.95 31.47
N GLN E 142 -37.27 -29.67 31.15
CA GLN E 142 -37.44 -31.04 31.62
C GLN E 142 -36.84 -32.07 30.66
N MET E 143 -36.55 -31.67 29.43
CA MET E 143 -35.98 -32.62 28.47
C MET E 143 -34.53 -32.94 28.81
N MET E 144 -33.72 -31.92 29.11
CA MET E 144 -32.33 -32.16 29.45
C MET E 144 -32.12 -32.60 30.88
N THR E 145 -33.14 -32.45 31.73
CA THR E 145 -33.01 -32.86 33.14
C THR E 145 -32.77 -34.36 33.24
N ALA E 146 -33.49 -35.15 32.45
CA ALA E 146 -33.30 -36.60 32.43
C ALA E 146 -32.13 -36.98 31.53
N ASP F 1 25.62 37.44 32.78
CA ASP F 1 25.48 37.08 31.38
C ASP F 1 24.51 38.02 30.67
N GLN F 2 23.39 38.32 31.34
CA GLN F 2 22.38 39.25 30.84
C GLN F 2 21.76 38.80 29.53
N LEU F 3 20.83 39.58 29.00
CA LEU F 3 20.19 39.29 27.72
C LEU F 3 20.63 40.36 26.72
N THR F 4 21.26 39.92 25.63
CA THR F 4 21.69 40.85 24.60
C THR F 4 20.50 41.35 23.79
N GLU F 5 20.75 42.39 23.00
CA GLU F 5 19.67 43.04 22.26
C GLU F 5 19.02 42.10 21.25
N GLU F 6 19.84 41.31 20.54
CA GLU F 6 19.27 40.37 19.57
C GLU F 6 18.49 39.26 20.25
N GLN F 7 18.89 38.86 21.46
CA GLN F 7 18.14 37.84 22.18
C GLN F 7 16.75 38.33 22.56
N ILE F 8 16.65 39.60 22.96
CA ILE F 8 15.34 40.17 23.29
C ILE F 8 14.46 40.22 22.06
N ALA F 9 15.04 40.48 20.88
CA ALA F 9 14.26 40.48 19.65
C ALA F 9 13.64 39.11 19.38
N GLU F 10 14.39 38.05 19.63
CA GLU F 10 13.85 36.70 19.45
C GLU F 10 12.67 36.45 20.38
N PHE F 11 12.81 36.87 21.65
CA PHE F 11 11.72 36.68 22.61
C PHE F 11 10.56 37.63 22.34
N LYS F 12 10.86 38.84 21.83
CA LYS F 12 9.79 39.76 21.47
C LYS F 12 8.97 39.22 20.30
N GLU F 13 9.64 38.64 19.30
CA GLU F 13 8.94 38.05 18.18
C GLU F 13 8.05 36.89 18.62
N ALA F 14 8.55 36.06 19.55
CA ALA F 14 7.73 34.98 20.08
C ALA F 14 6.56 35.51 20.88
N PHE F 15 6.71 36.68 21.51
CA PHE F 15 5.60 37.27 22.27
C PHE F 15 4.43 37.62 21.38
N SER F 16 4.71 38.11 20.16
CA SER F 16 3.63 38.50 19.26
C SER F 16 2.80 37.31 18.78
N LEU F 17 3.30 36.08 18.97
CA LEU F 17 2.53 34.92 18.56
C LEU F 17 1.23 34.80 19.35
N PHE F 18 1.28 35.07 20.66
CA PHE F 18 0.08 35.05 21.46
C PHE F 18 -0.67 36.38 21.38
N ASP F 19 0.05 37.49 21.54
CA ASP F 19 -0.54 38.83 21.51
C ASP F 19 -0.76 39.24 20.05
N LYS F 20 -1.91 38.82 19.52
CA LYS F 20 -2.24 39.11 18.13
C LYS F 20 -2.36 40.62 17.89
N ASP F 21 -3.32 41.25 18.54
CA ASP F 21 -3.48 42.70 18.47
C ASP F 21 -2.44 43.33 19.38
N GLY F 22 -1.37 43.84 18.79
CA GLY F 22 -0.24 44.33 19.56
C GLY F 22 -0.58 45.44 20.53
N ASP F 23 -0.71 45.08 21.81
CA ASP F 23 -0.94 46.09 22.84
C ASP F 23 -0.13 45.83 24.11
N GLY F 24 0.78 44.85 24.10
CA GLY F 24 1.57 44.54 25.28
C GLY F 24 0.89 43.70 26.32
N THR F 25 -0.34 43.24 26.07
CA THR F 25 -1.09 42.45 27.04
C THR F 25 -1.55 41.14 26.41
N ILE F 26 -1.47 40.07 27.18
CA ILE F 26 -1.95 38.75 26.76
C ILE F 26 -3.16 38.41 27.60
N THR F 27 -4.31 38.26 26.95
CA THR F 27 -5.55 37.97 27.64
C THR F 27 -5.80 36.45 27.71
N THR F 28 -6.83 36.07 28.46
CA THR F 28 -7.17 34.67 28.59
C THR F 28 -7.61 34.08 27.25
N LYS F 29 -8.40 34.82 26.49
CA LYS F 29 -8.86 34.33 25.19
C LYS F 29 -7.71 34.22 24.19
N GLU F 30 -6.73 35.12 24.28
CA GLU F 30 -5.58 35.05 23.38
C GLU F 30 -4.79 33.77 23.60
N LEU F 31 -4.58 33.40 24.86
CA LEU F 31 -3.87 32.15 25.17
C LEU F 31 -4.70 30.94 24.76
N GLY F 32 -6.02 31.00 24.96
CA GLY F 32 -6.86 29.85 24.65
C GLY F 32 -6.89 29.52 23.17
N THR F 33 -6.91 30.54 22.32
CA THR F 33 -6.95 30.30 20.88
C THR F 33 -5.69 29.60 20.39
N VAL F 34 -4.53 29.99 20.93
CA VAL F 34 -3.28 29.35 20.52
C VAL F 34 -3.28 27.88 20.89
N MET F 35 -3.71 27.56 22.11
CA MET F 35 -3.72 26.17 22.56
C MET F 35 -4.78 25.34 21.83
N ARG F 36 -5.83 25.97 21.31
CA ARG F 36 -6.81 25.24 20.52
C ARG F 36 -6.22 24.78 19.20
N SER F 37 -5.32 25.56 18.61
CA SER F 37 -4.67 25.17 17.37
C SER F 37 -3.71 24.00 17.56
N LEU F 38 -3.33 23.70 18.80
CA LEU F 38 -2.40 22.61 19.10
C LEU F 38 -3.11 21.34 19.53
N GLY F 39 -4.43 21.29 19.43
CA GLY F 39 -5.19 20.10 19.80
C GLY F 39 -5.57 20.02 21.26
N GLN F 40 -5.60 21.14 21.98
CA GLN F 40 -5.97 21.18 23.38
C GLN F 40 -7.15 22.12 23.58
N ASN F 41 -8.09 21.71 24.42
CA ASN F 41 -9.31 22.48 24.68
C ASN F 41 -9.50 22.65 26.18
N PRO F 42 -8.69 23.50 26.82
CA PRO F 42 -8.82 23.70 28.26
C PRO F 42 -10.05 24.52 28.61
N THR F 43 -10.53 24.32 29.83
CA THR F 43 -11.61 25.13 30.36
C THR F 43 -11.06 26.46 30.88
N GLU F 44 -11.97 27.40 31.15
CA GLU F 44 -11.55 28.69 31.66
C GLU F 44 -10.92 28.58 33.04
N ALA F 45 -11.34 27.58 33.83
CA ALA F 45 -10.72 27.36 35.13
C ALA F 45 -9.25 26.97 34.97
N GLU F 46 -8.95 26.09 34.01
CA GLU F 46 -7.56 25.71 33.76
C GLU F 46 -6.76 26.90 33.24
N LEU F 47 -7.36 27.70 32.37
CA LEU F 47 -6.65 28.86 31.83
C LEU F 47 -6.33 29.88 32.91
N GLN F 48 -7.27 30.11 33.83
CA GLN F 48 -7.10 31.19 34.80
C GLN F 48 -5.89 30.96 35.69
N ASP F 49 -5.66 29.72 36.13
CA ASP F 49 -4.51 29.45 36.98
C ASP F 49 -3.18 29.59 36.25
N MET F 50 -3.19 29.67 34.92
CA MET F 50 -1.95 29.86 34.19
C MET F 50 -1.42 31.28 34.29
N ILE F 51 -2.31 32.28 34.18
CA ILE F 51 -1.86 33.67 34.21
C ILE F 51 -1.36 34.04 35.60
N ASN F 52 -2.16 33.76 36.63
CA ASN F 52 -1.79 34.18 37.99
C ASN F 52 -0.60 33.41 38.53
N GLU F 53 -0.21 32.30 37.88
CA GLU F 53 1.01 31.60 38.28
C GLU F 53 2.23 32.48 38.07
N VAL F 54 2.26 33.25 36.98
CA VAL F 54 3.37 34.15 36.67
C VAL F 54 2.98 35.61 36.79
N ASP F 55 1.73 35.91 37.08
CA ASP F 55 1.29 37.30 37.22
C ASP F 55 1.71 37.83 38.59
N ALA F 56 2.55 38.86 38.60
CA ALA F 56 2.99 39.46 39.84
C ALA F 56 2.15 40.69 40.22
N ASP F 57 1.62 41.40 39.23
CA ASP F 57 0.80 42.58 39.50
C ASP F 57 -0.61 42.22 39.96
N GLY F 58 -1.04 40.98 39.75
CA GLY F 58 -2.37 40.57 40.15
C GLY F 58 -3.49 41.16 39.33
N ASN F 59 -3.20 41.64 38.12
CA ASN F 59 -4.21 42.22 37.26
C ASN F 59 -4.81 41.22 36.28
N GLY F 60 -4.42 39.94 36.36
CA GLY F 60 -4.92 38.95 35.43
C GLY F 60 -4.49 39.19 33.99
N THR F 61 -3.24 39.62 33.81
CA THR F 61 -2.74 39.95 32.48
C THR F 61 -1.23 39.72 32.45
N ILE F 62 -0.75 39.07 31.40
CA ILE F 62 0.66 38.76 31.23
C ILE F 62 1.28 39.79 30.31
N ASP F 63 2.32 40.45 30.79
CA ASP F 63 3.09 41.41 30.00
C ASP F 63 4.42 40.79 29.60
N PHE F 64 5.26 41.58 28.93
CA PHE F 64 6.55 41.07 28.48
C PHE F 64 7.47 40.65 29.63
N PRO F 65 7.67 41.45 30.69
CA PRO F 65 8.54 40.99 31.77
C PRO F 65 8.06 39.69 32.43
N GLU F 66 6.76 39.52 32.57
CA GLU F 66 6.25 38.27 33.14
C GLU F 66 6.31 37.12 32.14
N PHE F 67 6.30 37.44 30.84
CA PHE F 67 6.40 36.41 29.82
C PHE F 67 7.74 35.70 29.87
N LEU F 68 8.81 36.45 30.18
CA LEU F 68 10.14 35.84 30.28
C LEU F 68 10.19 34.86 31.44
N THR F 69 9.55 35.19 32.57
CA THR F 69 9.56 34.30 33.73
C THR F 69 8.85 32.99 33.42
N MET F 70 7.73 33.05 32.70
CA MET F 70 7.02 31.83 32.34
C MET F 70 7.86 30.94 31.44
N MET F 71 8.63 31.56 30.52
CA MET F 71 9.46 30.78 29.62
C MET F 71 10.55 30.03 30.38
N ALA F 72 11.13 30.65 31.40
CA ALA F 72 12.24 30.04 32.11
C ALA F 72 11.84 28.71 32.73
N ARG F 73 10.65 28.64 33.35
CA ARG F 73 10.19 27.39 33.93
C ARG F 73 9.82 26.38 32.86
N LYS F 74 9.40 26.84 31.68
CA LYS F 74 8.98 25.92 30.63
C LYS F 74 10.16 25.24 29.95
N MET F 75 11.27 25.97 29.76
CA MET F 75 12.42 25.41 29.07
C MET F 75 13.12 24.32 29.87
N LYS F 76 12.89 24.26 31.18
CA LYS F 76 13.52 23.25 32.01
C LYS F 76 13.03 21.86 31.63
N ASP F 77 13.95 20.89 31.66
CA ASP F 77 13.58 19.51 31.35
C ASP F 77 12.62 18.95 32.41
N THR F 78 12.97 19.08 33.68
CA THR F 78 12.14 18.62 34.78
C THR F 78 11.99 19.74 35.79
N ASP F 79 10.77 19.93 36.29
CA ASP F 79 10.49 20.88 37.34
C ASP F 79 10.06 20.11 38.59
N SER F 80 10.85 20.24 39.66
CA SER F 80 10.58 19.46 40.87
C SER F 80 9.22 19.82 41.47
N GLU F 81 8.85 21.10 41.43
CA GLU F 81 7.56 21.53 41.97
C GLU F 81 6.40 20.88 41.20
N GLU F 82 6.49 20.88 39.88
CA GLU F 82 5.37 20.38 39.08
C GLU F 82 5.27 18.86 39.13
N GLU F 83 6.40 18.16 39.01
CA GLU F 83 6.36 16.70 38.91
C GLU F 83 5.80 16.07 40.18
N ILE F 84 6.19 16.58 41.35
CA ILE F 84 5.63 16.08 42.60
C ILE F 84 4.13 16.36 42.66
N ARG F 85 3.71 17.52 42.15
CA ARG F 85 2.30 17.88 42.16
C ARG F 85 1.47 16.93 41.30
N GLU F 86 2.01 16.55 40.14
CA GLU F 86 1.28 15.64 39.25
C GLU F 86 1.14 14.25 39.86
N ALA F 87 2.12 13.82 40.66
CA ALA F 87 2.03 12.50 41.29
C ALA F 87 0.87 12.44 42.29
N PHE F 88 0.64 13.53 43.03
CA PHE F 88 -0.44 13.54 44.01
C PHE F 88 -1.81 13.49 43.34
N ARG F 89 -1.95 14.15 42.20
CA ARG F 89 -3.24 14.16 41.51
C ARG F 89 -3.65 12.77 41.01
N VAL F 90 -2.70 11.84 40.90
CA VAL F 90 -3.04 10.48 40.50
C VAL F 90 -3.97 9.85 41.53
N PHE F 91 -3.64 10.03 42.81
CA PHE F 91 -4.44 9.49 43.91
C PHE F 91 -5.42 10.50 44.48
N ASP F 92 -5.51 11.69 43.91
CA ASP F 92 -6.38 12.74 44.42
C ASP F 92 -7.79 12.55 43.86
N LYS F 93 -8.76 12.48 44.77
CA LYS F 93 -10.16 12.32 44.40
C LYS F 93 -10.96 13.53 44.88
N ASP F 94 -12.13 13.72 44.25
CA ASP F 94 -13.07 14.80 44.53
C ASP F 94 -12.54 16.18 44.15
N GLY F 95 -11.30 16.28 43.68
CA GLY F 95 -10.76 17.57 43.29
C GLY F 95 -10.59 18.54 44.43
N ASN F 96 -10.59 18.07 45.67
CA ASN F 96 -10.48 18.94 46.83
C ASN F 96 -9.04 19.14 47.29
N GLY F 97 -8.13 18.27 46.88
CA GLY F 97 -6.75 18.37 47.30
C GLY F 97 -6.43 17.79 48.65
N TYR F 98 -7.32 16.99 49.23
CA TYR F 98 -7.12 16.38 50.54
C TYR F 98 -7.16 14.87 50.41
N ILE F 99 -6.20 14.20 51.06
CA ILE F 99 -6.12 12.74 51.08
C ILE F 99 -6.06 12.29 52.52
N SER F 100 -6.93 11.35 52.88
CA SER F 100 -6.93 10.82 54.24
C SER F 100 -5.66 10.00 54.49
N ALA F 101 -5.20 10.03 55.74
CA ALA F 101 -3.99 9.30 56.11
C ALA F 101 -4.14 7.80 55.96
N ALA F 102 -5.37 7.29 55.89
CA ALA F 102 -5.57 5.87 55.66
C ALA F 102 -5.06 5.45 54.28
N GLU F 103 -5.29 6.30 53.27
CA GLU F 103 -4.85 5.97 51.92
C GLU F 103 -3.33 5.99 51.82
N LEU F 104 -2.67 6.90 52.54
CA LEU F 104 -1.22 7.01 52.45
C LEU F 104 -0.53 5.73 52.92
N ARG F 105 -1.02 5.14 54.01
CA ARG F 105 -0.44 3.88 54.47
C ARG F 105 -0.63 2.76 53.46
N HIS F 106 -1.75 2.77 52.74
CA HIS F 106 -2.03 1.71 51.78
C HIS F 106 -1.14 1.82 50.55
N VAL F 107 -0.99 3.03 50.00
CA VAL F 107 -0.25 3.20 48.75
C VAL F 107 1.24 2.96 48.96
N MET F 108 1.78 3.44 50.08
CA MET F 108 3.23 3.38 50.30
C MET F 108 3.71 2.03 50.78
N THR F 109 2.81 1.08 51.05
CA THR F 109 3.20 -0.24 51.51
C THR F 109 2.78 -1.34 50.54
N ASN F 110 2.09 -1.03 49.45
CA ASN F 110 1.61 -2.04 48.53
C ASN F 110 1.95 -1.71 47.09
N LEU F 111 2.14 -0.43 46.78
CA LEU F 111 2.38 0.03 45.43
C LEU F 111 3.82 0.50 45.27
N GLY F 112 4.45 0.10 44.16
CA GLY F 112 5.81 0.50 43.90
C GLY F 112 6.81 -0.32 44.70
N GLU F 113 7.98 0.28 44.95
CA GLU F 113 9.01 -0.39 45.73
C GLU F 113 8.62 -0.56 47.19
N LYS F 114 7.66 0.25 47.67
CA LYS F 114 7.04 0.09 48.98
C LYS F 114 7.99 0.46 50.13
N LEU F 115 7.45 1.10 51.16
CA LEU F 115 8.19 1.48 52.35
C LEU F 115 7.77 0.60 53.52
N THR F 116 8.67 0.48 54.50
CA THR F 116 8.38 -0.29 55.69
C THR F 116 7.44 0.49 56.61
N ASP F 117 6.87 -0.22 57.59
CA ASP F 117 5.88 0.38 58.47
C ASP F 117 6.49 1.50 59.30
N GLU F 118 7.74 1.32 59.75
CA GLU F 118 8.39 2.37 60.55
C GLU F 118 8.62 3.62 59.72
N GLU F 119 8.99 3.48 58.44
CA GLU F 119 9.25 4.63 57.60
C GLU F 119 7.99 5.46 57.39
N VAL F 120 6.88 4.81 57.04
CA VAL F 120 5.65 5.55 56.78
C VAL F 120 5.10 6.17 58.06
N ASP F 121 5.26 5.47 59.19
CA ASP F 121 4.79 6.01 60.46
C ASP F 121 5.47 7.32 60.79
N GLU F 122 6.78 7.41 60.56
CA GLU F 122 7.49 8.67 60.70
C GLU F 122 7.00 9.68 59.65
N MET F 123 6.74 9.21 58.43
CA MET F 123 6.29 10.11 57.37
C MET F 123 4.92 10.71 57.70
N ILE F 124 4.00 9.89 58.19
CA ILE F 124 2.68 10.40 58.56
C ILE F 124 2.81 11.41 59.70
N ARG F 125 3.67 11.13 60.67
CA ARG F 125 3.87 12.04 61.78
C ARG F 125 4.37 13.39 61.31
N GLU F 126 5.32 13.40 60.37
CA GLU F 126 5.84 14.66 59.84
C GLU F 126 4.85 15.33 58.90
N ALA F 127 4.18 14.55 58.05
CA ALA F 127 3.24 15.14 57.10
C ALA F 127 1.98 15.64 57.82
N ASP F 128 1.43 14.83 58.70
CA ASP F 128 0.19 15.17 59.40
C ASP F 128 0.51 15.77 60.76
N ILE F 129 1.15 16.95 60.72
CA ILE F 129 1.48 17.66 61.96
C ILE F 129 0.21 18.17 62.63
N ASP F 130 -0.77 18.60 61.83
CA ASP F 130 -2.02 19.12 62.40
C ASP F 130 -2.77 18.05 63.18
N GLY F 131 -2.81 16.83 62.66
CA GLY F 131 -3.50 15.75 63.32
C GLY F 131 -4.99 15.69 63.07
N ASP F 132 -5.52 16.54 62.18
CA ASP F 132 -6.95 16.52 61.89
C ASP F 132 -7.38 15.24 61.20
N GLY F 133 -6.51 14.67 60.36
CA GLY F 133 -6.86 13.47 59.63
C GLY F 133 -6.81 13.68 58.12
N GLN F 134 -7.28 14.84 57.67
CA GLN F 134 -7.22 15.19 56.26
C GLN F 134 -5.86 15.80 55.95
N VAL F 135 -5.09 15.13 55.11
CA VAL F 135 -3.72 15.53 54.80
C VAL F 135 -3.76 16.25 53.46
N ASN F 136 -3.77 17.58 53.50
CA ASN F 136 -3.61 18.37 52.28
C ASN F 136 -2.19 18.18 51.76
N TYR F 137 -2.07 17.89 50.46
CA TYR F 137 -0.75 17.65 49.89
C TYR F 137 -0.02 18.93 49.53
N GLU F 138 -0.43 20.07 50.09
CA GLU F 138 0.34 21.29 49.98
C GLU F 138 1.65 21.22 50.76
N GLU F 139 1.83 20.19 51.59
CA GLU F 139 3.07 20.01 52.34
C GLU F 139 4.25 19.67 51.44
N PHE F 140 4.01 19.37 50.16
CA PHE F 140 5.12 19.10 49.25
C PHE F 140 5.95 20.36 48.97
N VAL F 141 5.33 21.53 48.96
CA VAL F 141 6.07 22.74 48.63
C VAL F 141 7.07 23.08 49.74
N GLN F 142 6.75 22.77 51.00
CA GLN F 142 7.66 23.06 52.09
C GLN F 142 8.76 22.02 52.22
N MET F 143 8.69 20.92 51.46
CA MET F 143 9.79 19.96 51.46
C MET F 143 10.98 20.49 50.69
N MET F 144 10.77 20.86 49.42
CA MET F 144 11.86 21.40 48.61
C MET F 144 12.27 22.80 49.04
N THR F 145 11.37 23.55 49.68
CA THR F 145 11.71 24.91 50.11
C THR F 145 12.82 24.89 51.16
N ALA F 146 12.75 23.98 52.11
CA ALA F 146 13.76 23.88 53.16
C ALA F 146 14.82 22.85 52.80
N ASP G 1 -9.39 37.42 -39.88
CA ASP G 1 -8.78 36.47 -38.95
C ASP G 1 -9.31 36.66 -37.54
N GLN G 2 -9.53 37.93 -37.16
CA GLN G 2 -9.99 38.23 -35.81
C GLN G 2 -11.41 37.73 -35.58
N LEU G 3 -12.23 37.69 -36.63
CA LEU G 3 -13.63 37.31 -36.52
C LEU G 3 -13.94 36.05 -37.34
N THR G 4 -13.05 35.06 -37.30
CA THR G 4 -13.31 33.80 -37.98
C THR G 4 -14.51 33.10 -37.34
N GLU G 5 -15.36 32.51 -38.20
CA GLU G 5 -16.58 31.89 -37.72
C GLU G 5 -16.30 30.70 -36.81
N GLU G 6 -15.23 29.95 -37.09
CA GLU G 6 -14.88 28.82 -36.23
C GLU G 6 -14.50 29.27 -34.84
N GLN G 7 -13.74 30.37 -34.73
CA GLN G 7 -13.34 30.87 -33.42
C GLN G 7 -14.54 31.35 -32.63
N ILE G 8 -15.47 32.05 -33.27
CA ILE G 8 -16.66 32.54 -32.58
C ILE G 8 -17.50 31.37 -32.09
N ALA G 9 -17.56 30.29 -32.88
CA ALA G 9 -18.29 29.09 -32.44
C ALA G 9 -17.66 28.49 -31.19
N GLU G 10 -16.33 28.46 -31.12
CA GLU G 10 -15.66 27.93 -29.95
C GLU G 10 -16.00 28.73 -28.70
N PHE G 11 -15.98 30.06 -28.80
CA PHE G 11 -16.30 30.90 -27.65
C PHE G 11 -17.79 30.92 -27.36
N LYS G 12 -18.64 30.76 -28.37
CA LYS G 12 -20.07 30.68 -28.13
C LYS G 12 -20.41 29.42 -27.35
N GLU G 13 -19.78 28.29 -27.69
CA GLU G 13 -20.00 27.07 -26.93
C GLU G 13 -19.53 27.22 -25.48
N ALA G 14 -18.40 27.89 -25.27
CA ALA G 14 -17.93 28.14 -23.92
C ALA G 14 -18.88 29.06 -23.17
N PHE G 15 -19.49 30.01 -23.88
CA PHE G 15 -20.44 30.93 -23.24
C PHE G 15 -21.66 30.19 -22.70
N SER G 16 -22.09 29.13 -23.38
CA SER G 16 -23.26 28.38 -22.94
C SER G 16 -23.01 27.64 -21.63
N LEU G 17 -21.76 27.45 -21.23
CA LEU G 17 -21.48 26.78 -19.96
C LEU G 17 -22.02 27.56 -18.78
N PHE G 18 -21.85 28.89 -18.80
CA PHE G 18 -22.41 29.72 -17.74
C PHE G 18 -23.88 30.05 -18.00
N ASP G 19 -24.23 30.30 -19.26
CA ASP G 19 -25.58 30.71 -19.65
C ASP G 19 -26.48 29.47 -19.71
N LYS G 20 -26.91 29.02 -18.53
CA LYS G 20 -27.78 27.85 -18.45
C LYS G 20 -29.16 28.13 -19.02
N ASP G 21 -29.66 29.37 -18.83
CA ASP G 21 -31.00 29.71 -19.30
C ASP G 21 -31.09 29.63 -20.82
N GLY G 22 -30.05 30.04 -21.52
CA GLY G 22 -30.04 30.05 -22.97
C GLY G 22 -30.52 31.35 -23.59
N ASP G 23 -31.00 32.30 -22.78
CA ASP G 23 -31.46 33.58 -23.32
C ASP G 23 -30.30 34.37 -23.93
N GLY G 24 -29.14 34.34 -23.28
CA GLY G 24 -28.01 35.13 -23.72
C GLY G 24 -27.55 36.13 -22.68
N THR G 25 -27.84 35.81 -21.41
CA THR G 25 -27.53 36.70 -20.30
C THR G 25 -26.98 35.87 -19.15
N ILE G 26 -25.87 36.31 -18.57
CA ILE G 26 -25.25 35.63 -17.43
C ILE G 26 -25.60 36.42 -16.18
N THR G 27 -26.35 35.78 -15.28
CA THR G 27 -26.76 36.40 -14.03
C THR G 27 -25.72 36.15 -12.95
N THR G 28 -25.90 36.80 -11.80
CA THR G 28 -24.98 36.60 -10.68
C THR G 28 -25.03 35.18 -10.15
N LYS G 29 -26.23 34.60 -10.08
CA LYS G 29 -26.35 33.23 -9.57
C LYS G 29 -25.82 32.21 -10.58
N GLU G 30 -25.91 32.51 -11.88
CA GLU G 30 -25.36 31.60 -12.88
C GLU G 30 -23.85 31.51 -12.76
N LEU G 31 -23.17 32.64 -12.56
CA LEU G 31 -21.72 32.63 -12.37
C LEU G 31 -21.34 31.94 -11.07
N GLY G 32 -22.11 32.19 -10.00
CA GLY G 32 -21.79 31.58 -8.72
C GLY G 32 -21.94 30.07 -8.72
N THR G 33 -22.90 29.56 -9.49
CA THR G 33 -23.10 28.11 -9.55
C THR G 33 -21.89 27.41 -10.15
N VAL G 34 -21.31 27.98 -11.21
CA VAL G 34 -20.15 27.37 -11.84
C VAL G 34 -18.96 27.38 -10.88
N MET G 35 -18.74 28.52 -10.21
CA MET G 35 -17.62 28.63 -9.28
C MET G 35 -17.78 27.72 -8.07
N ARG G 36 -19.02 27.37 -7.70
CA ARG G 36 -19.24 26.47 -6.57
C ARG G 36 -18.81 25.04 -6.92
N SER G 37 -18.98 24.64 -8.19
CA SER G 37 -18.57 23.30 -8.60
C SER G 37 -17.05 23.16 -8.68
N LEU G 38 -16.32 24.26 -8.71
CA LEU G 38 -14.87 24.22 -8.81
C LEU G 38 -14.18 24.25 -7.44
N GLY G 39 -14.93 24.23 -6.36
CA GLY G 39 -14.36 24.25 -5.03
C GLY G 39 -14.24 25.62 -4.38
N GLN G 40 -14.94 26.63 -4.91
CA GLN G 40 -14.90 27.98 -4.36
C GLN G 40 -16.30 28.38 -3.89
N ASN G 41 -16.34 29.17 -2.82
CA ASN G 41 -17.60 29.63 -2.24
C ASN G 41 -17.54 31.14 -2.04
N PRO G 42 -17.61 31.91 -3.13
CA PRO G 42 -17.58 33.37 -3.00
C PRO G 42 -18.89 33.91 -2.43
N THR G 43 -18.78 35.07 -1.81
CA THR G 43 -19.95 35.76 -1.28
C THR G 43 -20.58 36.64 -2.36
N GLU G 44 -21.74 37.20 -2.05
CA GLU G 44 -22.44 38.06 -2.99
C GLU G 44 -21.62 39.30 -3.32
N ALA G 45 -20.95 39.88 -2.32
CA ALA G 45 -20.12 41.05 -2.57
C ALA G 45 -18.95 40.72 -3.48
N GLU G 46 -18.32 39.55 -3.28
CA GLU G 46 -17.17 39.18 -4.09
C GLU G 46 -17.57 39.00 -5.55
N LEU G 47 -18.69 38.33 -5.82
CA LEU G 47 -19.09 38.08 -7.20
C LEU G 47 -19.65 39.33 -7.86
N GLN G 48 -20.23 40.24 -7.07
CA GLN G 48 -20.87 41.42 -7.65
C GLN G 48 -19.86 42.30 -8.40
N ASP G 49 -18.68 42.48 -7.82
CA ASP G 49 -17.66 43.31 -8.47
C ASP G 49 -17.09 42.66 -9.73
N MET G 50 -17.36 41.36 -9.96
CA MET G 50 -16.87 40.72 -11.16
C MET G 50 -17.66 41.14 -12.40
N ILE G 51 -18.97 41.23 -12.29
CA ILE G 51 -19.79 41.63 -13.44
C ILE G 51 -19.49 43.06 -13.85
N ASN G 52 -19.52 43.99 -12.89
CA ASN G 52 -19.30 45.40 -13.22
C ASN G 52 -17.86 45.68 -13.61
N GLU G 53 -16.94 44.76 -13.35
CA GLU G 53 -15.58 44.92 -13.83
C GLU G 53 -15.53 44.93 -15.36
N VAL G 54 -16.34 44.10 -15.99
CA VAL G 54 -16.41 44.04 -17.45
C VAL G 54 -17.74 44.57 -18.00
N ASP G 55 -18.69 44.93 -17.14
CA ASP G 55 -19.96 45.45 -17.61
C ASP G 55 -19.79 46.89 -18.09
N ALA G 56 -20.18 47.15 -19.34
CA ALA G 56 -20.13 48.49 -19.90
C ALA G 56 -21.47 49.19 -19.93
N ASP G 57 -22.56 48.42 -20.10
CA ASP G 57 -23.90 49.02 -20.12
C ASP G 57 -24.41 49.38 -18.73
N GLY G 58 -23.81 48.82 -17.68
CA GLY G 58 -24.23 49.10 -16.33
C GLY G 58 -25.50 48.43 -15.90
N ASN G 59 -26.00 47.46 -16.68
CA ASN G 59 -27.23 46.75 -16.35
C ASN G 59 -27.00 45.57 -15.42
N GLY G 60 -25.75 45.27 -15.07
CA GLY G 60 -25.46 44.16 -14.20
C GLY G 60 -25.50 42.80 -14.86
N THR G 61 -25.54 42.74 -16.19
CA THR G 61 -25.60 41.49 -16.93
C THR G 61 -24.45 41.43 -17.93
N ILE G 62 -23.90 40.23 -18.10
CA ILE G 62 -22.80 40.00 -19.03
C ILE G 62 -23.35 39.33 -20.27
N ASP G 63 -23.21 39.98 -21.42
CA ASP G 63 -23.62 39.43 -22.69
C ASP G 63 -22.40 38.88 -23.43
N PHE G 64 -22.61 38.43 -24.66
CA PHE G 64 -21.50 37.86 -25.45
C PHE G 64 -20.40 38.86 -25.72
N PRO G 65 -20.66 40.09 -26.19
CA PRO G 65 -19.55 41.04 -26.42
C PRO G 65 -18.74 41.33 -25.17
N GLU G 66 -19.39 41.42 -24.00
CA GLU G 66 -18.65 41.63 -22.76
C GLU G 66 -17.93 40.37 -22.31
N PHE G 67 -18.44 39.20 -22.68
CA PHE G 67 -17.79 37.94 -22.30
C PHE G 67 -16.42 37.82 -22.96
N LEU G 68 -16.28 38.28 -24.20
CA LEU G 68 -15.00 38.22 -24.89
C LEU G 68 -13.96 39.10 -24.19
N THR G 69 -14.37 40.28 -23.72
CA THR G 69 -13.45 41.18 -23.03
C THR G 69 -12.94 40.55 -21.74
N MET G 70 -13.82 39.87 -21.00
CA MET G 70 -13.40 39.22 -19.77
C MET G 70 -12.37 38.13 -20.04
N MET G 71 -12.55 37.39 -21.13
CA MET G 71 -11.62 36.31 -21.46
C MET G 71 -10.23 36.85 -21.76
N ALA G 72 -10.15 38.00 -22.45
CA ALA G 72 -8.85 38.52 -22.87
C ALA G 72 -7.96 38.82 -21.66
N ARG G 73 -8.53 39.39 -20.60
CA ARG G 73 -7.74 39.66 -19.41
C ARG G 73 -7.41 38.37 -18.65
N LYS G 74 -8.28 37.36 -18.74
CA LYS G 74 -8.05 36.11 -18.02
C LYS G 74 -6.99 35.25 -18.68
N MET G 75 -6.92 35.24 -20.02
CA MET G 75 -5.96 34.41 -20.71
C MET G 75 -4.52 34.87 -20.51
N LYS G 76 -4.31 36.12 -20.13
CA LYS G 76 -2.96 36.62 -19.94
C LYS G 76 -2.29 35.95 -18.75
N ASP G 77 -1.00 35.63 -18.91
CA ASP G 77 -0.25 35.02 -17.81
C ASP G 77 -0.11 35.98 -16.64
N THR G 78 0.21 37.24 -16.92
CA THR G 78 0.42 38.25 -15.89
C THR G 78 -0.35 39.51 -16.25
N ASP G 79 -1.13 40.02 -15.30
CA ASP G 79 -1.86 41.28 -15.47
C ASP G 79 -1.26 42.28 -14.49
N SER G 80 -0.68 43.37 -15.01
CA SER G 80 -0.01 44.34 -14.16
C SER G 80 -0.97 45.01 -13.19
N GLU G 81 -2.23 45.21 -13.60
CA GLU G 81 -3.20 45.86 -12.73
C GLU G 81 -3.53 45.00 -11.52
N GLU G 82 -3.78 43.71 -11.73
CA GLU G 82 -4.26 42.86 -10.65
C GLU G 82 -3.15 42.53 -9.66
N GLU G 83 -1.96 42.18 -10.16
CA GLU G 83 -0.89 41.74 -9.27
C GLU G 83 -0.43 42.87 -8.35
N ILE G 84 -0.35 44.09 -8.87
CA ILE G 84 -0.01 45.22 -8.01
C ILE G 84 -1.11 45.43 -6.97
N ARG G 85 -2.38 45.29 -7.38
CA ARG G 85 -3.49 45.44 -6.44
C ARG G 85 -3.43 44.36 -5.36
N GLU G 86 -3.12 43.12 -5.75
CA GLU G 86 -3.10 42.02 -4.79
C GLU G 86 -1.98 42.18 -3.77
N ALA G 87 -0.89 42.86 -4.13
CA ALA G 87 0.20 43.08 -3.19
C ALA G 87 -0.21 44.05 -2.09
N PHE G 88 -1.09 45.00 -2.39
CA PHE G 88 -1.51 45.96 -1.37
C PHE G 88 -2.44 45.32 -0.35
N ARG G 89 -3.27 44.36 -0.79
CA ARG G 89 -4.20 43.71 0.12
C ARG G 89 -3.48 42.91 1.21
N VAL G 90 -2.21 42.55 0.99
CA VAL G 90 -1.44 41.85 2.00
C VAL G 90 -1.30 42.71 3.25
N PHE G 91 -0.97 43.99 3.06
CA PHE G 91 -0.81 44.93 4.16
C PHE G 91 -2.08 45.73 4.44
N ASP G 92 -3.17 45.46 3.74
CA ASP G 92 -4.44 46.15 3.92
C ASP G 92 -5.48 45.13 4.37
N LYS G 93 -5.74 45.08 5.68
CA LYS G 93 -6.68 44.13 6.24
C LYS G 93 -7.98 44.77 6.75
N ASP G 94 -7.99 46.08 7.00
CA ASP G 94 -9.19 46.73 7.50
C ASP G 94 -10.32 46.69 6.47
N GLY G 95 -9.97 46.68 5.18
CA GLY G 95 -10.93 46.54 4.12
C GLY G 95 -11.30 47.83 3.42
N ASN G 96 -11.00 48.98 4.04
CA ASN G 96 -11.31 50.26 3.41
C ASN G 96 -10.30 50.66 2.35
N GLY G 97 -9.18 49.95 2.26
CA GLY G 97 -8.19 50.26 1.24
C GLY G 97 -7.33 51.47 1.51
N TYR G 98 -7.08 51.79 2.78
CA TYR G 98 -6.26 52.93 3.16
C TYR G 98 -5.06 52.46 3.95
N ILE G 99 -3.87 52.96 3.60
CA ILE G 99 -2.62 52.63 4.27
C ILE G 99 -2.00 53.93 4.77
N SER G 100 -1.69 53.98 6.06
CA SER G 100 -1.05 55.15 6.62
C SER G 100 0.40 55.25 6.17
N ALA G 101 0.92 56.48 6.20
CA ALA G 101 2.30 56.71 5.80
C ALA G 101 3.29 56.13 6.81
N ALA G 102 2.86 55.88 8.03
CA ALA G 102 3.76 55.31 9.04
C ALA G 102 4.12 53.87 8.69
N GLU G 103 3.10 53.05 8.38
CA GLU G 103 3.37 51.66 8.03
C GLU G 103 4.03 51.53 6.67
N LEU G 104 3.70 52.43 5.73
CA LEU G 104 4.31 52.36 4.40
C LEU G 104 5.81 52.56 4.46
N ARG G 105 6.27 53.53 5.26
CA ARG G 105 7.70 53.71 5.45
C ARG G 105 8.32 52.54 6.20
N HIS G 106 7.56 51.91 7.10
CA HIS G 106 8.08 50.79 7.88
C HIS G 106 8.35 49.58 7.01
N VAL G 107 7.39 49.21 6.15
CA VAL G 107 7.51 47.97 5.38
C VAL G 107 8.60 48.08 4.32
N MET G 108 8.75 49.25 3.71
CA MET G 108 9.65 49.41 2.58
C MET G 108 11.10 49.59 2.99
N THR G 109 11.39 49.70 4.28
CA THR G 109 12.76 49.85 4.77
C THR G 109 13.23 48.68 5.62
N ASN G 110 12.38 47.68 5.86
CA ASN G 110 12.75 46.56 6.71
C ASN G 110 12.41 45.22 6.08
N LEU G 111 11.44 45.20 5.16
CA LEU G 111 10.97 43.98 4.55
C LEU G 111 11.44 43.91 3.10
N GLY G 112 11.91 42.73 2.69
CA GLY G 112 12.37 42.54 1.33
C GLY G 112 13.77 43.06 1.12
N GLU G 113 14.06 43.46 -0.13
CA GLU G 113 15.36 44.02 -0.46
C GLU G 113 15.57 45.40 0.15
N LYS G 114 14.49 46.07 0.54
CA LYS G 114 14.52 47.33 1.29
C LYS G 114 15.02 48.50 0.45
N LEU G 115 14.45 49.68 0.69
CA LEU G 115 14.83 50.90 0.02
C LEU G 115 15.46 51.87 1.00
N THR G 116 16.40 52.67 0.51
CA THR G 116 17.03 53.67 1.37
C THR G 116 16.05 54.80 1.69
N ASP G 117 16.37 55.55 2.74
CA ASP G 117 15.45 56.57 3.24
C ASP G 117 15.21 57.68 2.22
N GLU G 118 16.21 58.01 1.40
CA GLU G 118 16.04 59.08 0.42
C GLU G 118 14.99 58.71 -0.62
N GLU G 119 15.03 57.46 -1.11
CA GLU G 119 14.08 57.05 -2.14
C GLU G 119 12.65 57.01 -1.61
N VAL G 120 12.46 56.45 -0.41
CA VAL G 120 11.11 56.36 0.14
C VAL G 120 10.58 57.74 0.49
N ASP G 121 11.46 58.67 0.85
CA ASP G 121 11.03 60.04 1.12
C ASP G 121 10.41 60.67 -0.13
N GLU G 122 11.06 60.49 -1.28
CA GLU G 122 10.46 60.93 -2.54
C GLU G 122 9.22 60.12 -2.87
N MET G 123 9.25 58.81 -2.64
CA MET G 123 8.09 57.97 -2.92
C MET G 123 6.89 58.37 -2.08
N ILE G 124 7.11 58.61 -0.78
CA ILE G 124 6.02 59.05 0.10
C ILE G 124 5.52 60.41 -0.34
N ARG G 125 6.44 61.32 -0.71
CA ARG G 125 6.04 62.63 -1.20
C ARG G 125 5.19 62.52 -2.45
N GLU G 126 5.57 61.64 -3.37
CA GLU G 126 4.77 61.44 -4.58
C GLU G 126 3.47 60.69 -4.27
N ALA G 127 3.51 59.76 -3.32
CA ALA G 127 2.30 59.00 -2.99
C ALA G 127 1.30 59.84 -2.21
N ASP G 128 1.78 60.66 -1.28
CA ASP G 128 0.91 61.46 -0.42
C ASP G 128 0.55 62.78 -1.08
N ILE G 129 -0.16 62.68 -2.22
CA ILE G 129 -0.63 63.87 -2.91
C ILE G 129 -1.71 64.57 -2.08
N ASP G 130 -2.58 63.81 -1.43
CA ASP G 130 -3.65 64.40 -0.63
C ASP G 130 -3.10 65.14 0.58
N GLY G 131 -2.10 64.55 1.25
CA GLY G 131 -1.49 65.17 2.41
C GLY G 131 -2.18 64.91 3.72
N ASP G 132 -3.30 64.19 3.72
CA ASP G 132 -4.01 63.92 4.98
C ASP G 132 -3.29 62.89 5.84
N GLY G 133 -2.47 62.03 5.24
CA GLY G 133 -1.81 60.98 5.98
C GLY G 133 -2.31 59.60 5.60
N GLN G 134 -3.62 59.48 5.39
CA GLN G 134 -4.23 58.23 4.96
C GLN G 134 -3.96 58.07 3.46
N VAL G 135 -2.93 57.32 3.13
CA VAL G 135 -2.49 57.16 1.74
C VAL G 135 -3.30 56.01 1.14
N ASN G 136 -4.39 56.37 0.47
CA ASN G 136 -5.12 55.39 -0.34
C ASN G 136 -4.22 54.92 -1.47
N TYR G 137 -4.26 53.63 -1.77
CA TYR G 137 -3.39 53.05 -2.78
C TYR G 137 -4.00 53.03 -4.16
N GLU G 138 -4.91 53.99 -4.46
CA GLU G 138 -5.38 54.16 -5.82
C GLU G 138 -4.31 54.71 -6.74
N GLU G 139 -3.18 55.17 -6.19
CA GLU G 139 -2.09 55.70 -7.00
C GLU G 139 -1.50 54.67 -7.95
N PHE G 140 -1.74 53.37 -7.69
CA PHE G 140 -1.16 52.34 -8.53
C PHE G 140 -1.71 52.40 -9.95
N VAL G 141 -3.01 52.70 -10.11
CA VAL G 141 -3.56 52.87 -11.44
C VAL G 141 -3.01 54.12 -12.09
N GLN G 142 -2.66 55.13 -11.29
CA GLN G 142 -2.02 56.33 -11.81
C GLN G 142 -0.61 56.01 -12.33
N MET G 143 0.11 55.15 -11.61
CA MET G 143 1.49 54.83 -12.01
C MET G 143 1.52 54.12 -13.36
N MET G 144 0.62 53.15 -13.56
CA MET G 144 0.64 52.39 -14.80
C MET G 144 0.10 53.22 -15.97
N THR G 145 -0.92 54.04 -15.72
CA THR G 145 -1.51 54.84 -16.79
C THR G 145 -0.50 55.84 -17.34
N ALA G 146 0.25 56.49 -16.46
CA ALA G 146 1.26 57.45 -16.88
C ALA G 146 2.59 56.75 -17.19
N ASP H 1 -43.11 -26.08 -24.39
CA ASP H 1 -42.05 -26.37 -23.45
C ASP H 1 -42.56 -26.38 -22.02
N GLN H 2 -43.44 -25.43 -21.71
CA GLN H 2 -44.07 -25.30 -20.40
C GLN H 2 -43.06 -25.08 -19.29
N LEU H 3 -43.53 -25.04 -18.05
CA LEU H 3 -42.67 -24.85 -16.89
C LEU H 3 -42.76 -26.09 -16.02
N THR H 4 -41.61 -26.68 -15.70
CA THR H 4 -41.57 -27.85 -14.83
C THR H 4 -41.90 -27.46 -13.39
N GLU H 5 -42.24 -28.47 -12.59
CA GLU H 5 -42.57 -28.22 -11.19
C GLU H 5 -41.38 -27.66 -10.43
N GLU H 6 -40.17 -28.17 -10.71
CA GLU H 6 -38.98 -27.65 -10.07
C GLU H 6 -38.72 -26.20 -10.48
N GLN H 7 -39.02 -25.86 -11.74
CA GLN H 7 -38.80 -24.48 -12.20
C GLN H 7 -39.71 -23.51 -11.47
N ILE H 8 -40.96 -23.90 -11.21
CA ILE H 8 -41.87 -23.03 -10.46
C ILE H 8 -41.37 -22.83 -9.03
N ALA H 9 -40.75 -23.86 -8.45
CA ALA H 9 -40.20 -23.71 -7.11
C ALA H 9 -39.10 -22.67 -7.08
N GLU H 10 -38.25 -22.63 -8.10
CA GLU H 10 -37.20 -21.62 -8.16
C GLU H 10 -37.79 -20.22 -8.23
N PHE H 11 -38.84 -20.04 -9.04
CA PHE H 11 -39.46 -18.73 -9.16
C PHE H 11 -40.29 -18.39 -7.94
N LYS H 12 -40.87 -19.40 -7.28
CA LYS H 12 -41.60 -19.15 -6.04
C LYS H 12 -40.67 -18.69 -4.93
N GLU H 13 -39.49 -19.30 -4.83
CA GLU H 13 -38.51 -18.86 -3.84
C GLU H 13 -38.04 -17.44 -4.11
N ALA H 14 -37.85 -17.09 -5.39
CA ALA H 14 -37.50 -15.72 -5.73
C ALA H 14 -38.63 -14.76 -5.38
N PHE H 15 -39.88 -15.19 -5.56
CA PHE H 15 -41.02 -14.35 -5.24
C PHE H 15 -41.06 -14.02 -3.75
N SER H 16 -40.64 -14.95 -2.89
CA SER H 16 -40.67 -14.72 -1.45
C SER H 16 -39.69 -13.63 -1.02
N LEU H 17 -38.70 -13.30 -1.85
CA LEU H 17 -37.77 -12.24 -1.50
C LEU H 17 -38.49 -10.91 -1.36
N PHE H 18 -39.40 -10.60 -2.29
CA PHE H 18 -40.20 -9.39 -2.16
C PHE H 18 -41.39 -9.59 -1.23
N ASP H 19 -41.99 -10.79 -1.27
CA ASP H 19 -43.17 -11.10 -0.47
C ASP H 19 -42.73 -11.51 0.94
N LYS H 20 -42.28 -10.50 1.70
CA LYS H 20 -41.81 -10.75 3.06
C LYS H 20 -42.94 -11.17 3.99
N ASP H 21 -44.11 -10.54 3.84
CA ASP H 21 -45.24 -10.82 4.72
C ASP H 21 -45.89 -12.18 4.46
N GLY H 22 -45.56 -12.84 3.36
CA GLY H 22 -46.17 -14.12 3.06
C GLY H 22 -47.62 -14.04 2.65
N ASP H 23 -48.12 -12.85 2.32
CA ASP H 23 -49.51 -12.65 1.95
C ASP H 23 -49.79 -12.93 0.49
N GLY H 24 -48.77 -13.26 -0.30
CA GLY H 24 -48.99 -13.49 -1.72
C GLY H 24 -49.20 -12.23 -2.53
N THR H 25 -48.95 -11.06 -1.93
CA THR H 25 -49.18 -9.79 -2.59
C THR H 25 -47.94 -8.92 -2.40
N ILE H 26 -47.51 -8.27 -3.48
CA ILE H 26 -46.35 -7.37 -3.44
C ILE H 26 -46.87 -5.94 -3.45
N THR H 27 -46.61 -5.21 -2.36
CA THR H 27 -47.06 -3.83 -2.24
C THR H 27 -45.97 -2.87 -2.70
N THR H 28 -46.31 -1.58 -2.74
CA THR H 28 -45.35 -0.57 -3.16
C THR H 28 -44.19 -0.47 -2.16
N LYS H 29 -44.50 -0.54 -0.87
CA LYS H 29 -43.43 -0.45 0.13
C LYS H 29 -42.54 -1.68 0.13
N GLU H 30 -43.11 -2.87 -0.17
CA GLU H 30 -42.29 -4.07 -0.26
C GLU H 30 -41.28 -3.98 -1.39
N LEU H 31 -41.71 -3.48 -2.55
CA LEU H 31 -40.80 -3.30 -3.67
C LEU H 31 -39.79 -2.18 -3.39
N GLY H 32 -40.19 -1.15 -2.66
CA GLY H 32 -39.28 -0.06 -2.37
C GLY H 32 -38.15 -0.46 -1.46
N THR H 33 -38.43 -1.29 -0.45
CA THR H 33 -37.42 -1.65 0.53
C THR H 33 -36.26 -2.42 -0.10
N VAL H 34 -36.56 -3.36 -0.98
CA VAL H 34 -35.49 -4.15 -1.60
C VAL H 34 -34.64 -3.27 -2.50
N MET H 35 -35.25 -2.29 -3.16
CA MET H 35 -34.48 -1.38 -4.01
C MET H 35 -33.60 -0.45 -3.20
N ARG H 36 -34.03 -0.08 -1.99
CA ARG H 36 -33.22 0.77 -1.13
C ARG H 36 -31.95 0.06 -0.69
N SER H 37 -32.04 -1.24 -0.41
CA SER H 37 -30.87 -2.01 0.00
C SER H 37 -29.88 -2.20 -1.14
N LEU H 38 -30.31 -2.01 -2.38
CA LEU H 38 -29.43 -2.16 -3.53
C LEU H 38 -28.74 -0.86 -3.91
N GLY H 39 -29.02 0.23 -3.23
CA GLY H 39 -28.43 1.52 -3.53
C GLY H 39 -29.26 2.44 -4.40
N GLN H 40 -30.59 2.35 -4.33
CA GLN H 40 -31.47 3.20 -5.11
C GLN H 40 -32.53 3.80 -4.19
N ASN H 41 -32.95 5.02 -4.52
CA ASN H 41 -33.96 5.74 -3.74
C ASN H 41 -35.04 6.29 -4.66
N PRO H 42 -35.86 5.41 -5.25
CA PRO H 42 -36.92 5.88 -6.13
C PRO H 42 -38.04 6.54 -5.33
N THR H 43 -38.72 7.50 -5.97
CA THR H 43 -39.88 8.11 -5.36
C THR H 43 -41.12 7.25 -5.61
N GLU H 44 -42.20 7.58 -4.90
CA GLU H 44 -43.43 6.82 -5.05
C GLU H 44 -44.00 6.96 -6.47
N ALA H 45 -43.71 8.07 -7.14
CA ALA H 45 -44.15 8.22 -8.52
C ALA H 45 -43.48 7.20 -9.43
N GLU H 46 -42.17 6.99 -9.25
CA GLU H 46 -41.46 6.00 -10.05
C GLU H 46 -41.94 4.59 -9.72
N LEU H 47 -42.19 4.32 -8.43
CA LEU H 47 -42.66 3.00 -8.04
C LEU H 47 -44.01 2.68 -8.64
N GLN H 48 -44.92 3.66 -8.66
CA GLN H 48 -46.30 3.41 -9.07
C GLN H 48 -46.38 2.94 -10.52
N ASP H 49 -45.57 3.55 -11.40
CA ASP H 49 -45.61 3.15 -12.81
C ASP H 49 -45.01 1.77 -13.04
N MET H 50 -44.38 1.16 -12.04
CA MET H 50 -43.82 -0.17 -12.21
C MET H 50 -44.88 -1.26 -12.01
N ILE H 51 -45.69 -1.14 -10.96
CA ILE H 51 -46.71 -2.15 -10.71
C ILE H 51 -47.75 -2.17 -11.81
N ASN H 52 -48.30 -1.00 -12.15
CA ASN H 52 -49.36 -0.95 -13.16
C ASN H 52 -48.86 -1.30 -14.55
N GLU H 53 -47.55 -1.21 -14.79
CA GLU H 53 -46.98 -1.67 -16.05
C GLU H 53 -47.21 -3.17 -16.22
N VAL H 54 -47.06 -3.94 -15.14
CA VAL H 54 -47.28 -5.37 -15.18
C VAL H 54 -48.66 -5.76 -14.66
N ASP H 55 -49.25 -4.97 -13.76
CA ASP H 55 -50.56 -5.29 -13.23
C ASP H 55 -51.62 -5.30 -14.33
N ALA H 56 -52.45 -6.35 -14.32
CA ALA H 56 -53.54 -6.47 -15.28
C ALA H 56 -54.92 -6.33 -14.64
N ASP H 57 -55.07 -6.72 -13.38
CA ASP H 57 -56.35 -6.60 -12.68
C ASP H 57 -56.67 -5.16 -12.28
N GLY H 58 -55.69 -4.26 -12.32
CA GLY H 58 -55.92 -2.88 -11.95
C GLY H 58 -56.04 -2.61 -10.47
N ASN H 59 -55.69 -3.58 -9.63
CA ASN H 59 -55.77 -3.42 -8.18
C ASN H 59 -54.49 -2.88 -7.57
N GLY H 60 -53.47 -2.58 -8.37
CA GLY H 60 -52.21 -2.10 -7.84
C GLY H 60 -51.50 -3.10 -6.95
N THR H 61 -51.48 -4.37 -7.36
CA THR H 61 -50.88 -5.43 -6.56
C THR H 61 -50.38 -6.52 -7.48
N ILE H 62 -49.12 -6.92 -7.32
CA ILE H 62 -48.49 -7.93 -8.14
C ILE H 62 -48.60 -9.27 -7.45
N ASP H 63 -49.22 -10.24 -8.12
CA ASP H 63 -49.32 -11.60 -7.62
C ASP H 63 -48.33 -12.48 -8.36
N PHE H 64 -48.36 -13.78 -8.09
CA PHE H 64 -47.43 -14.71 -8.72
C PHE H 64 -47.59 -14.77 -10.24
N PRO H 65 -48.80 -14.93 -10.81
CA PRO H 65 -48.90 -14.95 -12.28
C PRO H 65 -48.38 -13.70 -12.95
N GLU H 66 -48.58 -12.54 -12.33
CA GLU H 66 -48.04 -11.30 -12.88
C GLU H 66 -46.53 -11.20 -12.69
N PHE H 67 -46.02 -11.80 -11.60
CA PHE H 67 -44.59 -11.75 -11.33
C PHE H 67 -43.79 -12.45 -12.43
N LEU H 68 -44.34 -13.54 -12.98
CA LEU H 68 -43.66 -14.24 -14.06
C LEU H 68 -43.54 -13.36 -15.30
N THR H 69 -44.59 -12.60 -15.62
CA THR H 69 -44.55 -11.74 -16.80
C THR H 69 -43.48 -10.66 -16.67
N MET H 70 -43.35 -10.09 -15.47
CA MET H 70 -42.34 -9.06 -15.25
C MET H 70 -40.94 -9.61 -15.44
N MET H 71 -40.69 -10.85 -14.99
CA MET H 71 -39.37 -11.44 -15.13
C MET H 71 -39.00 -11.66 -16.59
N ALA H 72 -39.98 -11.99 -17.43
CA ALA H 72 -39.69 -12.23 -18.84
C ALA H 72 -39.13 -10.99 -19.51
N ARG H 73 -39.72 -9.83 -19.23
CA ARG H 73 -39.24 -8.59 -19.84
C ARG H 73 -37.89 -8.18 -19.26
N LYS H 74 -37.67 -8.42 -17.97
CA LYS H 74 -36.44 -7.98 -17.32
C LYS H 74 -35.25 -8.84 -17.71
N MET H 75 -35.47 -10.11 -18.04
CA MET H 75 -34.36 -11.01 -18.35
C MET H 75 -33.86 -10.88 -19.79
N LYS H 76 -34.56 -10.14 -20.63
CA LYS H 76 -34.09 -9.92 -21.99
C LYS H 76 -32.86 -9.03 -22.00
N ASP H 77 -31.96 -9.28 -22.96
CA ASP H 77 -30.76 -8.45 -23.09
C ASP H 77 -31.12 -7.03 -23.48
N THR H 78 -31.93 -6.87 -24.52
CA THR H 78 -32.39 -5.56 -24.98
C THR H 78 -33.89 -5.62 -25.19
N ASP H 79 -34.59 -4.59 -24.72
CA ASP H 79 -36.02 -4.44 -24.93
C ASP H 79 -36.23 -3.23 -25.83
N SER H 80 -36.68 -3.48 -27.07
CA SER H 80 -36.81 -2.40 -28.05
C SER H 80 -37.80 -1.34 -27.59
N GLU H 81 -38.83 -1.73 -26.83
CA GLU H 81 -39.80 -0.76 -26.34
C GLU H 81 -39.16 0.21 -25.36
N GLU H 82 -38.37 -0.31 -24.43
CA GLU H 82 -37.81 0.54 -23.38
C GLU H 82 -36.67 1.40 -23.87
N GLU H 83 -35.81 0.86 -24.75
CA GLU H 83 -34.63 1.60 -25.18
C GLU H 83 -34.99 2.85 -25.98
N ILE H 84 -36.07 2.77 -26.76
CA ILE H 84 -36.53 3.96 -27.48
C ILE H 84 -37.03 5.01 -26.50
N ARG H 85 -37.65 4.58 -25.39
CA ARG H 85 -38.10 5.52 -24.36
C ARG H 85 -36.93 6.30 -23.79
N GLU H 86 -35.81 5.62 -23.52
CA GLU H 86 -34.67 6.29 -22.91
C GLU H 86 -34.05 7.31 -23.86
N ALA H 87 -34.05 7.03 -25.16
CA ALA H 87 -33.50 7.98 -26.12
C ALA H 87 -34.31 9.27 -26.14
N PHE H 88 -35.64 9.16 -26.08
CA PHE H 88 -36.49 10.34 -26.12
C PHE H 88 -36.35 11.17 -24.84
N ARG H 89 -36.23 10.51 -23.69
CA ARG H 89 -36.11 11.23 -22.43
C ARG H 89 -34.84 12.07 -22.36
N VAL H 90 -33.83 11.75 -23.18
CA VAL H 90 -32.61 12.57 -23.21
C VAL H 90 -32.95 13.98 -23.69
N PHE H 91 -33.74 14.08 -24.75
CA PHE H 91 -34.12 15.38 -25.31
C PHE H 91 -35.46 15.88 -24.78
N ASP H 92 -36.09 15.15 -23.87
CA ASP H 92 -37.40 15.54 -23.34
C ASP H 92 -37.22 16.50 -22.17
N LYS H 93 -37.87 17.65 -22.25
CA LYS H 93 -37.78 18.68 -21.23
C LYS H 93 -39.15 18.91 -20.60
N ASP H 94 -39.14 19.43 -19.38
CA ASP H 94 -40.30 19.73 -18.55
C ASP H 94 -41.08 18.48 -18.13
N GLY H 95 -40.59 17.29 -18.47
CA GLY H 95 -41.25 16.06 -18.05
C GLY H 95 -42.65 15.89 -18.60
N ASN H 96 -42.89 16.32 -19.84
CA ASN H 96 -44.20 16.20 -20.46
C ASN H 96 -44.20 15.28 -21.67
N GLY H 97 -43.18 15.36 -22.52
CA GLY H 97 -43.10 14.50 -23.68
C GLY H 97 -43.79 15.01 -24.92
N TYR H 98 -43.80 16.33 -25.14
CA TYR H 98 -44.45 16.94 -26.29
C TYR H 98 -43.49 17.88 -27.00
N ILE H 99 -42.27 17.40 -27.26
CA ILE H 99 -41.28 18.21 -27.95
C ILE H 99 -41.79 18.61 -29.32
N SER H 100 -41.47 19.84 -29.72
CA SER H 100 -41.92 20.37 -31.00
C SER H 100 -40.98 19.94 -32.12
N ALA H 101 -41.43 20.16 -33.36
CA ALA H 101 -40.63 19.81 -34.53
C ALA H 101 -39.43 20.71 -34.72
N ALA H 102 -39.34 21.83 -33.99
CA ALA H 102 -38.19 22.71 -34.11
C ALA H 102 -36.92 22.03 -33.59
N GLU H 103 -36.99 21.44 -32.40
CA GLU H 103 -35.84 20.73 -31.87
C GLU H 103 -35.64 19.38 -32.54
N LEU H 104 -36.74 18.72 -32.95
CA LEU H 104 -36.62 17.42 -33.60
C LEU H 104 -35.87 17.53 -34.92
N ARG H 105 -36.16 18.56 -35.70
CA ARG H 105 -35.42 18.77 -36.95
C ARG H 105 -33.97 19.13 -36.67
N HIS H 106 -33.70 19.86 -35.59
CA HIS H 106 -32.34 20.28 -35.28
C HIS H 106 -31.47 19.10 -34.88
N VAL H 107 -31.97 18.24 -34.00
CA VAL H 107 -31.13 17.17 -33.45
C VAL H 107 -30.80 16.14 -34.53
N MET H 108 -31.75 15.86 -35.42
CA MET H 108 -31.56 14.81 -36.42
C MET H 108 -30.73 15.26 -37.61
N THR H 109 -30.38 16.54 -37.70
CA THR H 109 -29.57 17.05 -38.80
C THR H 109 -28.23 17.61 -38.35
N ASN H 110 -27.93 17.59 -37.05
CA ASN H 110 -26.69 18.17 -36.54
C ASN H 110 -25.96 17.21 -35.60
N LEU H 111 -26.70 16.30 -34.98
CA LEU H 111 -26.16 15.40 -33.98
C LEU H 111 -26.10 13.98 -34.52
N GLY H 112 -25.03 13.26 -34.17
CA GLY H 112 -24.88 11.89 -34.61
C GLY H 112 -24.47 11.81 -36.08
N GLU H 113 -24.88 10.71 -36.72
CA GLU H 113 -24.58 10.52 -38.13
C GLU H 113 -25.40 11.46 -39.03
N LYS H 114 -26.46 12.06 -38.49
CA LYS H 114 -27.27 13.07 -39.17
C LYS H 114 -28.06 12.50 -40.33
N LEU H 115 -29.20 13.12 -40.65
CA LEU H 115 -30.08 12.69 -41.71
C LEU H 115 -30.24 13.78 -42.75
N THR H 116 -30.50 13.37 -43.99
CA THR H 116 -30.75 14.32 -45.06
C THR H 116 -32.05 15.07 -44.80
N ASP H 117 -32.08 16.34 -45.20
CA ASP H 117 -33.25 17.18 -44.97
C ASP H 117 -34.51 16.60 -45.60
N GLU H 118 -34.37 15.92 -46.74
CA GLU H 118 -35.52 15.25 -47.35
C GLU H 118 -36.01 14.11 -46.48
N GLU H 119 -35.09 13.38 -45.84
CA GLU H 119 -35.48 12.26 -44.99
C GLU H 119 -36.29 12.74 -43.80
N VAL H 120 -35.81 13.78 -43.10
CA VAL H 120 -36.51 14.28 -41.93
C VAL H 120 -37.82 14.94 -42.32
N ASP H 121 -37.88 15.52 -43.53
CA ASP H 121 -39.12 16.13 -43.98
C ASP H 121 -40.24 15.10 -44.07
N GLU H 122 -39.94 13.92 -44.63
CA GLU H 122 -40.90 12.83 -44.61
C GLU H 122 -41.10 12.32 -43.19
N MET H 123 -40.04 12.27 -42.39
CA MET H 123 -40.16 11.80 -41.02
C MET H 123 -41.07 12.69 -40.20
N ILE H 124 -40.90 14.01 -40.30
CA ILE H 124 -41.76 14.93 -39.58
C ILE H 124 -43.19 14.84 -40.09
N ARG H 125 -43.36 14.73 -41.41
CA ARG H 125 -44.70 14.62 -41.98
C ARG H 125 -45.43 13.40 -41.45
N GLU H 126 -44.74 12.26 -41.36
CA GLU H 126 -45.34 11.07 -40.76
C GLU H 126 -45.50 11.24 -39.26
N ALA H 127 -44.52 11.89 -38.61
CA ALA H 127 -44.58 12.06 -37.16
C ALA H 127 -45.70 13.01 -36.75
N ASP H 128 -45.89 14.09 -37.49
CA ASP H 128 -46.86 15.12 -37.14
C ASP H 128 -48.26 14.63 -37.53
N ILE H 129 -48.78 13.70 -36.74
CA ILE H 129 -50.13 13.20 -36.95
C ILE H 129 -51.16 14.11 -36.26
N ASP H 130 -50.84 14.58 -35.06
CA ASP H 130 -51.74 15.51 -34.38
C ASP H 130 -51.84 16.84 -35.11
N GLY H 131 -50.71 17.34 -35.61
CA GLY H 131 -50.70 18.53 -36.44
C GLY H 131 -50.59 19.85 -35.71
N ASP H 132 -50.65 19.84 -34.37
CA ASP H 132 -50.55 21.09 -33.64
C ASP H 132 -49.11 21.61 -33.61
N GLY H 133 -48.13 20.71 -33.62
CA GLY H 133 -46.72 21.06 -33.52
C GLY H 133 -46.02 20.39 -32.35
N GLN H 134 -46.74 20.22 -31.24
CA GLN H 134 -46.19 19.55 -30.06
C GLN H 134 -46.21 18.05 -30.33
N VAL H 135 -45.10 17.54 -30.87
CA VAL H 135 -45.03 16.14 -31.28
C VAL H 135 -44.84 15.28 -30.03
N ASN H 136 -45.88 14.57 -29.63
CA ASN H 136 -45.75 13.58 -28.57
C ASN H 136 -44.94 12.39 -29.07
N TYR H 137 -43.92 11.99 -28.31
CA TYR H 137 -43.07 10.90 -28.76
C TYR H 137 -43.66 9.52 -28.46
N GLU H 138 -44.95 9.45 -28.14
CA GLU H 138 -45.61 8.16 -27.96
C GLU H 138 -45.81 7.42 -29.27
N GLU H 139 -45.49 8.04 -30.41
CA GLU H 139 -45.64 7.39 -31.71
C GLU H 139 -44.76 6.15 -31.84
N PHE H 140 -43.75 6.00 -30.98
CA PHE H 140 -42.88 4.84 -31.08
C PHE H 140 -43.63 3.53 -30.79
N VAL H 141 -44.72 3.60 -30.04
CA VAL H 141 -45.47 2.37 -29.75
C VAL H 141 -46.11 1.82 -31.02
N GLN H 142 -46.58 2.70 -31.91
CA GLN H 142 -47.11 2.27 -33.20
C GLN H 142 -46.04 2.14 -34.26
N MET H 143 -44.85 2.69 -34.05
CA MET H 143 -43.77 2.53 -35.01
C MET H 143 -43.27 1.09 -35.04
N MET H 144 -43.02 0.51 -33.86
CA MET H 144 -42.57 -0.88 -33.80
C MET H 144 -43.71 -1.86 -33.99
N THR H 145 -44.94 -1.47 -33.66
CA THR H 145 -46.08 -2.36 -33.84
C THR H 145 -46.30 -2.69 -35.30
N ALA H 146 -46.19 -1.69 -36.17
CA ALA H 146 -46.32 -1.91 -37.61
C ALA H 146 -44.95 -2.10 -38.25
K K I . 17.71 -11.45 -8.56
K K J . 15.20 -9.82 -7.35
K K K . 11.80 -7.63 -5.71
N1 Y7Z L . 31.77 -25.44 -18.18
C2 Y7Z L . 34.84 -26.54 -14.56
N3 Y7Z L . 36.07 -19.60 -16.24
C4 Y7Z L . 34.49 -28.14 -16.32
C5 Y7Z L . 33.61 -27.29 -16.94
C6 Y7Z L . 33.31 -26.03 -16.38
N2 Y7Z L . 34.76 -19.50 -20.19
N4 Y7Z L . 33.66 -24.42 -14.60
C7 Y7Z L . 32.40 -25.12 -17.00
C8 Y7Z L . 32.32 -25.52 -19.53
C1 Y7Z L . 33.94 -25.66 -15.18
C10 Y7Z L . 32.50 -23.00 -19.50
C11 Y7Z L . 33.10 -21.82 -19.90
C12 Y7Z L . 34.18 -21.83 -20.77
C13 Y7Z L . 34.83 -20.53 -21.20
C14 Y7Z L . 35.20 -19.53 -18.90
C15 Y7Z L . 34.31 -19.62 -17.82
C16 Y7Z L . 34.75 -19.65 -16.57
C17 Y7Z L . 37.02 -19.51 -17.26
C18 Y7Z L . 36.60 -19.47 -18.60
C19 Y7Z L . 37.58 -19.37 -19.61
C20 Y7Z L . 38.91 -19.32 -19.29
C21 Y7Z L . 39.31 -19.35 -17.96
C22 Y7Z L . 38.39 -19.45 -16.95
C23 Y7Z L . 34.64 -23.05 -21.24
C24 Y7Z L . 34.04 -24.24 -20.84
C25 Y7Z L . 32.17 -23.89 -16.37
C26 Y7Z L . 32.79 -23.58 -15.23
C27 Y7Z L . 34.30 -23.96 -13.34
C28 Y7Z L . 35.55 -23.13 -13.57
C29 Y7Z L . 36.80 -23.66 -13.32
C3 Y7Z L . 35.10 -27.76 -15.13
C30 Y7Z L . 37.94 -22.90 -13.53
C31 Y7Z L . 37.83 -21.61 -14.01
C32 Y7Z L . 36.59 -21.05 -14.27
C33 Y7Z L . 36.45 -19.65 -14.79
C34 Y7Z L . 35.46 -21.83 -14.06
C9 Y7Z L . 32.97 -24.22 -19.96
K K M . 21.63 -13.97 -10.47
CA CA N . -21.63 -0.62 42.77
CA CA O . -28.53 -10.32 45.33
CA CA P . -3.64 41.55 23.61
CA CA Q . 0.38 41.55 35.04
CA CA R . -29.28 33.33 -18.18
CA CA S . -23.77 44.63 -19.31
CA CA T . -46.96 -8.47 1.01
CA CA U . -52.77 -7.05 -10.04
#